data_1UM9
#
_entry.id   1UM9
#
_cell.length_a   127.284
_cell.length_b   245.690
_cell.length_c   137.275
_cell.angle_alpha   90.00
_cell.angle_beta   90.00
_cell.angle_gamma   90.00
#
_symmetry.space_group_name_H-M   'C 2 2 21'
#
loop_
_entity.id
_entity.type
_entity.pdbx_description
1 polymer '2-oxo acid dehydrogenase alpha subunit'
2 polymer '2-oxo acid dehydrogenase beta subunit'
3 non-polymer 'SULFATE ION'
4 water water
#
loop_
_entity_poly.entity_id
_entity_poly.type
_entity_poly.pdbx_seq_one_letter_code
_entity_poly.pdbx_strand_id
1 'polypeptide(L)'
;MVKETHRFETFTEEPIRLIGEEGEWLGDFPLDLEGEKLRRLYRDMLAARMLDERYTILIRTGKTSFIAPAAGHEAAQVAI
AHAIRPGFDWVFPYYRDHGLALALGIPLKELLGQMLATKADPNKGRQMPEHPGSKALNFFTVASPIASHVPPAAGAAISM
KLLRTGQVAVCTFGDGATSEGDWYAGINFAAVQGAPAVFIAENNFYAISVDYRHQTHSPTIADKAHAFGIPGYLVDGMDV
LASYYVVKEAVERARRGEGPSLVELRVYRYGPHSSADDDSRYRPKEEVAFWRKKDPIPRFRRFLEARGLWNEEWEEDVRE
EIRAELERGLKEAEEAGPVPPEWMFEDVFAEKPWHLLRQEALLKEEL
;
A,C
2 'polypeptide(L)'
;MALMTMVQALNRALDEEMAKDPRVVVLGEDVGKRGGVFLVTEGLLQKYGPDRVMDTPLSEAAIVGAALGMAAHGLRPVAE
IQFADYIFPGFDQLVSQVAKLRYRSGGQFTAPLVVRMPSGGGVRGGHHHSQSPEAHFVHTAGLKVVAVSTPYDAKGLLKA
AIRDEDPVVFLEPKRLYRSVKEEVPEEDYTLPIGKAALRREGKDLTLICYGTVMPEVLQAAAELAKAGVSAEVLDLRTLM
PWDYEAVMNSVAKTGRVVLVSDAPRHASFVSEVAATIAEDLLDMLLAPPIRVTGFDTPYPYAQDKLYLPTVTRILNAAKR
ALDY
;
B,D
#
loop_
_chem_comp.id
_chem_comp.type
_chem_comp.name
_chem_comp.formula
SO4 non-polymer 'SULFATE ION' 'O4 S -2'
#
# COMPACT_ATOMS: atom_id res chain seq x y z
N HIS A 6 24.53 28.07 -20.26
CA HIS A 6 23.44 27.58 -21.16
C HIS A 6 22.38 26.78 -20.40
N ARG A 7 21.14 26.95 -20.84
CA ARG A 7 20.01 26.27 -20.24
C ARG A 7 18.96 25.99 -21.32
N PHE A 8 18.51 24.75 -21.41
CA PHE A 8 17.50 24.41 -22.39
C PHE A 8 16.15 24.99 -21.95
N GLU A 9 15.23 25.12 -22.89
CA GLU A 9 13.90 25.64 -22.61
C GLU A 9 13.07 24.57 -21.92
N THR A 10 12.41 24.94 -20.83
CA THR A 10 11.57 24.01 -20.10
C THR A 10 10.15 24.00 -20.66
N PHE A 11 9.45 22.89 -20.48
CA PHE A 11 8.07 22.75 -20.92
C PHE A 11 7.79 23.19 -22.36
N THR A 12 8.66 22.82 -23.29
CA THR A 12 8.45 23.19 -24.69
C THR A 12 7.29 22.39 -25.29
N GLU A 13 6.59 22.99 -26.25
CA GLU A 13 5.47 22.32 -26.89
C GLU A 13 6.01 21.24 -27.83
N GLU A 14 7.14 21.53 -28.46
CA GLU A 14 7.77 20.57 -29.35
C GLU A 14 9.00 20.00 -28.66
N PRO A 15 9.27 18.70 -28.87
CA PRO A 15 10.44 18.09 -28.24
C PRO A 15 11.77 18.66 -28.72
N ILE A 16 12.66 18.92 -27.76
CA ILE A 16 13.98 19.48 -28.05
C ILE A 16 14.79 18.56 -28.96
N ARG A 17 15.35 19.15 -30.02
CA ARG A 17 16.17 18.40 -30.97
C ARG A 17 17.50 19.11 -31.19
N LEU A 18 18.55 18.34 -31.46
CA LEU A 18 19.86 18.91 -31.72
C LEU A 18 20.41 18.37 -33.03
N ILE A 19 19.88 17.23 -33.47
CA ILE A 19 20.32 16.60 -34.72
C ILE A 19 19.27 16.75 -35.82
N GLY A 20 19.68 17.30 -36.96
CA GLY A 20 18.74 17.44 -38.06
C GLY A 20 18.60 16.09 -38.74
N GLU A 21 17.62 15.95 -39.62
CA GLU A 21 17.42 14.68 -40.32
C GLU A 21 18.54 14.44 -41.33
N GLU A 22 19.40 15.44 -41.51
CA GLU A 22 20.50 15.34 -42.46
C GLU A 22 21.88 15.51 -41.82
N GLY A 23 21.96 15.34 -40.50
CA GLY A 23 23.23 15.46 -39.82
C GLY A 23 23.62 16.86 -39.40
N GLU A 24 22.71 17.82 -39.54
CA GLU A 24 23.02 19.19 -39.15
C GLU A 24 22.87 19.40 -37.64
N TRP A 25 23.64 20.34 -37.10
CA TRP A 25 23.59 20.67 -35.68
C TRP A 25 22.64 21.86 -35.47
N LEU A 26 21.59 21.63 -34.68
CA LEU A 26 20.58 22.65 -34.43
C LEU A 26 20.76 23.38 -33.11
N GLY A 27 21.73 22.97 -32.31
CA GLY A 27 21.94 23.60 -31.02
C GLY A 27 22.18 25.09 -31.03
N ASP A 28 21.84 25.74 -29.91
CA ASP A 28 22.03 27.17 -29.77
C ASP A 28 23.24 27.35 -28.84
N PHE A 29 24.15 26.40 -28.95
CA PHE A 29 25.40 26.39 -28.21
C PHE A 29 26.29 25.49 -29.06
N PRO A 30 27.62 25.66 -28.97
CA PRO A 30 28.54 24.84 -29.76
C PRO A 30 28.71 23.39 -29.28
N LEU A 31 28.73 22.47 -30.23
CA LEU A 31 28.93 21.06 -29.92
C LEU A 31 30.29 20.98 -29.26
N ASP A 32 30.39 20.29 -28.13
CA ASP A 32 31.66 20.19 -27.44
C ASP A 32 32.12 18.76 -27.20
N LEU A 33 31.50 17.81 -27.91
CA LEU A 33 31.89 16.42 -27.77
C LEU A 33 32.92 16.12 -28.85
N GLU A 34 34.11 15.70 -28.44
CA GLU A 34 35.20 15.38 -29.36
C GLU A 34 34.77 14.23 -30.28
N GLY A 35 35.43 14.11 -31.42
CA GLY A 35 35.09 13.05 -32.35
C GLY A 35 35.07 11.66 -31.73
N GLU A 36 36.05 11.38 -30.87
CA GLU A 36 36.12 10.07 -30.22
C GLU A 36 34.88 9.78 -29.39
N LYS A 37 34.47 10.73 -28.55
CA LYS A 37 33.29 10.51 -27.73
C LYS A 37 32.04 10.36 -28.59
N LEU A 38 31.94 11.12 -29.68
CA LEU A 38 30.78 10.99 -30.55
C LEU A 38 30.71 9.57 -31.10
N ARG A 39 31.82 9.09 -31.65
CA ARG A 39 31.89 7.75 -32.21
C ARG A 39 31.58 6.70 -31.14
N ARG A 40 31.94 7.01 -29.89
CA ARG A 40 31.71 6.13 -28.77
C ARG A 40 30.21 5.98 -28.55
N LEU A 41 29.48 7.10 -28.63
CA LEU A 41 28.03 7.08 -28.46
C LEU A 41 27.41 6.16 -29.51
N TYR A 42 27.82 6.35 -30.75
CA TYR A 42 27.31 5.54 -31.86
C TYR A 42 27.64 4.06 -31.61
N ARG A 43 28.86 3.81 -31.20
CA ARG A 43 29.33 2.45 -30.94
C ARG A 43 28.41 1.76 -29.92
N ASP A 44 28.15 2.43 -28.80
CA ASP A 44 27.27 1.87 -27.78
C ASP A 44 25.84 1.66 -28.27
N MET A 45 25.34 2.58 -29.09
CA MET A 45 23.98 2.43 -29.61
C MET A 45 23.87 1.16 -30.45
N LEU A 46 24.91 0.88 -31.23
CA LEU A 46 24.92 -0.33 -32.06
C LEU A 46 24.94 -1.55 -31.16
N ALA A 47 25.79 -1.50 -30.14
CA ALA A 47 25.92 -2.60 -29.19
C ALA A 47 24.57 -2.87 -28.52
N ALA A 48 23.88 -1.81 -28.10
CA ALA A 48 22.59 -1.96 -27.45
C ALA A 48 21.59 -2.57 -28.43
N ARG A 49 21.60 -2.09 -29.67
CA ARG A 49 20.69 -2.61 -30.68
C ARG A 49 20.94 -4.10 -30.92
N MET A 50 22.22 -4.45 -31.09
CA MET A 50 22.58 -5.83 -31.34
C MET A 50 22.29 -6.72 -30.14
N LEU A 51 22.43 -6.17 -28.93
CA LEU A 51 22.14 -6.93 -27.73
C LEU A 51 20.65 -7.28 -27.72
N ASP A 52 19.84 -6.29 -28.10
CA ASP A 52 18.39 -6.45 -28.15
C ASP A 52 17.99 -7.52 -29.16
N GLU A 53 18.63 -7.51 -30.32
CA GLU A 53 18.31 -8.50 -31.34
C GLU A 53 18.76 -9.87 -30.88
N ARG A 54 19.81 -9.90 -30.08
CA ARG A 54 20.33 -11.15 -29.54
C ARG A 54 19.26 -11.74 -28.60
N TYR A 55 18.61 -10.87 -27.83
CA TYR A 55 17.56 -11.29 -26.90
C TYR A 55 16.41 -11.96 -27.63
N THR A 56 16.07 -11.42 -28.81
CA THR A 56 14.99 -11.96 -29.61
C THR A 56 15.28 -13.43 -29.93
N ILE A 57 16.54 -13.72 -30.23
CA ILE A 57 16.95 -15.09 -30.54
C ILE A 57 16.90 -15.95 -29.29
N LEU A 58 17.43 -15.43 -28.19
CA LEU A 58 17.44 -16.17 -26.93
C LEU A 58 16.04 -16.59 -26.51
N ILE A 59 15.07 -15.71 -26.69
CA ILE A 59 13.70 -16.01 -26.31
C ILE A 59 13.13 -17.00 -27.33
N ARG A 60 13.41 -16.76 -28.60
CA ARG A 60 12.91 -17.63 -29.67
C ARG A 60 13.42 -19.06 -29.52
N THR A 61 14.68 -19.21 -29.11
CA THR A 61 15.25 -20.54 -28.96
C THR A 61 15.13 -21.08 -27.55
N GLY A 62 14.19 -20.54 -26.78
CA GLY A 62 13.97 -21.00 -25.42
C GLY A 62 15.05 -20.74 -24.39
N LYS A 63 16.16 -20.12 -24.77
CA LYS A 63 17.25 -19.84 -23.82
C LYS A 63 16.78 -18.98 -22.64
N THR A 64 15.82 -18.09 -22.88
CA THR A 64 15.30 -17.24 -21.82
C THR A 64 13.77 -17.22 -21.93
N SER A 65 13.12 -17.02 -20.80
CA SER A 65 11.66 -17.02 -20.74
C SER A 65 10.96 -15.68 -20.93
N PHE A 66 11.70 -14.58 -20.93
CA PHE A 66 11.07 -13.28 -21.07
C PHE A 66 12.04 -12.20 -21.52
N ILE A 67 11.58 -11.34 -22.42
CA ILE A 67 12.41 -10.23 -22.87
C ILE A 67 11.52 -8.99 -22.97
N ALA A 68 12.13 -7.83 -22.82
CA ALA A 68 11.42 -6.56 -22.91
C ALA A 68 12.15 -5.77 -24.00
N PRO A 69 11.72 -5.93 -25.25
CA PRO A 69 12.32 -5.25 -26.42
C PRO A 69 12.60 -3.77 -26.18
N ALA A 70 13.84 -3.36 -26.41
CA ALA A 70 14.22 -1.97 -26.21
C ALA A 70 14.70 -1.31 -27.50
N ALA A 71 14.53 -1.98 -28.63
CA ALA A 71 14.94 -1.41 -29.90
C ALA A 71 14.16 -0.11 -30.06
N GLY A 72 14.88 0.99 -30.23
CA GLY A 72 14.23 2.28 -30.36
C GLY A 72 14.57 3.16 -29.17
N HIS A 73 15.07 2.54 -28.10
CA HIS A 73 15.45 3.27 -26.88
C HIS A 73 16.94 3.56 -26.83
N GLU A 74 17.68 3.11 -27.84
CA GLU A 74 19.12 3.28 -27.87
C GLU A 74 19.64 4.70 -27.62
N ALA A 75 19.08 5.68 -28.33
CA ALA A 75 19.52 7.06 -28.16
C ALA A 75 19.32 7.49 -26.71
N ALA A 76 18.12 7.27 -26.21
CA ALA A 76 17.78 7.65 -24.85
C ALA A 76 18.67 6.92 -23.83
N GLN A 77 18.69 5.60 -23.89
CA GLN A 77 19.47 4.80 -22.97
C GLN A 77 20.99 5.04 -23.01
N VAL A 78 21.57 5.13 -24.21
CA VAL A 78 23.00 5.38 -24.30
C VAL A 78 23.34 6.80 -23.82
N ALA A 79 22.44 7.75 -24.09
CA ALA A 79 22.65 9.14 -23.67
C ALA A 79 22.76 9.22 -22.15
N ILE A 80 21.83 8.57 -21.45
CA ILE A 80 21.82 8.58 -20.00
C ILE A 80 23.11 8.00 -19.43
N ALA A 81 23.55 6.90 -20.00
CA ALA A 81 24.78 6.23 -19.56
C ALA A 81 26.00 7.14 -19.65
N HIS A 82 26.02 8.01 -20.65
CA HIS A 82 27.15 8.91 -20.84
C HIS A 82 27.00 10.25 -20.15
N ALA A 83 25.79 10.60 -19.75
CA ALA A 83 25.55 11.87 -19.07
C ALA A 83 25.95 11.80 -17.59
N ILE A 84 26.15 10.59 -17.08
CA ILE A 84 26.54 10.39 -15.69
C ILE A 84 27.92 9.75 -15.63
N ARG A 85 28.46 9.58 -14.43
CA ARG A 85 29.75 8.93 -14.25
C ARG A 85 29.51 7.50 -13.78
N PRO A 86 29.54 6.53 -14.71
CA PRO A 86 29.32 5.13 -14.33
C PRO A 86 30.28 4.68 -13.24
N GLY A 87 29.72 4.09 -12.18
CA GLY A 87 30.54 3.64 -11.08
C GLY A 87 30.55 4.66 -9.95
N PHE A 88 30.18 5.90 -10.27
CA PHE A 88 30.14 6.96 -9.27
C PHE A 88 28.68 7.33 -9.00
N ASP A 89 27.97 7.74 -10.05
CA ASP A 89 26.57 8.08 -9.90
C ASP A 89 25.75 6.79 -9.81
N TRP A 90 24.52 6.91 -9.33
CA TRP A 90 23.63 5.76 -9.21
C TRP A 90 22.54 5.79 -10.26
N VAL A 91 22.08 4.60 -10.63
CA VAL A 91 21.03 4.43 -11.62
C VAL A 91 19.93 3.55 -11.02
N PHE A 92 18.69 3.99 -11.15
CA PHE A 92 17.53 3.25 -10.68
C PHE A 92 16.73 3.00 -11.93
N PRO A 93 17.07 1.92 -12.65
CA PRO A 93 16.42 1.54 -13.91
C PRO A 93 15.14 0.73 -13.75
N TYR A 94 14.50 0.47 -14.90
CA TYR A 94 13.33 -0.37 -14.91
C TYR A 94 13.66 -1.50 -15.89
N TYR A 95 12.80 -2.51 -15.98
CA TYR A 95 13.05 -3.69 -16.80
C TYR A 95 13.43 -3.51 -18.26
N ARG A 96 13.16 -2.36 -18.85
CA ARG A 96 13.49 -2.18 -20.26
C ARG A 96 14.86 -1.57 -20.52
N ASP A 97 15.63 -1.33 -19.45
CA ASP A 97 16.94 -0.71 -19.60
C ASP A 97 18.20 -1.56 -19.84
N HIS A 98 18.09 -2.72 -20.48
CA HIS A 98 19.31 -3.50 -20.69
C HIS A 98 20.33 -2.79 -21.58
N GLY A 99 19.85 -1.90 -22.45
CA GLY A 99 20.76 -1.15 -23.31
C GLY A 99 21.54 -0.15 -22.48
N LEU A 100 20.86 0.46 -21.53
CA LEU A 100 21.49 1.42 -20.63
C LEU A 100 22.52 0.69 -19.78
N ALA A 101 22.15 -0.51 -19.31
CA ALA A 101 23.05 -1.32 -18.49
C ALA A 101 24.33 -1.64 -19.26
N LEU A 102 24.18 -1.98 -20.53
CA LEU A 102 25.34 -2.32 -21.37
C LEU A 102 26.25 -1.10 -21.53
N ALA A 103 25.66 0.03 -21.92
CA ALA A 103 26.42 1.26 -22.13
C ALA A 103 27.07 1.72 -20.84
N LEU A 104 26.50 1.33 -19.72
CA LEU A 104 27.04 1.71 -18.41
C LEU A 104 28.32 0.94 -18.08
N GLY A 105 28.49 -0.21 -18.71
CA GLY A 105 29.69 -1.00 -18.45
C GLY A 105 29.46 -2.36 -17.81
N ILE A 106 28.20 -2.67 -17.49
CA ILE A 106 27.91 -3.97 -16.89
C ILE A 106 28.29 -5.07 -17.88
N PRO A 107 29.12 -6.03 -17.43
CA PRO A 107 29.57 -7.15 -18.28
C PRO A 107 28.42 -7.92 -18.91
N LEU A 108 28.54 -8.23 -20.20
CA LEU A 108 27.51 -8.99 -20.90
C LEU A 108 27.27 -10.31 -20.19
N LYS A 109 28.31 -10.82 -19.55
CA LYS A 109 28.24 -12.07 -18.82
C LYS A 109 27.20 -11.98 -17.70
N GLU A 110 27.14 -10.83 -17.04
CA GLU A 110 26.21 -10.61 -15.95
C GLU A 110 24.79 -10.34 -16.43
N LEU A 111 24.67 -9.59 -17.52
CA LEU A 111 23.36 -9.28 -18.09
C LEU A 111 22.73 -10.56 -18.64
N LEU A 112 23.55 -11.38 -19.30
CA LEU A 112 23.07 -12.61 -19.89
C LEU A 112 22.92 -13.68 -18.81
N GLY A 113 23.80 -13.65 -17.81
CA GLY A 113 23.70 -14.62 -16.73
C GLY A 113 22.36 -14.44 -16.04
N GLN A 114 21.91 -13.19 -15.95
CA GLN A 114 20.64 -12.89 -15.31
C GLN A 114 19.48 -13.33 -16.21
N MET A 115 19.63 -13.13 -17.52
CA MET A 115 18.58 -13.52 -18.47
C MET A 115 18.37 -15.03 -18.49
N LEU A 116 19.44 -15.77 -18.25
CA LEU A 116 19.40 -17.23 -18.25
C LEU A 116 19.38 -17.82 -16.85
N ALA A 117 19.49 -16.95 -15.84
CA ALA A 117 19.48 -17.37 -14.46
C ALA A 117 20.59 -18.39 -14.17
N THR A 118 21.81 -18.09 -14.57
CA THR A 118 22.94 -18.99 -14.29
C THR A 118 23.74 -18.37 -13.16
N LYS A 119 24.76 -19.07 -12.70
CA LYS A 119 25.58 -18.57 -11.61
C LYS A 119 26.32 -17.31 -12.03
N ALA A 120 26.29 -16.98 -13.31
CA ALA A 120 26.97 -15.79 -13.81
C ALA A 120 26.20 -14.54 -13.40
N ASP A 121 24.94 -14.73 -13.00
CA ASP A 121 24.11 -13.61 -12.56
C ASP A 121 24.44 -13.21 -11.13
N PRO A 122 24.96 -11.99 -10.93
CA PRO A 122 25.29 -11.54 -9.57
C PRO A 122 24.04 -11.42 -8.71
N ASN A 123 22.87 -11.49 -9.35
CA ASN A 123 21.60 -11.43 -8.66
C ASN A 123 21.14 -12.86 -8.36
N LYS A 124 21.99 -13.82 -8.71
CA LYS A 124 21.74 -15.23 -8.45
C LYS A 124 20.46 -15.85 -8.98
N GLY A 125 20.00 -15.38 -10.13
CA GLY A 125 18.79 -15.91 -10.73
C GLY A 125 17.58 -15.86 -9.82
N ARG A 126 17.57 -14.87 -8.92
CA ARG A 126 16.48 -14.71 -7.98
C ARG A 126 15.20 -14.21 -8.64
N GLN A 127 15.32 -13.43 -9.72
CA GLN A 127 14.14 -12.92 -10.40
C GLN A 127 14.06 -13.33 -11.84
N MET A 128 12.91 -13.06 -12.46
CA MET A 128 12.70 -13.40 -13.84
C MET A 128 13.63 -12.53 -14.71
N PRO A 129 13.77 -12.87 -16.00
CA PRO A 129 14.63 -12.12 -16.92
C PRO A 129 14.30 -10.62 -16.96
N GLU A 130 15.29 -9.83 -17.38
CA GLU A 130 15.16 -8.38 -17.49
C GLU A 130 15.13 -7.70 -16.12
N HIS A 131 15.88 -8.27 -15.17
CA HIS A 131 15.99 -7.70 -13.84
C HIS A 131 17.45 -7.66 -13.43
N PRO A 132 18.30 -7.05 -14.28
CA PRO A 132 19.73 -6.96 -13.98
C PRO A 132 19.95 -6.04 -12.80
N GLY A 133 21.16 -6.08 -12.25
CA GLY A 133 21.48 -5.25 -11.11
C GLY A 133 22.95 -5.41 -10.85
N SER A 134 23.64 -4.32 -10.51
CA SER A 134 25.06 -4.38 -10.26
C SER A 134 25.51 -3.44 -9.17
N LYS A 135 26.18 -4.00 -8.16
CA LYS A 135 26.72 -3.23 -7.06
C LYS A 135 27.88 -2.39 -7.60
N ALA A 136 28.70 -3.02 -8.42
CA ALA A 136 29.88 -2.39 -9.00
C ALA A 136 29.59 -1.11 -9.74
N LEU A 137 28.47 -1.09 -10.47
CA LEU A 137 28.11 0.10 -11.24
C LEU A 137 26.88 0.86 -10.71
N ASN A 138 26.62 0.70 -9.41
CA ASN A 138 25.50 1.39 -8.77
C ASN A 138 24.22 1.29 -9.60
N PHE A 139 23.95 0.10 -10.12
CA PHE A 139 22.76 -0.14 -10.94
C PHE A 139 21.76 -0.89 -10.05
N PHE A 140 20.93 -0.13 -9.34
CA PHE A 140 19.92 -0.69 -8.42
C PHE A 140 19.10 -1.80 -9.07
N THR A 141 19.21 -3.00 -8.53
CA THR A 141 18.50 -4.16 -9.08
C THR A 141 17.02 -3.90 -9.37
N VAL A 142 16.67 -4.05 -10.64
CA VAL A 142 15.30 -3.85 -11.10
C VAL A 142 14.30 -4.61 -10.24
N ALA A 143 13.15 -3.98 -9.99
CA ALA A 143 12.08 -4.60 -9.21
C ALA A 143 10.91 -4.67 -10.20
N SER A 144 10.08 -5.71 -10.10
CA SER A 144 8.98 -5.86 -11.05
C SER A 144 7.91 -4.74 -11.03
N PRO A 145 7.44 -4.35 -9.83
CA PRO A 145 6.43 -3.29 -9.80
C PRO A 145 6.81 -2.12 -10.73
N ILE A 146 5.80 -1.44 -11.26
CA ILE A 146 5.98 -0.34 -12.21
C ILE A 146 6.84 0.85 -11.77
N ALA A 147 6.49 1.46 -10.64
CA ALA A 147 7.22 2.63 -10.19
C ALA A 147 7.74 2.56 -8.76
N SER A 148 7.87 1.35 -8.22
CA SER A 148 8.32 1.18 -6.84
C SER A 148 9.75 1.67 -6.62
N HIS A 149 10.54 1.80 -7.68
CA HIS A 149 11.92 2.24 -7.55
C HIS A 149 12.11 3.75 -7.50
N VAL A 150 11.02 4.51 -7.61
CA VAL A 150 11.12 5.97 -7.59
C VAL A 150 11.42 6.52 -6.19
N PRO A 151 10.65 6.11 -5.16
CA PRO A 151 10.96 6.64 -3.82
C PRO A 151 12.39 6.29 -3.41
N PRO A 152 12.83 5.04 -3.68
CA PRO A 152 14.21 4.67 -3.31
C PRO A 152 15.24 5.60 -3.97
N ALA A 153 15.03 5.92 -5.24
CA ALA A 153 15.94 6.81 -5.96
C ALA A 153 16.00 8.15 -5.21
N ALA A 154 14.86 8.64 -4.75
CA ALA A 154 14.82 9.90 -4.01
C ALA A 154 15.64 9.76 -2.74
N GLY A 155 15.44 8.65 -2.03
CA GLY A 155 16.18 8.41 -0.82
C GLY A 155 17.67 8.37 -1.04
N ALA A 156 18.12 7.66 -2.09
CA ALA A 156 19.54 7.58 -2.38
C ALA A 156 20.11 8.97 -2.62
N ALA A 157 19.38 9.78 -3.37
CA ALA A 157 19.79 11.15 -3.68
C ALA A 157 19.92 11.96 -2.39
N ILE A 158 18.95 11.82 -1.48
CA ILE A 158 18.99 12.55 -0.22
C ILE A 158 20.25 12.15 0.55
N SER A 159 20.60 10.87 0.48
CA SER A 159 21.78 10.36 1.16
C SER A 159 23.04 11.01 0.56
N MET A 160 23.04 11.16 -0.76
CA MET A 160 24.17 11.78 -1.46
C MET A 160 24.34 13.23 -1.03
N LYS A 161 23.22 13.91 -0.81
CA LYS A 161 23.23 15.31 -0.39
C LYS A 161 23.78 15.43 1.03
N LEU A 162 23.23 14.65 1.94
CA LEU A 162 23.67 14.69 3.34
C LEU A 162 25.13 14.31 3.52
N LEU A 163 25.56 13.26 2.83
CA LEU A 163 26.94 12.77 2.94
C LEU A 163 27.94 13.55 2.08
N ARG A 164 27.44 14.53 1.32
CA ARG A 164 28.28 15.36 0.45
C ARG A 164 29.19 14.56 -0.48
N THR A 165 28.66 13.52 -1.11
CA THR A 165 29.46 12.72 -2.01
C THR A 165 29.62 13.35 -3.39
N GLY A 166 28.69 14.21 -3.78
CA GLY A 166 28.77 14.85 -5.08
C GLY A 166 28.15 13.97 -6.17
N GLN A 167 27.56 12.86 -5.74
CA GLN A 167 26.92 11.94 -6.68
C GLN A 167 25.52 12.43 -7.04
N VAL A 168 24.93 11.74 -8.01
CA VAL A 168 23.59 12.04 -8.48
C VAL A 168 22.91 10.69 -8.69
N ALA A 169 21.58 10.66 -8.56
CA ALA A 169 20.84 9.44 -8.79
C ALA A 169 19.89 9.67 -9.96
N VAL A 170 20.01 8.88 -11.02
CA VAL A 170 19.10 9.01 -12.15
C VAL A 170 18.09 7.87 -12.03
N CYS A 171 16.83 8.16 -12.36
CA CYS A 171 15.77 7.18 -12.25
C CYS A 171 14.95 7.15 -13.52
N THR A 172 14.89 6.00 -14.19
CA THR A 172 14.15 5.87 -15.43
C THR A 172 12.89 5.03 -15.28
N PHE A 173 11.93 5.27 -16.16
CA PHE A 173 10.66 4.57 -16.12
C PHE A 173 9.87 4.82 -17.41
N GLY A 174 8.84 4.00 -17.64
CA GLY A 174 8.00 4.17 -18.81
C GLY A 174 6.92 5.17 -18.47
N ASP A 175 6.06 5.51 -19.43
CA ASP A 175 5.03 6.50 -19.12
C ASP A 175 3.93 5.91 -18.26
N GLY A 176 3.74 4.60 -18.35
CA GLY A 176 2.72 3.96 -17.52
C GLY A 176 3.00 4.21 -16.06
N ALA A 177 4.28 4.23 -15.70
CA ALA A 177 4.70 4.45 -14.33
C ALA A 177 4.28 5.79 -13.76
N THR A 178 4.15 6.79 -14.62
CA THR A 178 3.77 8.13 -14.18
C THR A 178 2.33 8.22 -13.67
N SER A 179 1.64 7.10 -13.65
CA SER A 179 0.26 7.07 -13.16
C SER A 179 0.22 6.59 -11.71
N GLU A 180 1.31 5.97 -11.28
CA GLU A 180 1.40 5.42 -9.93
C GLU A 180 1.58 6.48 -8.85
N GLY A 181 0.98 6.23 -7.69
CA GLY A 181 1.10 7.16 -6.59
C GLY A 181 2.53 7.27 -6.10
N ASP A 182 3.22 6.13 -6.06
CA ASP A 182 4.61 6.13 -5.59
C ASP A 182 5.53 6.94 -6.47
N TRP A 183 5.17 7.06 -7.75
CA TRP A 183 5.95 7.84 -8.69
C TRP A 183 5.86 9.29 -8.20
N TYR A 184 4.64 9.75 -8.00
CA TYR A 184 4.38 11.10 -7.53
C TYR A 184 4.97 11.36 -6.14
N ALA A 185 4.70 10.45 -5.20
CA ALA A 185 5.18 10.63 -3.85
C ALA A 185 6.71 10.69 -3.75
N GLY A 186 7.38 9.83 -4.52
CA GLY A 186 8.83 9.80 -4.50
C GLY A 186 9.49 11.03 -5.06
N ILE A 187 9.02 11.48 -6.22
CA ILE A 187 9.58 12.67 -6.84
C ILE A 187 9.27 13.90 -6.00
N ASN A 188 8.09 13.91 -5.39
CA ASN A 188 7.69 15.04 -4.56
C ASN A 188 8.66 15.20 -3.38
N PHE A 189 9.05 14.09 -2.77
CA PHE A 189 9.96 14.15 -1.64
C PHE A 189 11.31 14.70 -2.10
N ALA A 190 11.80 14.22 -3.24
CA ALA A 190 13.08 14.68 -3.75
C ALA A 190 13.01 16.18 -4.05
N ALA A 191 11.90 16.64 -4.61
CA ALA A 191 11.74 18.07 -4.93
C ALA A 191 11.79 18.91 -3.65
N VAL A 192 11.02 18.50 -2.65
CA VAL A 192 10.96 19.20 -1.39
C VAL A 192 12.31 19.28 -0.69
N GLN A 193 13.12 18.24 -0.84
CA GLN A 193 14.43 18.18 -0.23
C GLN A 193 15.53 18.77 -1.12
N GLY A 194 15.18 19.11 -2.35
CA GLY A 194 16.19 19.65 -3.27
C GLY A 194 17.25 18.57 -3.48
N ALA A 195 16.81 17.31 -3.48
CA ALA A 195 17.70 16.16 -3.65
C ALA A 195 18.26 16.06 -5.06
N PRO A 196 19.53 15.64 -5.19
CA PRO A 196 20.17 15.50 -6.50
C PRO A 196 19.70 14.26 -7.25
N ALA A 197 18.45 14.29 -7.71
CA ALA A 197 17.87 13.18 -8.44
C ALA A 197 17.33 13.66 -9.78
N VAL A 198 17.52 12.87 -10.82
CA VAL A 198 17.02 13.21 -12.15
C VAL A 198 16.07 12.10 -12.56
N PHE A 199 14.81 12.45 -12.79
CA PHE A 199 13.80 11.48 -13.18
C PHE A 199 13.58 11.56 -14.68
N ILE A 200 13.80 10.43 -15.34
CA ILE A 200 13.70 10.34 -16.78
C ILE A 200 12.68 9.33 -17.28
N ALA A 201 11.78 9.81 -18.13
CA ALA A 201 10.76 8.96 -18.71
C ALA A 201 11.18 8.54 -20.10
N GLU A 202 11.22 7.24 -20.34
CA GLU A 202 11.52 6.71 -21.66
C GLU A 202 10.11 6.46 -22.15
N ASN A 203 9.51 7.51 -22.71
CA ASN A 203 8.14 7.46 -23.17
C ASN A 203 7.93 6.94 -24.58
N ASN A 204 7.37 5.74 -24.69
CA ASN A 204 7.09 5.15 -25.99
C ASN A 204 5.88 5.89 -26.54
N PHE A 205 6.15 7.03 -27.19
CA PHE A 205 5.13 7.89 -27.74
C PHE A 205 4.70 7.44 -29.14
N PRO A 219 -1.93 16.47 -21.66
CA PRO A 219 -0.78 16.88 -20.82
C PRO A 219 0.39 15.91 -21.02
N THR A 220 1.57 16.47 -21.30
CA THR A 220 2.77 15.64 -21.49
C THR A 220 3.30 15.21 -20.12
N ILE A 221 4.34 14.38 -20.12
CA ILE A 221 4.91 13.93 -18.87
C ILE A 221 5.74 15.07 -18.28
N ALA A 222 6.38 15.83 -19.17
CA ALA A 222 7.18 16.97 -18.73
C ALA A 222 6.31 17.98 -17.96
N ASP A 223 5.06 18.13 -18.40
CA ASP A 223 4.15 19.07 -17.73
C ASP A 223 3.88 18.72 -16.28
N LYS A 224 4.01 17.44 -15.94
CA LYS A 224 3.78 16.99 -14.57
C LYS A 224 4.81 17.59 -13.60
N ALA A 225 5.94 18.03 -14.11
CA ALA A 225 6.96 18.63 -13.27
C ALA A 225 6.38 19.82 -12.50
N HIS A 226 5.39 20.49 -13.07
CA HIS A 226 4.75 21.65 -12.44
C HIS A 226 4.19 21.31 -11.06
N ALA A 227 3.78 20.06 -10.89
CA ALA A 227 3.22 19.59 -9.63
C ALA A 227 4.26 19.53 -8.52
N PHE A 228 5.54 19.61 -8.88
CA PHE A 228 6.63 19.55 -7.91
C PHE A 228 7.41 20.85 -7.84
N GLY A 229 7.16 21.75 -8.78
CA GLY A 229 7.89 22.99 -8.78
C GLY A 229 9.32 22.77 -9.27
N ILE A 230 9.50 21.77 -10.13
CA ILE A 230 10.83 21.49 -10.66
C ILE A 230 10.78 21.63 -12.17
N PRO A 231 11.94 21.84 -12.80
CA PRO A 231 11.93 21.99 -14.26
C PRO A 231 11.54 20.70 -15.00
N GLY A 232 10.72 20.85 -16.04
CA GLY A 232 10.31 19.71 -16.84
C GLY A 232 10.78 19.90 -18.26
N TYR A 233 11.28 18.84 -18.89
CA TYR A 233 11.78 18.91 -20.26
C TYR A 233 11.18 17.87 -21.21
N LEU A 234 10.83 18.30 -22.42
CA LEU A 234 10.31 17.41 -23.44
C LEU A 234 11.41 17.32 -24.48
N VAL A 235 11.98 16.14 -24.65
CA VAL A 235 13.10 15.92 -25.55
C VAL A 235 12.82 14.84 -26.59
N ASP A 236 13.51 14.94 -27.73
CA ASP A 236 13.36 13.93 -28.78
C ASP A 236 14.23 12.77 -28.33
N GLY A 237 13.60 11.72 -27.80
CA GLY A 237 14.33 10.56 -27.34
C GLY A 237 15.02 9.76 -28.44
N MET A 238 14.80 10.13 -29.70
CA MET A 238 15.45 9.42 -30.80
C MET A 238 16.71 10.16 -31.23
N ASP A 239 16.98 11.26 -30.54
CA ASP A 239 18.13 12.12 -30.80
C ASP A 239 19.12 11.92 -29.66
N VAL A 240 20.18 11.15 -29.89
CA VAL A 240 21.15 10.88 -28.84
C VAL A 240 21.83 12.13 -28.26
N LEU A 241 22.06 13.13 -29.09
CA LEU A 241 22.69 14.36 -28.59
C LEU A 241 21.72 15.21 -27.78
N ALA A 242 20.48 15.30 -28.23
CA ALA A 242 19.47 16.08 -27.49
C ALA A 242 19.23 15.42 -26.15
N SER A 243 19.18 14.10 -26.14
CA SER A 243 18.97 13.35 -24.91
C SER A 243 20.16 13.50 -23.98
N TYR A 244 21.36 13.38 -24.56
CA TYR A 244 22.58 13.50 -23.80
C TYR A 244 22.72 14.87 -23.12
N TYR A 245 22.60 15.93 -23.91
CA TYR A 245 22.75 17.28 -23.38
C TYR A 245 21.69 17.73 -22.39
N VAL A 246 20.43 17.36 -22.62
CA VAL A 246 19.39 17.76 -21.68
C VAL A 246 19.55 17.03 -20.34
N VAL A 247 19.82 15.72 -20.40
CA VAL A 247 20.00 14.93 -19.19
C VAL A 247 21.26 15.39 -18.46
N LYS A 248 22.32 15.62 -19.22
CA LYS A 248 23.58 16.10 -18.65
C LYS A 248 23.35 17.41 -17.90
N GLU A 249 22.58 18.31 -18.50
CA GLU A 249 22.31 19.59 -17.84
C GLU A 249 21.56 19.35 -16.53
N ALA A 250 20.58 18.43 -16.57
CA ALA A 250 19.81 18.10 -15.37
C ALA A 250 20.71 17.50 -14.30
N VAL A 251 21.66 16.67 -14.74
CA VAL A 251 22.60 16.04 -13.81
C VAL A 251 23.49 17.09 -13.17
N GLU A 252 23.93 18.06 -13.96
CA GLU A 252 24.78 19.13 -13.44
C GLU A 252 24.00 19.99 -12.47
N ARG A 253 22.73 20.27 -12.79
CA ARG A 253 21.88 21.06 -11.90
C ARG A 253 21.78 20.36 -10.56
N ALA A 254 21.50 19.07 -10.59
CA ALA A 254 21.39 18.27 -9.37
C ALA A 254 22.70 18.28 -8.60
N ARG A 255 23.78 18.04 -9.34
CA ARG A 255 25.11 17.98 -8.76
C ARG A 255 25.52 19.27 -8.06
N ARG A 256 25.03 20.42 -8.53
CA ARG A 256 25.40 21.67 -7.87
C ARG A 256 24.42 22.05 -6.78
N GLY A 257 23.56 21.11 -6.39
CA GLY A 257 22.61 21.34 -5.32
C GLY A 257 21.34 22.10 -5.64
N GLU A 258 20.97 22.16 -6.91
CA GLU A 258 19.78 22.91 -7.31
C GLU A 258 18.50 22.07 -7.42
N GLY A 259 18.55 20.83 -6.95
CA GLY A 259 17.36 19.99 -6.98
C GLY A 259 17.15 19.13 -8.21
N PRO A 260 16.06 18.34 -8.21
CA PRO A 260 15.68 17.43 -9.29
C PRO A 260 15.07 18.03 -10.54
N SER A 261 14.94 17.20 -11.57
CA SER A 261 14.35 17.59 -12.84
C SER A 261 13.60 16.38 -13.38
N LEU A 262 12.63 16.64 -14.26
CA LEU A 262 11.89 15.57 -14.87
C LEU A 262 12.16 15.73 -16.36
N VAL A 263 12.77 14.70 -16.96
CA VAL A 263 13.10 14.76 -18.38
C VAL A 263 12.29 13.72 -19.14
N GLU A 264 11.53 14.17 -20.14
CA GLU A 264 10.76 13.23 -20.93
C GLU A 264 11.45 12.97 -22.25
N LEU A 265 11.95 11.75 -22.42
CA LEU A 265 12.61 11.35 -23.65
C LEU A 265 11.62 10.55 -24.48
N ARG A 266 11.04 11.18 -25.50
CA ARG A 266 10.06 10.52 -26.36
C ARG A 266 10.73 9.61 -27.37
N VAL A 267 10.41 8.32 -27.29
CA VAL A 267 10.97 7.33 -28.18
C VAL A 267 9.86 6.56 -28.88
N TYR A 268 10.27 5.61 -29.73
CA TYR A 268 9.31 4.78 -30.45
C TYR A 268 9.81 3.35 -30.46
N ARG A 269 9.11 2.48 -29.74
CA ARG A 269 9.50 1.08 -29.67
C ARG A 269 9.06 0.32 -30.91
N TYR A 270 10.03 -0.26 -31.61
CA TYR A 270 9.75 -1.04 -32.81
C TYR A 270 9.07 -2.35 -32.40
N GLY A 271 9.75 -3.08 -31.53
CA GLY A 271 9.23 -4.35 -31.06
C GLY A 271 8.03 -4.24 -30.12
N PRO A 272 7.42 -5.36 -29.74
CA PRO A 272 6.26 -5.36 -28.84
C PRO A 272 6.63 -4.94 -27.43
N HIS A 273 5.61 -4.58 -26.65
CA HIS A 273 5.83 -4.17 -25.26
C HIS A 273 6.69 -5.20 -24.54
N ARG A 292 11.20 3.37 -38.64
CA ARG A 292 11.98 3.26 -39.90
C ARG A 292 12.76 4.55 -40.14
N LYS A 293 12.03 5.65 -40.32
CA LYS A 293 12.64 6.95 -40.54
C LYS A 293 13.01 7.57 -39.19
N LYS A 294 12.63 6.90 -38.11
CA LYS A 294 12.90 7.41 -36.77
C LYS A 294 14.04 6.70 -36.05
N ASP A 295 14.47 5.55 -36.57
CA ASP A 295 15.54 4.79 -35.95
C ASP A 295 16.66 5.76 -35.58
N PRO A 296 17.03 5.80 -34.29
CA PRO A 296 18.10 6.71 -33.83
C PRO A 296 19.50 6.42 -34.38
N ILE A 297 19.77 5.16 -34.70
CA ILE A 297 21.09 4.80 -35.22
C ILE A 297 21.39 5.45 -36.57
N PRO A 298 20.51 5.25 -37.58
CA PRO A 298 20.76 5.86 -38.89
C PRO A 298 20.81 7.39 -38.79
N ARG A 299 19.98 7.95 -37.92
CA ARG A 299 19.92 9.38 -37.74
C ARG A 299 21.22 9.96 -37.20
N PHE A 300 21.88 9.22 -36.31
CA PHE A 300 23.13 9.71 -35.75
C PHE A 300 24.29 9.39 -36.70
N ARG A 301 24.15 8.30 -37.44
CA ARG A 301 25.18 7.91 -38.39
C ARG A 301 25.42 9.08 -39.35
N ARG A 302 24.33 9.64 -39.87
CA ARG A 302 24.43 10.77 -40.80
C ARG A 302 25.15 11.95 -40.16
N PHE A 303 24.95 12.13 -38.85
CA PHE A 303 25.58 13.24 -38.15
C PHE A 303 27.09 13.03 -38.11
N LEU A 304 27.52 11.80 -37.85
CA LEU A 304 28.94 11.48 -37.79
C LEU A 304 29.52 11.60 -39.20
N GLU A 305 28.79 11.03 -40.15
CA GLU A 305 29.18 11.04 -41.54
C GLU A 305 29.44 12.45 -42.05
N ALA A 306 28.57 13.40 -41.69
CA ALA A 306 28.72 14.78 -42.13
C ALA A 306 29.96 15.44 -41.54
N ARG A 307 30.65 14.74 -40.63
CA ARG A 307 31.85 15.30 -40.02
C ARG A 307 33.07 14.41 -40.15
N GLY A 308 33.05 13.50 -41.12
CA GLY A 308 34.18 12.61 -41.34
C GLY A 308 34.45 11.68 -40.17
N LEU A 309 33.38 11.32 -39.46
CA LEU A 309 33.49 10.43 -38.30
C LEU A 309 32.89 9.05 -38.55
N TRP A 310 32.43 8.81 -39.78
CA TRP A 310 31.85 7.52 -40.09
C TRP A 310 32.06 7.08 -41.55
N ASN A 311 32.17 5.78 -41.74
CA ASN A 311 32.33 5.17 -43.06
C ASN A 311 31.99 3.68 -42.91
N GLU A 312 31.56 3.06 -44.00
CA GLU A 312 31.17 1.64 -43.99
C GLU A 312 32.18 0.70 -43.36
N GLU A 313 33.45 0.90 -43.67
CA GLU A 313 34.50 0.03 -43.13
C GLU A 313 34.49 0.01 -41.60
N TRP A 314 34.53 1.19 -40.99
CA TRP A 314 34.52 1.30 -39.54
C TRP A 314 33.27 0.64 -38.98
N GLU A 315 32.15 0.91 -39.65
CA GLU A 315 30.85 0.36 -39.27
C GLU A 315 30.96 -1.16 -39.09
N GLU A 316 31.49 -1.83 -40.10
CA GLU A 316 31.64 -3.29 -40.08
C GLU A 316 32.62 -3.76 -39.01
N ASP A 317 33.72 -3.04 -38.85
CA ASP A 317 34.70 -3.42 -37.84
C ASP A 317 34.05 -3.43 -36.46
N VAL A 318 33.30 -2.37 -36.17
CA VAL A 318 32.62 -2.25 -34.89
C VAL A 318 31.61 -3.37 -34.69
N ARG A 319 30.73 -3.58 -35.67
CA ARG A 319 29.73 -4.64 -35.56
C ARG A 319 30.37 -5.99 -35.33
N GLU A 320 31.46 -6.25 -36.04
CA GLU A 320 32.15 -7.53 -35.89
C GLU A 320 32.67 -7.68 -34.48
N GLU A 321 33.26 -6.61 -33.94
CA GLU A 321 33.79 -6.63 -32.58
C GLU A 321 32.66 -6.90 -31.58
N ILE A 322 31.51 -6.27 -31.81
CA ILE A 322 30.36 -6.41 -30.94
C ILE A 322 29.79 -7.83 -30.93
N ARG A 323 29.63 -8.42 -32.11
CA ARG A 323 29.07 -9.77 -32.16
C ARG A 323 30.01 -10.76 -31.48
N ALA A 324 31.30 -10.49 -31.54
CA ALA A 324 32.28 -11.35 -30.90
C ALA A 324 32.13 -11.19 -29.39
N GLU A 325 31.88 -9.95 -28.97
CA GLU A 325 31.70 -9.65 -27.56
C GLU A 325 30.46 -10.36 -27.05
N LEU A 326 29.41 -10.37 -27.87
CA LEU A 326 28.16 -11.03 -27.50
C LEU A 326 28.32 -12.53 -27.36
N GLU A 327 28.91 -13.16 -28.36
CA GLU A 327 29.11 -14.61 -28.35
C GLU A 327 29.94 -15.02 -27.13
N ARG A 328 30.98 -14.23 -26.85
CA ARG A 328 31.84 -14.50 -25.71
C ARG A 328 31.05 -14.34 -24.42
N GLY A 329 30.19 -13.32 -24.37
CA GLY A 329 29.39 -13.08 -23.19
C GLY A 329 28.39 -14.19 -22.92
N LEU A 330 27.72 -14.64 -23.98
CA LEU A 330 26.73 -15.71 -23.87
C LEU A 330 27.41 -17.00 -23.42
N LYS A 331 28.59 -17.26 -23.99
CA LYS A 331 29.34 -18.46 -23.65
C LYS A 331 29.65 -18.49 -22.15
N GLU A 332 30.28 -17.42 -21.67
CA GLU A 332 30.64 -17.31 -20.26
C GLU A 332 29.42 -17.50 -19.37
N ALA A 333 28.31 -16.86 -19.76
CA ALA A 333 27.07 -16.94 -18.99
C ALA A 333 26.50 -18.34 -18.92
N GLU A 334 26.47 -19.03 -20.07
CA GLU A 334 25.93 -20.38 -20.13
C GLU A 334 26.75 -21.38 -19.33
N GLU A 335 28.05 -21.45 -19.63
CA GLU A 335 28.89 -22.41 -18.94
C GLU A 335 29.18 -22.05 -17.48
N ALA A 336 28.44 -21.07 -16.96
CA ALA A 336 28.60 -20.66 -15.57
C ALA A 336 27.95 -21.71 -14.68
N GLY A 337 26.91 -22.35 -15.20
CA GLY A 337 26.22 -23.38 -14.44
C GLY A 337 24.93 -22.91 -13.79
N PRO A 338 23.99 -23.83 -13.54
CA PRO A 338 22.70 -23.51 -12.92
C PRO A 338 22.95 -23.06 -11.49
N VAL A 339 22.05 -22.26 -10.94
CA VAL A 339 22.21 -21.81 -9.57
C VAL A 339 21.76 -22.95 -8.66
N PRO A 340 22.47 -23.18 -7.55
CA PRO A 340 22.11 -24.25 -6.62
C PRO A 340 20.74 -24.05 -6.00
N PRO A 341 20.04 -25.15 -5.69
CA PRO A 341 18.71 -25.08 -5.08
C PRO A 341 18.74 -24.40 -3.71
N GLU A 342 19.77 -24.68 -2.93
CA GLU A 342 19.89 -24.10 -1.59
C GLU A 342 19.96 -22.58 -1.60
N TRP A 343 20.47 -22.00 -2.68
CA TRP A 343 20.58 -20.55 -2.78
C TRP A 343 19.23 -19.87 -2.58
N MET A 344 18.16 -20.66 -2.66
CA MET A 344 16.82 -20.16 -2.48
C MET A 344 16.63 -19.62 -1.06
N PHE A 345 17.42 -20.10 -0.11
CA PHE A 345 17.30 -19.65 1.28
C PHE A 345 18.37 -18.62 1.67
N GLU A 346 19.27 -18.31 0.76
CA GLU A 346 20.34 -17.34 1.01
C GLU A 346 19.87 -15.92 0.70
N ASP A 347 20.41 -14.96 1.44
CA ASP A 347 20.13 -13.53 1.25
C ASP A 347 18.74 -12.99 1.61
N VAL A 348 17.94 -13.78 2.34
CA VAL A 348 16.64 -13.27 2.76
C VAL A 348 17.04 -12.27 3.85
N PHE A 349 17.98 -12.69 4.66
CA PHE A 349 18.56 -11.89 5.74
C PHE A 349 20.05 -12.09 5.60
N ALA A 350 20.84 -11.30 6.32
CA ALA A 350 22.30 -11.44 6.27
C ALA A 350 22.62 -12.89 6.64
N GLU A 351 21.91 -13.40 7.64
CA GLU A 351 22.10 -14.78 8.10
C GLU A 351 20.75 -15.52 8.13
N LYS A 352 20.79 -16.82 7.88
CA LYS A 352 19.59 -17.64 7.88
C LYS A 352 19.12 -17.96 9.29
N PRO A 353 17.90 -17.50 9.66
CA PRO A 353 17.36 -17.76 11.00
C PRO A 353 16.94 -19.23 11.13
N TRP A 354 16.48 -19.60 12.32
CA TRP A 354 16.08 -20.97 12.58
C TRP A 354 15.09 -21.56 11.58
N HIS A 355 14.01 -20.85 11.29
CA HIS A 355 13.00 -21.37 10.38
C HIS A 355 13.48 -21.60 8.95
N LEU A 356 14.44 -20.80 8.50
CA LEU A 356 14.95 -20.98 7.15
C LEU A 356 15.90 -22.17 7.15
N LEU A 357 16.61 -22.36 8.25
CA LEU A 357 17.54 -23.48 8.39
C LEU A 357 16.72 -24.77 8.37
N ARG A 358 15.56 -24.75 9.01
CA ARG A 358 14.71 -25.92 9.02
C ARG A 358 14.09 -26.15 7.65
N GLN A 359 13.74 -25.06 6.96
CA GLN A 359 13.14 -25.18 5.65
C GLN A 359 14.15 -25.67 4.61
N GLU A 360 15.41 -25.25 4.75
CA GLU A 360 16.45 -25.70 3.82
C GLU A 360 16.73 -27.19 4.05
N ALA A 361 16.68 -27.62 5.30
CA ALA A 361 16.91 -29.03 5.63
C ALA A 361 15.77 -29.87 5.06
N LEU A 362 14.57 -29.32 5.09
CA LEU A 362 13.40 -30.00 4.57
C LEU A 362 13.54 -30.20 3.07
N LEU A 363 13.87 -29.13 2.35
CA LEU A 363 14.02 -29.22 0.90
C LEU A 363 15.03 -30.29 0.52
N LYS A 364 16.16 -30.34 1.24
CA LYS A 364 17.21 -31.31 0.97
C LYS A 364 16.69 -32.76 0.94
N GLU A 365 15.78 -33.08 1.85
CA GLU A 365 15.21 -34.44 1.92
C GLU A 365 14.68 -34.83 0.55
N GLU A 366 14.23 -33.84 -0.19
CA GLU A 366 13.65 -34.01 -1.51
C GLU A 366 14.64 -33.95 -2.67
N LEU A 367 15.84 -33.47 -2.40
CA LEU A 367 16.87 -33.35 -3.44
C LEU A 367 17.69 -34.63 -3.59
N ALA B 2 18.65 4.76 35.42
CA ALA B 2 17.61 5.77 35.83
C ALA B 2 16.21 5.27 35.49
N LEU B 3 15.23 5.77 36.23
CA LEU B 3 13.84 5.39 36.00
C LEU B 3 13.28 6.23 34.86
N MET B 4 12.71 5.57 33.86
CA MET B 4 12.14 6.31 32.74
C MET B 4 10.99 5.59 32.06
N THR B 5 10.21 6.34 31.30
CA THR B 5 9.07 5.83 30.56
C THR B 5 9.59 5.22 29.27
N MET B 6 8.72 4.57 28.50
CA MET B 6 9.14 3.98 27.24
C MET B 6 9.61 5.09 26.29
N VAL B 7 8.88 6.19 26.27
CA VAL B 7 9.22 7.31 25.41
C VAL B 7 10.66 7.75 25.68
N GLN B 8 10.98 7.92 26.96
CA GLN B 8 12.32 8.35 27.35
C GLN B 8 13.37 7.33 26.96
N ALA B 9 13.04 6.05 27.15
CA ALA B 9 13.97 4.97 26.81
C ALA B 9 14.23 4.94 25.31
N LEU B 10 13.20 5.21 24.51
CA LEU B 10 13.34 5.21 23.06
C LEU B 10 14.14 6.43 22.66
N ASN B 11 13.79 7.56 23.25
CA ASN B 11 14.48 8.81 22.95
C ASN B 11 15.96 8.69 23.28
N ARG B 12 16.27 8.00 24.38
CA ARG B 12 17.65 7.80 24.80
C ARG B 12 18.38 6.91 23.79
N ALA B 13 17.73 5.85 23.35
CA ALA B 13 18.33 4.94 22.37
C ALA B 13 18.73 5.72 21.13
N LEU B 14 17.78 6.48 20.58
CA LEU B 14 18.04 7.26 19.38
C LEU B 14 19.20 8.23 19.59
N ASP B 15 19.18 8.97 20.69
CA ASP B 15 20.23 9.94 21.00
C ASP B 15 21.59 9.27 21.03
N GLU B 16 21.67 8.15 21.75
CA GLU B 16 22.90 7.39 21.88
C GLU B 16 23.45 6.91 20.54
N GLU B 17 22.60 6.24 19.76
CA GLU B 17 23.03 5.73 18.47
C GLU B 17 23.43 6.85 17.52
N MET B 18 22.73 7.98 17.57
CA MET B 18 23.05 9.10 16.70
C MET B 18 24.38 9.73 17.09
N ALA B 19 24.65 9.79 18.39
CA ALA B 19 25.91 10.36 18.87
C ALA B 19 27.06 9.44 18.45
N LYS B 20 26.77 8.15 18.41
CA LYS B 20 27.77 7.15 18.06
C LYS B 20 28.07 7.01 16.55
N ASP B 21 27.04 7.14 15.72
CA ASP B 21 27.20 6.98 14.28
C ASP B 21 26.55 8.12 13.49
N PRO B 22 27.36 8.88 12.74
CA PRO B 22 26.84 10.00 11.94
C PRO B 22 25.84 9.54 10.90
N ARG B 23 25.96 8.28 10.47
CA ARG B 23 25.09 7.70 9.46
C ARG B 23 23.65 7.51 9.92
N VAL B 24 23.43 7.52 11.23
CA VAL B 24 22.09 7.32 11.76
C VAL B 24 21.29 8.61 11.63
N VAL B 25 20.16 8.54 10.93
CA VAL B 25 19.30 9.71 10.74
C VAL B 25 17.85 9.36 11.01
N VAL B 26 17.11 10.34 11.52
CA VAL B 26 15.71 10.16 11.83
C VAL B 26 14.88 10.93 10.80
N LEU B 27 13.82 10.30 10.30
CA LEU B 27 12.95 10.97 9.34
C LEU B 27 11.51 10.51 9.53
N GLY B 28 10.58 11.44 9.31
CA GLY B 28 9.18 11.13 9.46
C GLY B 28 8.38 12.41 9.54
N GLU B 29 7.08 12.27 9.76
CA GLU B 29 6.21 13.43 9.86
C GLU B 29 6.30 14.05 11.26
N ASP B 30 6.69 15.31 11.33
CA ASP B 30 6.78 16.02 12.59
C ASP B 30 7.72 15.41 13.63
N VAL B 31 8.84 14.89 13.18
CA VAL B 31 9.79 14.30 14.11
C VAL B 31 10.79 15.36 14.59
N GLY B 32 10.92 16.43 13.82
CA GLY B 32 11.86 17.49 14.15
C GLY B 32 11.48 18.46 15.25
N LYS B 33 11.14 19.68 14.86
CA LYS B 33 10.79 20.70 15.83
C LYS B 33 9.62 20.27 16.73
N ARG B 34 8.71 19.49 16.16
CA ARG B 34 7.57 18.98 16.89
C ARG B 34 8.00 18.03 18.00
N GLY B 35 9.05 17.26 17.72
CA GLY B 35 9.54 16.30 18.70
C GLY B 35 8.77 15.00 18.60
N GLY B 36 7.81 14.97 17.68
CA GLY B 36 7.00 13.78 17.49
C GLY B 36 5.66 13.88 18.20
N VAL B 37 4.63 13.23 17.65
CA VAL B 37 3.32 13.28 18.27
C VAL B 37 3.35 12.62 19.64
N PHE B 38 4.34 11.75 19.86
CA PHE B 38 4.49 11.08 21.15
C PHE B 38 5.82 11.45 21.81
N LEU B 39 6.44 12.51 21.30
CA LEU B 39 7.70 13.02 21.83
C LEU B 39 8.90 12.07 21.81
N VAL B 40 8.78 10.96 21.09
CA VAL B 40 9.89 10.01 21.02
C VAL B 40 11.18 10.63 20.46
N THR B 41 11.05 11.59 19.56
CA THR B 41 12.21 12.22 18.96
C THR B 41 12.50 13.62 19.50
N GLU B 42 11.89 13.95 20.63
CA GLU B 42 12.08 15.27 21.25
C GLU B 42 13.56 15.61 21.50
N GLY B 43 13.93 16.84 21.16
CA GLY B 43 15.30 17.29 21.37
C GLY B 43 16.35 16.86 20.36
N LEU B 44 16.06 15.83 19.57
CA LEU B 44 17.03 15.36 18.57
C LEU B 44 17.37 16.40 17.50
N LEU B 45 16.36 17.11 16.99
CA LEU B 45 16.61 18.13 15.97
C LEU B 45 17.53 19.20 16.54
N GLN B 46 17.18 19.69 17.73
CA GLN B 46 17.97 20.72 18.40
C GLN B 46 19.44 20.30 18.52
N LYS B 47 19.66 19.04 18.86
CA LYS B 47 21.00 18.53 19.06
C LYS B 47 21.76 18.09 17.81
N TYR B 48 21.05 17.52 16.83
CA TYR B 48 21.73 17.03 15.65
C TYR B 48 21.52 17.79 14.34
N GLY B 49 20.54 18.68 14.30
CA GLY B 49 20.30 19.44 13.09
C GLY B 49 19.35 18.79 12.10
N PRO B 50 18.83 19.58 11.14
CA PRO B 50 17.89 19.15 10.10
C PRO B 50 18.37 18.08 9.12
N ASP B 51 19.68 18.01 8.90
CA ASP B 51 20.22 17.00 7.98
C ASP B 51 20.49 15.71 8.74
N ARG B 52 19.89 15.60 9.91
CA ARG B 52 20.06 14.44 10.76
C ARG B 52 18.69 14.00 11.24
N VAL B 53 17.84 14.99 11.52
CA VAL B 53 16.48 14.75 11.96
C VAL B 53 15.62 15.53 10.97
N MET B 54 15.04 14.84 10.00
CA MET B 54 14.27 15.57 9.00
C MET B 54 12.78 15.31 8.91
N ASP B 55 12.02 16.40 8.91
CA ASP B 55 10.59 16.31 8.77
C ASP B 55 10.36 16.02 7.29
N THR B 56 9.40 15.16 7.01
CA THR B 56 9.13 14.76 5.64
C THR B 56 7.72 15.16 5.23
N PRO B 57 7.41 15.03 3.93
CA PRO B 57 6.09 15.36 3.41
C PRO B 57 5.22 14.27 4.05
N LEU B 58 3.91 14.46 4.07
CA LEU B 58 3.03 13.47 4.70
C LEU B 58 2.73 12.27 3.79
N SER B 59 3.77 11.59 3.32
CA SER B 59 3.60 10.43 2.45
C SER B 59 4.33 9.23 3.01
N GLU B 60 3.58 8.20 3.38
CA GLU B 60 4.18 6.99 3.95
C GLU B 60 5.03 6.22 2.95
N ALA B 61 4.70 6.32 1.66
CA ALA B 61 5.48 5.64 0.63
C ALA B 61 6.82 6.36 0.49
N ALA B 62 6.78 7.69 0.53
CA ALA B 62 8.00 8.48 0.41
C ALA B 62 8.93 8.20 1.60
N ILE B 63 8.35 8.12 2.79
CA ILE B 63 9.13 7.86 4.01
C ILE B 63 9.83 6.51 3.93
N VAL B 64 9.06 5.44 3.77
CA VAL B 64 9.63 4.11 3.70
C VAL B 64 10.57 3.91 2.52
N GLY B 65 10.13 4.32 1.33
CA GLY B 65 10.94 4.16 0.15
C GLY B 65 12.23 4.96 0.17
N ALA B 66 12.16 6.21 0.61
CA ALA B 66 13.37 7.04 0.68
C ALA B 66 14.30 6.42 1.71
N ALA B 67 13.74 5.96 2.83
CA ALA B 67 14.54 5.34 3.87
C ALA B 67 15.30 4.18 3.26
N LEU B 68 14.62 3.39 2.44
CA LEU B 68 15.24 2.25 1.78
C LEU B 68 16.39 2.72 0.89
N GLY B 69 16.13 3.77 0.11
CA GLY B 69 17.15 4.33 -0.77
C GLY B 69 18.35 4.84 0.02
N MET B 70 18.08 5.49 1.14
CA MET B 70 19.13 6.03 2.01
C MET B 70 19.96 4.89 2.61
N ALA B 71 19.28 3.84 3.05
CA ALA B 71 19.95 2.70 3.66
C ALA B 71 20.82 1.96 2.64
N ALA B 72 20.31 1.85 1.42
CA ALA B 72 21.05 1.17 0.37
C ALA B 72 22.30 1.94 -0.02
N HIS B 73 22.23 3.26 0.08
CA HIS B 73 23.34 4.10 -0.31
C HIS B 73 24.44 4.35 0.74
N GLY B 74 24.07 4.40 2.02
CA GLY B 74 25.09 4.62 3.02
C GLY B 74 24.63 5.12 4.38
N LEU B 75 23.36 5.48 4.51
CA LEU B 75 22.86 5.96 5.77
C LEU B 75 22.19 4.82 6.54
N ARG B 76 21.98 5.05 7.84
CA ARG B 76 21.32 4.06 8.69
C ARG B 76 20.10 4.79 9.23
N PRO B 77 19.06 4.92 8.38
CA PRO B 77 17.81 5.61 8.72
C PRO B 77 16.85 4.91 9.65
N VAL B 78 16.26 5.72 10.53
CA VAL B 78 15.26 5.24 11.45
C VAL B 78 14.04 6.04 11.04
N ALA B 79 13.16 5.40 10.27
CA ALA B 79 11.95 6.05 9.78
C ALA B 79 10.80 5.85 10.74
N GLU B 80 9.94 6.86 10.81
CA GLU B 80 8.78 6.77 11.67
C GLU B 80 7.51 6.92 10.85
N ILE B 81 6.57 6.02 11.10
CA ILE B 81 5.26 6.06 10.47
C ILE B 81 4.40 6.48 11.66
N GLN B 82 3.85 7.69 11.59
CA GLN B 82 3.07 8.24 12.69
C GLN B 82 2.21 7.28 13.48
N PHE B 83 1.48 6.41 12.78
CA PHE B 83 0.65 5.39 13.39
C PHE B 83 0.78 4.13 12.53
N ALA B 84 0.87 2.98 13.17
CA ALA B 84 1.00 1.71 12.45
C ALA B 84 -0.13 1.57 11.43
N ASP B 85 -1.28 2.16 11.75
CA ASP B 85 -2.44 2.12 10.88
C ASP B 85 -2.17 2.77 9.52
N TYR B 86 -1.17 3.65 9.45
CA TYR B 86 -0.87 4.34 8.21
C TYR B 86 0.29 3.77 7.42
N ILE B 87 0.66 2.53 7.71
CA ILE B 87 1.75 1.89 6.98
C ILE B 87 1.31 1.50 5.56
N PHE B 88 0.02 1.27 5.38
CA PHE B 88 -0.50 0.80 4.10
C PHE B 88 -0.18 1.62 2.85
N PRO B 89 -0.29 2.95 2.92
CA PRO B 89 0.03 3.73 1.72
C PRO B 89 1.49 3.45 1.30
N GLY B 90 2.31 2.99 2.25
CA GLY B 90 3.70 2.70 1.94
C GLY B 90 3.98 1.21 1.92
N PHE B 91 2.91 0.42 1.81
CA PHE B 91 3.02 -1.02 1.82
C PHE B 91 3.86 -1.61 0.68
N ASP B 92 3.68 -1.11 -0.54
CA ASP B 92 4.46 -1.64 -1.65
C ASP B 92 5.94 -1.39 -1.41
N GLN B 93 6.27 -0.21 -0.91
CA GLN B 93 7.65 0.12 -0.62
C GLN B 93 8.19 -0.85 0.44
N LEU B 94 7.38 -1.11 1.47
CA LEU B 94 7.81 -2.00 2.52
C LEU B 94 8.04 -3.44 2.06
N VAL B 95 7.07 -4.03 1.38
CA VAL B 95 7.18 -5.41 0.94
C VAL B 95 7.88 -5.65 -0.40
N SER B 96 7.76 -4.74 -1.33
CA SER B 96 8.40 -4.92 -2.63
C SER B 96 9.85 -4.46 -2.67
N GLN B 97 10.14 -3.33 -2.04
CA GLN B 97 11.50 -2.81 -2.05
C GLN B 97 12.31 -3.17 -0.81
N VAL B 98 11.84 -2.78 0.36
CA VAL B 98 12.57 -3.05 1.59
C VAL B 98 12.83 -4.52 1.86
N ALA B 99 11.75 -5.28 2.04
CA ALA B 99 11.84 -6.69 2.34
C ALA B 99 12.63 -7.56 1.39
N LYS B 100 12.55 -7.27 0.09
CA LYS B 100 13.21 -8.10 -0.92
C LYS B 100 14.51 -7.59 -1.52
N LEU B 101 14.97 -6.41 -1.10
CA LEU B 101 16.19 -5.87 -1.67
C LEU B 101 17.40 -6.81 -1.60
N ARG B 102 17.71 -7.32 -0.41
CA ARG B 102 18.86 -8.20 -0.27
C ARG B 102 18.70 -9.45 -1.11
N TYR B 103 17.50 -10.02 -1.05
CA TYR B 103 17.20 -11.23 -1.77
C TYR B 103 17.26 -11.10 -3.30
N ARG B 104 16.51 -10.14 -3.85
CA ARG B 104 16.48 -10.00 -5.31
C ARG B 104 17.80 -9.54 -5.93
N SER B 105 18.65 -8.89 -5.14
CA SER B 105 19.92 -8.40 -5.66
C SER B 105 21.08 -9.39 -5.43
N GLY B 106 20.76 -10.59 -4.97
CA GLY B 106 21.80 -11.58 -4.72
C GLY B 106 22.75 -11.11 -3.63
N GLY B 107 22.28 -10.22 -2.76
CA GLY B 107 23.11 -9.72 -1.68
C GLY B 107 23.95 -8.51 -2.06
N GLN B 108 23.81 -8.04 -3.30
CA GLN B 108 24.57 -6.89 -3.75
C GLN B 108 24.16 -5.59 -3.04
N PHE B 109 22.88 -5.49 -2.68
CA PHE B 109 22.36 -4.30 -2.01
C PHE B 109 21.70 -4.67 -0.68
N THR B 110 21.82 -3.80 0.31
CA THR B 110 21.23 -4.10 1.61
C THR B 110 20.36 -2.97 2.14
N ALA B 111 19.56 -3.29 3.15
CA ALA B 111 18.64 -2.33 3.74
C ALA B 111 18.75 -2.16 5.26
N PRO B 112 19.86 -1.57 5.74
CA PRO B 112 20.02 -1.37 7.18
C PRO B 112 19.17 -0.20 7.67
N LEU B 113 17.85 -0.43 7.72
CA LEU B 113 16.93 0.60 8.14
C LEU B 113 15.95 0.10 9.20
N VAL B 114 15.42 1.05 9.96
CA VAL B 114 14.46 0.74 11.00
C VAL B 114 13.19 1.54 10.72
N VAL B 115 12.05 0.88 10.81
CA VAL B 115 10.78 1.55 10.61
C VAL B 115 10.04 1.44 11.94
N ARG B 116 9.99 2.56 12.66
CA ARG B 116 9.32 2.65 13.96
C ARG B 116 7.88 3.06 13.74
N MET B 117 6.99 2.57 14.59
CA MET B 117 5.58 2.92 14.49
C MET B 117 4.80 2.60 15.76
N PRO B 118 3.96 3.53 16.22
CA PRO B 118 3.16 3.30 17.43
C PRO B 118 2.03 2.37 17.02
N SER B 119 1.63 1.45 17.90
CA SER B 119 0.55 0.52 17.53
C SER B 119 -0.32 0.10 18.70
N GLY B 120 -1.17 -0.89 18.45
CA GLY B 120 -2.04 -1.41 19.49
C GLY B 120 -3.24 -0.56 19.87
N GLY B 121 -4.26 -1.22 20.40
CA GLY B 121 -5.47 -0.51 20.79
C GLY B 121 -5.43 -0.08 22.24
N GLY B 122 -6.61 0.04 22.84
CA GLY B 122 -6.71 0.44 24.24
C GLY B 122 -6.50 1.92 24.46
N VAL B 123 -6.53 2.70 23.37
CA VAL B 123 -6.35 4.15 23.48
C VAL B 123 -7.47 4.91 22.78
N ARG B 124 -8.63 4.26 22.63
CA ARG B 124 -9.78 4.87 21.95
C ARG B 124 -9.37 5.42 20.59
N GLY B 125 -8.55 4.66 19.86
CA GLY B 125 -8.09 5.09 18.56
C GLY B 125 -8.97 4.74 17.38
N GLY B 126 -10.08 4.05 17.64
CA GLY B 126 -10.96 3.69 16.55
C GLY B 126 -10.27 2.87 15.47
N HIS B 127 -10.73 2.99 14.23
CA HIS B 127 -10.18 2.23 13.10
C HIS B 127 -8.71 2.47 12.75
N HIS B 128 -8.27 3.73 12.78
CA HIS B 128 -6.89 4.06 12.38
C HIS B 128 -5.90 4.63 13.39
N HIS B 129 -6.14 4.36 14.68
CA HIS B 129 -5.24 4.80 15.74
C HIS B 129 -5.17 3.66 16.74
N SER B 130 -5.41 2.43 16.29
CA SER B 130 -5.41 1.27 17.18
C SER B 130 -4.86 -0.03 16.60
N GLN B 131 -4.72 -0.09 15.29
CA GLN B 131 -4.25 -1.30 14.61
C GLN B 131 -2.93 -1.92 15.07
N SER B 132 -2.83 -3.23 14.88
CA SER B 132 -1.64 -4.02 15.22
C SER B 132 -1.39 -4.87 13.97
N PRO B 133 -0.78 -4.27 12.94
CA PRO B 133 -0.46 -4.89 11.66
C PRO B 133 0.72 -5.87 11.57
N GLU B 134 1.32 -6.22 12.71
CA GLU B 134 2.48 -7.12 12.69
C GLU B 134 2.40 -8.35 11.78
N ALA B 135 1.23 -8.96 11.67
CA ALA B 135 1.07 -10.15 10.82
C ALA B 135 1.49 -9.88 9.38
N HIS B 136 1.08 -8.72 8.86
CA HIS B 136 1.43 -8.34 7.49
C HIS B 136 2.94 -8.37 7.30
N PHE B 137 3.67 -7.99 8.34
CA PHE B 137 5.13 -7.95 8.27
C PHE B 137 5.77 -9.31 8.44
N VAL B 138 5.31 -10.05 9.45
CA VAL B 138 5.83 -11.39 9.70
C VAL B 138 5.63 -12.27 8.47
N HIS B 139 4.51 -12.07 7.78
CA HIS B 139 4.18 -12.85 6.59
C HIS B 139 5.06 -12.49 5.39
N THR B 140 5.74 -11.34 5.48
CA THR B 140 6.59 -10.87 4.39
C THR B 140 8.04 -11.24 4.65
N ALA B 141 8.54 -12.23 3.91
CA ALA B 141 9.93 -12.66 4.07
C ALA B 141 10.92 -11.52 3.84
N GLY B 142 11.88 -11.39 4.73
CA GLY B 142 12.89 -10.34 4.59
C GLY B 142 12.80 -9.23 5.61
N LEU B 143 11.72 -9.22 6.40
CA LEU B 143 11.54 -8.20 7.41
C LEU B 143 11.64 -8.78 8.82
N LYS B 144 12.40 -8.12 9.69
CA LYS B 144 12.47 -8.56 11.07
C LYS B 144 11.40 -7.73 11.76
N VAL B 145 10.73 -8.31 12.75
CA VAL B 145 9.66 -7.62 13.44
C VAL B 145 9.83 -7.67 14.95
N VAL B 146 9.85 -6.49 15.57
CA VAL B 146 10.02 -6.38 17.01
C VAL B 146 8.88 -5.55 17.60
N ALA B 147 8.32 -6.02 18.71
CA ALA B 147 7.22 -5.35 19.40
C ALA B 147 7.55 -5.33 20.89
N VAL B 148 7.96 -4.18 21.41
CA VAL B 148 8.34 -4.06 22.82
C VAL B 148 7.23 -3.73 23.80
N SER B 149 7.45 -4.03 25.08
CA SER B 149 6.46 -3.76 26.13
C SER B 149 6.99 -3.15 27.43
N THR B 150 8.30 -2.86 27.48
CA THR B 150 8.89 -2.25 28.68
C THR B 150 9.97 -1.26 28.26
N PRO B 151 10.20 -0.23 29.09
CA PRO B 151 11.21 0.79 28.78
C PRO B 151 12.60 0.19 28.58
N TYR B 152 12.95 -0.78 29.44
CA TYR B 152 14.24 -1.43 29.35
C TYR B 152 14.42 -2.09 27.96
N ASP B 153 13.41 -2.83 27.52
CA ASP B 153 13.47 -3.49 26.21
C ASP B 153 13.47 -2.47 25.08
N ALA B 154 12.65 -1.44 25.22
CA ALA B 154 12.55 -0.40 24.19
C ALA B 154 13.93 0.14 23.80
N LYS B 155 14.74 0.50 24.80
CA LYS B 155 16.07 1.01 24.51
C LYS B 155 17.02 -0.06 23.98
N GLY B 156 17.06 -1.18 24.69
CA GLY B 156 17.94 -2.26 24.29
C GLY B 156 17.68 -2.78 22.90
N LEU B 157 16.41 -2.98 22.55
CA LEU B 157 16.07 -3.51 21.24
C LEU B 157 16.13 -2.48 20.10
N LEU B 158 15.86 -1.21 20.39
CA LEU B 158 15.93 -0.21 19.33
C LEU B 158 17.40 0.00 18.94
N LYS B 159 18.27 0.01 19.95
CA LYS B 159 19.71 0.16 19.69
C LYS B 159 20.17 -1.05 18.89
N ALA B 160 19.62 -2.22 19.22
CA ALA B 160 19.96 -3.45 18.53
C ALA B 160 19.51 -3.35 17.08
N ALA B 161 18.29 -2.86 16.89
CA ALA B 161 17.72 -2.72 15.56
C ALA B 161 18.57 -1.79 14.70
N ILE B 162 18.95 -0.65 15.27
CA ILE B 162 19.76 0.33 14.56
C ILE B 162 21.11 -0.25 14.12
N ARG B 163 21.63 -1.20 14.90
CA ARG B 163 22.89 -1.83 14.57
C ARG B 163 22.73 -3.04 13.65
N ASP B 164 21.53 -3.58 13.59
CA ASP B 164 21.24 -4.74 12.74
C ASP B 164 21.24 -4.28 11.27
N GLU B 165 21.88 -5.05 10.40
CA GLU B 165 21.94 -4.70 8.98
C GLU B 165 20.67 -5.08 8.23
N ASP B 166 19.85 -5.93 8.85
CA ASP B 166 18.60 -6.38 8.24
C ASP B 166 17.49 -5.38 8.59
N PRO B 167 16.55 -5.17 7.65
CA PRO B 167 15.44 -4.24 7.88
C PRO B 167 14.62 -4.70 9.10
N VAL B 168 14.34 -3.78 10.01
CA VAL B 168 13.57 -4.09 11.21
C VAL B 168 12.32 -3.22 11.34
N VAL B 169 11.16 -3.83 11.54
CA VAL B 169 9.93 -3.07 11.74
C VAL B 169 9.75 -3.12 13.26
N PHE B 170 9.82 -1.93 13.88
CA PHE B 170 9.75 -1.76 15.32
C PHE B 170 8.42 -1.20 15.80
N LEU B 171 7.56 -2.04 16.37
CA LEU B 171 6.27 -1.58 16.88
C LEU B 171 6.35 -1.21 18.36
N GLU B 172 5.80 -0.03 18.68
CA GLU B 172 5.80 0.48 20.05
C GLU B 172 4.36 0.68 20.49
N PRO B 173 3.81 -0.23 21.33
CA PRO B 173 2.43 -0.12 21.81
C PRO B 173 2.25 1.25 22.48
N LYS B 174 1.46 2.12 21.86
CA LYS B 174 1.27 3.47 22.38
C LYS B 174 0.62 3.57 23.76
N ARG B 175 -0.17 2.58 24.15
CA ARG B 175 -0.81 2.63 25.46
C ARG B 175 0.25 2.42 26.54
N LEU B 176 1.42 1.95 26.12
CA LEU B 176 2.52 1.68 27.04
C LEU B 176 3.61 2.75 27.01
N TYR B 177 3.40 3.79 26.22
CA TYR B 177 4.40 4.85 26.10
C TYR B 177 4.86 5.47 27.42
N ARG B 178 3.92 5.67 28.34
CA ARG B 178 4.25 6.26 29.63
C ARG B 178 3.51 5.55 30.76
N SER B 179 2.94 4.39 30.44
CA SER B 179 2.18 3.63 31.43
C SER B 179 2.98 3.28 32.68
N VAL B 180 4.31 3.31 32.59
CA VAL B 180 5.13 2.96 33.73
C VAL B 180 6.55 3.46 33.65
N LYS B 181 7.14 3.74 34.81
CA LYS B 181 8.52 4.20 34.89
C LYS B 181 9.34 3.03 35.40
N GLU B 182 10.33 2.62 34.63
CA GLU B 182 11.17 1.49 34.98
C GLU B 182 12.66 1.84 34.89
N GLU B 183 13.49 1.04 35.55
CA GLU B 183 14.94 1.25 35.56
C GLU B 183 15.59 0.97 34.22
N VAL B 184 16.20 2.00 33.63
CA VAL B 184 16.87 1.87 32.35
C VAL B 184 18.30 2.37 32.44
N PRO B 185 19.27 1.45 32.37
CA PRO B 185 20.69 1.81 32.45
C PRO B 185 21.06 2.92 31.47
N GLU B 186 21.78 3.93 31.95
CA GLU B 186 22.21 5.03 31.11
C GLU B 186 23.34 4.55 30.21
N GLU B 187 24.11 3.58 30.71
CA GLU B 187 25.22 3.05 29.94
C GLU B 187 24.74 2.42 28.65
N ASP B 188 25.67 2.20 27.73
CA ASP B 188 25.36 1.61 26.45
C ASP B 188 25.17 0.10 26.58
N TYR B 189 24.01 -0.38 26.18
CA TYR B 189 23.72 -1.80 26.23
C TYR B 189 22.69 -2.11 25.15
N THR B 190 22.73 -3.32 24.62
CA THR B 190 21.77 -3.72 23.60
C THR B 190 21.10 -4.99 24.10
N LEU B 191 20.10 -5.44 23.36
CA LEU B 191 19.40 -6.67 23.72
C LEU B 191 19.34 -7.51 22.45
N PRO B 192 19.29 -8.84 22.60
CA PRO B 192 19.23 -9.70 21.42
C PRO B 192 17.88 -9.74 20.71
N ILE B 193 17.89 -9.45 19.42
CA ILE B 193 16.68 -9.52 18.63
C ILE B 193 16.49 -11.00 18.35
N GLY B 194 15.29 -11.52 18.61
CA GLY B 194 15.02 -12.92 18.37
C GLY B 194 14.90 -13.72 19.66
N LYS B 195 15.02 -13.03 20.79
CA LYS B 195 14.96 -13.69 22.09
C LYS B 195 13.80 -13.21 22.95
N ALA B 196 12.99 -14.16 23.43
CA ALA B 196 11.86 -13.82 24.29
C ALA B 196 12.38 -13.50 25.69
N ALA B 197 11.48 -13.08 26.57
CA ALA B 197 11.86 -12.75 27.93
C ALA B 197 10.84 -13.29 28.92
N LEU B 198 11.31 -14.00 29.94
CA LEU B 198 10.44 -14.56 30.96
C LEU B 198 10.01 -13.47 31.93
N ARG B 199 8.71 -13.22 32.03
CA ARG B 199 8.23 -12.21 32.95
C ARG B 199 7.89 -12.90 34.26
N ARG B 200 7.58 -14.20 34.17
CA ARG B 200 7.26 -15.00 35.34
C ARG B 200 7.47 -16.46 35.02
N GLU B 201 8.03 -17.18 35.99
CA GLU B 201 8.28 -18.61 35.82
C GLU B 201 7.09 -19.37 36.42
N GLY B 202 6.68 -20.42 35.73
CA GLY B 202 5.54 -21.21 36.20
C GLY B 202 5.57 -22.59 35.61
N LYS B 203 4.70 -23.47 36.08
CA LYS B 203 4.67 -24.82 35.55
C LYS B 203 3.27 -25.39 35.35
N ASP B 204 2.25 -24.59 35.60
CA ASP B 204 0.87 -25.06 35.42
C ASP B 204 0.26 -24.56 34.11
N LEU B 205 0.81 -23.48 33.57
CA LEU B 205 0.28 -22.91 32.35
C LEU B 205 1.27 -21.97 31.70
N THR B 206 1.27 -21.95 30.38
CA THR B 206 2.16 -21.05 29.65
C THR B 206 1.34 -19.95 29.01
N LEU B 207 1.75 -18.71 29.27
CA LEU B 207 1.09 -17.56 28.68
C LEU B 207 2.03 -16.92 27.68
N ILE B 208 1.74 -17.10 26.40
CA ILE B 208 2.56 -16.51 25.35
C ILE B 208 1.91 -15.20 24.93
N CYS B 209 2.71 -14.14 24.93
CA CYS B 209 2.18 -12.82 24.60
C CYS B 209 3.29 -11.86 24.20
N TYR B 210 2.91 -10.61 23.99
CA TYR B 210 3.86 -9.57 23.62
C TYR B 210 3.12 -8.24 23.47
N GLY B 211 3.89 -7.16 23.40
CA GLY B 211 3.34 -5.84 23.20
C GLY B 211 2.14 -5.36 24.00
N THR B 212 1.18 -4.80 23.26
CA THR B 212 -0.05 -4.21 23.79
C THR B 212 -0.77 -4.91 24.95
N VAL B 213 -0.83 -6.23 24.94
CA VAL B 213 -1.56 -6.95 25.97
C VAL B 213 -0.81 -7.32 27.24
N MET B 214 0.46 -6.96 27.34
CA MET B 214 1.23 -7.32 28.53
C MET B 214 0.61 -6.93 29.88
N PRO B 215 0.01 -5.73 29.97
CA PRO B 215 -0.60 -5.35 31.25
C PRO B 215 -1.62 -6.36 31.75
N GLU B 216 -2.62 -6.65 30.94
CA GLU B 216 -3.66 -7.60 31.34
C GLU B 216 -3.12 -9.01 31.57
N VAL B 217 -2.12 -9.42 30.80
CA VAL B 217 -1.56 -10.76 30.95
C VAL B 217 -0.83 -10.92 32.29
N LEU B 218 0.04 -9.96 32.61
CA LEU B 218 0.78 -9.99 33.87
C LEU B 218 -0.22 -9.95 35.04
N GLN B 219 -1.30 -9.20 34.85
CA GLN B 219 -2.32 -9.07 35.86
C GLN B 219 -3.09 -10.39 36.00
N ALA B 220 -3.39 -11.01 34.87
CA ALA B 220 -4.11 -12.27 34.87
C ALA B 220 -3.25 -13.31 35.57
N ALA B 221 -1.94 -13.27 35.31
CA ALA B 221 -1.01 -14.20 35.92
C ALA B 221 -1.00 -14.00 37.43
N ALA B 222 -1.00 -12.75 37.85
CA ALA B 222 -0.99 -12.42 39.27
C ALA B 222 -2.21 -12.99 39.97
N GLU B 223 -3.36 -12.93 39.31
CA GLU B 223 -4.57 -13.47 39.91
C GLU B 223 -4.58 -14.99 39.93
N LEU B 224 -3.89 -15.61 38.98
CA LEU B 224 -3.82 -17.07 38.95
C LEU B 224 -2.99 -17.55 40.13
N ALA B 225 -1.96 -16.79 40.47
CA ALA B 225 -1.08 -17.12 41.59
C ALA B 225 -1.91 -17.14 42.87
N LYS B 226 -2.68 -16.09 43.11
CA LYS B 226 -3.52 -16.01 44.30
C LYS B 226 -4.36 -17.26 44.42
N ALA B 227 -4.79 -17.79 43.27
CA ALA B 227 -5.64 -18.98 43.25
C ALA B 227 -4.83 -20.27 43.23
N GLY B 228 -3.54 -20.18 43.53
CA GLY B 228 -2.71 -21.36 43.55
C GLY B 228 -2.30 -21.91 42.18
N VAL B 229 -2.46 -21.11 41.14
CA VAL B 229 -2.07 -21.55 39.80
C VAL B 229 -0.78 -20.84 39.40
N SER B 230 0.24 -21.61 39.07
CA SER B 230 1.54 -21.06 38.69
C SER B 230 1.68 -20.95 37.17
N ALA B 231 1.43 -19.75 36.63
CA ALA B 231 1.53 -19.51 35.21
C ALA B 231 2.88 -18.93 34.80
N GLU B 232 3.38 -19.37 33.65
CA GLU B 232 4.65 -18.87 33.14
C GLU B 232 4.33 -17.85 32.05
N VAL B 233 4.84 -16.62 32.21
CA VAL B 233 4.59 -15.57 31.24
C VAL B 233 5.82 -15.30 30.36
N LEU B 234 5.66 -15.50 29.07
CA LEU B 234 6.76 -15.31 28.12
C LEU B 234 6.46 -14.19 27.13
N ASP B 235 7.20 -13.08 27.25
CA ASP B 235 7.06 -11.94 26.36
C ASP B 235 7.98 -12.20 25.17
N LEU B 236 7.39 -12.55 24.03
CA LEU B 236 8.17 -12.87 22.84
C LEU B 236 9.12 -11.76 22.41
N ARG B 237 8.68 -10.51 22.52
CA ARG B 237 9.48 -9.36 22.14
C ARG B 237 9.76 -9.31 20.63
N THR B 238 10.37 -10.34 20.09
CA THR B 238 10.64 -10.39 18.65
C THR B 238 9.66 -11.37 18.01
N LEU B 239 8.95 -10.90 16.98
CA LEU B 239 7.98 -11.75 16.31
C LEU B 239 8.58 -12.47 15.10
N MET B 240 9.65 -11.91 14.56
CA MET B 240 10.32 -12.50 13.40
C MET B 240 11.78 -12.08 13.37
N PRO B 241 12.69 -13.03 13.60
CA PRO B 241 12.37 -14.43 13.89
C PRO B 241 12.03 -14.59 15.36
N TRP B 242 10.98 -15.36 15.68
CA TRP B 242 10.62 -15.54 17.07
C TRP B 242 11.40 -16.64 17.81
N ASP B 243 11.44 -16.52 19.13
CA ASP B 243 12.16 -17.46 19.98
C ASP B 243 11.52 -18.84 20.04
N TYR B 244 11.80 -19.66 19.03
CA TYR B 244 11.24 -21.00 18.94
C TYR B 244 11.49 -21.85 20.17
N GLU B 245 12.75 -21.90 20.61
CA GLU B 245 13.12 -22.72 21.77
C GLU B 245 12.46 -22.29 23.08
N ALA B 246 12.44 -21.00 23.35
CA ALA B 246 11.83 -20.50 24.59
C ALA B 246 10.37 -20.95 24.65
N VAL B 247 9.70 -20.88 23.51
CA VAL B 247 8.30 -21.26 23.45
C VAL B 247 8.10 -22.75 23.71
N MET B 248 8.79 -23.59 22.92
CA MET B 248 8.66 -25.03 23.06
C MET B 248 9.11 -25.56 24.43
N ASN B 249 10.19 -25.00 24.97
CA ASN B 249 10.65 -25.45 26.27
C ASN B 249 9.55 -25.21 27.31
N SER B 250 8.99 -24.01 27.29
CA SER B 250 7.93 -23.66 28.22
C SER B 250 6.70 -24.54 28.07
N VAL B 251 6.20 -24.68 26.84
CA VAL B 251 5.03 -25.49 26.60
C VAL B 251 5.29 -26.96 26.92
N ALA B 252 6.50 -27.44 26.65
CA ALA B 252 6.84 -28.82 26.94
C ALA B 252 6.72 -29.06 28.44
N LYS B 253 7.13 -28.08 29.23
CA LYS B 253 7.08 -28.17 30.68
C LYS B 253 5.68 -28.12 31.27
N THR B 254 4.89 -27.12 30.87
CA THR B 254 3.53 -26.94 31.39
C THR B 254 2.46 -27.77 30.70
N GLY B 255 2.65 -28.05 29.41
CA GLY B 255 1.67 -28.83 28.69
C GLY B 255 0.39 -28.10 28.31
N ARG B 256 0.25 -26.86 28.75
CA ARG B 256 -0.93 -26.08 28.40
C ARG B 256 -0.55 -24.64 28.11
N VAL B 257 -1.05 -24.14 26.99
CA VAL B 257 -0.73 -22.78 26.57
C VAL B 257 -1.89 -21.96 26.06
N VAL B 258 -1.85 -20.67 26.38
CA VAL B 258 -2.84 -19.69 25.96
C VAL B 258 -2.03 -18.59 25.29
N LEU B 259 -2.37 -18.23 24.07
CA LEU B 259 -1.65 -17.17 23.35
C LEU B 259 -2.50 -15.92 23.33
N VAL B 260 -1.89 -14.78 23.68
CA VAL B 260 -2.60 -13.52 23.77
C VAL B 260 -2.03 -12.38 22.91
N SER B 261 -2.93 -11.64 22.25
CA SER B 261 -2.56 -10.51 21.40
C SER B 261 -3.81 -9.71 21.06
N ASP B 262 -3.66 -8.44 20.75
CA ASP B 262 -4.80 -7.61 20.41
C ASP B 262 -4.98 -7.53 18.89
N ALA B 263 -4.11 -8.22 18.14
CA ALA B 263 -4.20 -8.24 16.69
C ALA B 263 -5.37 -9.13 16.29
N PRO B 264 -6.02 -8.85 15.15
CA PRO B 264 -7.15 -9.67 14.70
C PRO B 264 -6.73 -11.14 14.63
N ARG B 265 -7.66 -12.02 14.97
CA ARG B 265 -7.42 -13.45 14.99
C ARG B 265 -6.95 -14.08 13.67
N HIS B 266 -7.79 -14.01 12.64
CA HIS B 266 -7.47 -14.66 11.37
C HIS B 266 -6.11 -14.37 10.76
N ALA B 267 -5.33 -15.44 10.57
CA ALA B 267 -4.01 -15.38 9.99
C ALA B 267 -3.09 -14.45 10.76
N SER B 268 -3.29 -14.36 12.07
CA SER B 268 -2.45 -13.49 12.90
C SER B 268 -1.15 -14.18 13.26
N PHE B 269 -0.29 -13.44 13.94
CA PHE B 269 0.98 -14.00 14.36
C PHE B 269 0.80 -15.07 15.44
N VAL B 270 -0.10 -14.87 16.39
CA VAL B 270 -0.29 -15.87 17.42
C VAL B 270 -0.83 -17.14 16.81
N SER B 271 -1.58 -17.01 15.73
CA SER B 271 -2.12 -18.19 15.05
C SER B 271 -0.93 -19.00 14.51
N GLU B 272 0.12 -18.29 14.09
CA GLU B 272 1.31 -18.95 13.56
C GLU B 272 2.00 -19.75 14.64
N VAL B 273 2.24 -19.10 15.78
CA VAL B 273 2.89 -19.74 16.90
C VAL B 273 2.09 -20.96 17.37
N ALA B 274 0.77 -20.79 17.46
CA ALA B 274 -0.12 -21.86 17.90
C ALA B 274 -0.08 -23.06 16.96
N ALA B 275 -0.11 -22.78 15.66
CA ALA B 275 -0.09 -23.85 14.66
C ALA B 275 1.24 -24.59 14.70
N THR B 276 2.29 -23.87 15.03
CA THR B 276 3.63 -24.44 15.11
C THR B 276 3.75 -25.29 16.37
N ILE B 277 3.06 -24.89 17.42
CA ILE B 277 3.07 -25.64 18.68
C ILE B 277 2.34 -26.97 18.46
N ALA B 278 1.20 -26.91 17.80
CA ALA B 278 0.41 -28.11 17.52
C ALA B 278 1.15 -29.05 16.59
N GLU B 279 1.90 -28.48 15.64
CA GLU B 279 2.64 -29.27 14.67
C GLU B 279 3.91 -29.93 15.21
N ASP B 280 4.60 -29.24 16.13
CA ASP B 280 5.84 -29.76 16.69
C ASP B 280 5.76 -30.41 18.06
N LEU B 281 4.80 -30.00 18.89
CA LEU B 281 4.69 -30.57 20.24
C LEU B 281 3.33 -31.17 20.59
N LEU B 282 2.63 -31.75 19.63
CA LEU B 282 1.34 -32.34 19.94
C LEU B 282 1.44 -33.30 21.13
N ASP B 283 2.50 -34.10 21.16
CA ASP B 283 2.73 -35.07 22.22
C ASP B 283 2.86 -34.46 23.61
N MET B 284 3.26 -33.19 23.68
CA MET B 284 3.44 -32.51 24.94
C MET B 284 2.21 -31.71 25.38
N LEU B 285 1.18 -31.69 24.54
CA LEU B 285 -0.02 -30.93 24.86
C LEU B 285 -1.03 -31.64 25.73
N LEU B 286 -1.39 -31.00 26.84
CA LEU B 286 -2.37 -31.55 27.77
C LEU B 286 -3.71 -30.90 27.48
N ALA B 287 -3.65 -29.75 26.80
CA ALA B 287 -4.84 -29.00 26.44
C ALA B 287 -4.62 -28.34 25.08
N PRO B 288 -5.70 -27.99 24.38
CA PRO B 288 -5.60 -27.35 23.06
C PRO B 288 -4.95 -25.98 23.16
N PRO B 289 -4.18 -25.58 22.14
CA PRO B 289 -3.56 -24.25 22.22
C PRO B 289 -4.73 -23.27 22.12
N ILE B 290 -4.87 -22.42 23.13
CA ILE B 290 -5.98 -21.47 23.12
C ILE B 290 -5.48 -20.06 22.80
N ARG B 291 -6.15 -19.42 21.84
CA ARG B 291 -5.79 -18.07 21.44
C ARG B 291 -6.77 -17.02 21.89
N VAL B 292 -6.26 -15.99 22.57
CA VAL B 292 -7.07 -14.86 23.01
C VAL B 292 -6.54 -13.74 22.14
N THR B 293 -7.35 -13.33 21.16
CA THR B 293 -6.92 -12.31 20.22
C THR B 293 -7.95 -11.21 20.00
N GLY B 294 -7.59 -10.22 19.20
CA GLY B 294 -8.53 -9.16 18.89
C GLY B 294 -9.55 -9.84 18.00
N PHE B 295 -10.77 -9.32 17.93
CA PHE B 295 -11.79 -9.94 17.09
C PHE B 295 -11.57 -9.62 15.62
N ASP B 296 -12.14 -10.45 14.76
CA ASP B 296 -11.99 -10.25 13.32
C ASP B 296 -12.91 -9.16 12.81
N THR B 297 -12.67 -7.95 13.31
CA THR B 297 -13.45 -6.78 12.94
C THR B 297 -12.48 -5.60 12.89
N PRO B 298 -12.90 -4.49 12.27
CA PRO B 298 -12.00 -3.33 12.24
C PRO B 298 -12.00 -2.87 13.70
N TYR B 299 -10.98 -2.15 14.15
CA TYR B 299 -10.97 -1.74 15.55
C TYR B 299 -12.08 -0.74 15.88
N PRO B 300 -13.04 -1.15 16.74
CA PRO B 300 -14.18 -0.32 17.14
C PRO B 300 -13.84 0.75 18.17
N TYR B 301 -14.47 1.92 18.04
CA TYR B 301 -14.24 3.02 18.96
C TYR B 301 -15.02 2.85 20.26
N ALA B 302 -16.35 2.76 20.13
CA ALA B 302 -17.21 2.62 21.29
C ALA B 302 -16.82 1.45 22.19
N GLN B 303 -16.60 0.28 21.57
CA GLN B 303 -16.24 -0.92 22.30
C GLN B 303 -14.73 -1.10 22.47
N ASP B 304 -13.99 0.00 22.44
CA ASP B 304 -12.54 -0.03 22.58
C ASP B 304 -12.02 -0.98 23.67
N LYS B 305 -12.57 -0.87 24.87
CA LYS B 305 -12.13 -1.70 26.00
C LYS B 305 -12.64 -3.13 26.02
N LEU B 306 -13.56 -3.46 25.11
CA LEU B 306 -14.08 -4.81 25.01
C LEU B 306 -13.35 -5.54 23.89
N TYR B 307 -12.84 -4.79 22.92
CA TYR B 307 -12.11 -5.41 21.82
C TYR B 307 -10.77 -5.88 22.36
N LEU B 308 -10.06 -4.98 23.04
CA LEU B 308 -8.76 -5.29 23.64
C LEU B 308 -9.00 -6.36 24.71
N PRO B 309 -8.27 -7.50 24.64
CA PRO B 309 -8.45 -8.56 25.62
C PRO B 309 -8.46 -8.06 27.07
N THR B 310 -9.41 -8.55 27.86
CA THR B 310 -9.51 -8.17 29.25
C THR B 310 -8.91 -9.27 30.12
N VAL B 311 -8.60 -8.94 31.37
CA VAL B 311 -8.04 -9.93 32.29
C VAL B 311 -9.04 -11.08 32.40
N THR B 312 -10.32 -10.75 32.45
CA THR B 312 -11.36 -11.75 32.55
C THR B 312 -11.28 -12.70 31.35
N ARG B 313 -11.20 -12.13 30.16
CA ARG B 313 -11.11 -12.90 28.92
C ARG B 313 -9.92 -13.86 29.01
N ILE B 314 -8.77 -13.34 29.43
CA ILE B 314 -7.57 -14.15 29.56
C ILE B 314 -7.76 -15.24 30.63
N LEU B 315 -8.37 -14.88 31.75
CA LEU B 315 -8.61 -15.85 32.83
C LEU B 315 -9.54 -16.96 32.37
N ASN B 316 -10.57 -16.60 31.61
CA ASN B 316 -11.52 -17.59 31.11
C ASN B 316 -10.82 -18.59 30.22
N ALA B 317 -9.88 -18.11 29.40
CA ALA B 317 -9.14 -18.99 28.49
C ALA B 317 -8.22 -19.89 29.31
N ALA B 318 -7.54 -19.31 30.28
CA ALA B 318 -6.63 -20.07 31.13
C ALA B 318 -7.41 -21.19 31.82
N LYS B 319 -8.60 -20.86 32.33
CA LYS B 319 -9.44 -21.84 33.00
C LYS B 319 -9.75 -23.03 32.11
N ARG B 320 -10.11 -22.76 30.84
CA ARG B 320 -10.42 -23.84 29.91
C ARG B 320 -9.20 -24.72 29.67
N ALA B 321 -8.01 -24.10 29.65
CA ALA B 321 -6.78 -24.85 29.43
C ALA B 321 -6.45 -25.73 30.62
N LEU B 322 -6.62 -25.18 31.82
CA LEU B 322 -6.33 -25.91 33.04
C LEU B 322 -7.33 -27.03 33.30
N ASP B 323 -8.60 -26.76 33.02
CA ASP B 323 -9.68 -27.72 33.24
C ASP B 323 -9.81 -28.78 32.16
N TYR B 324 -9.14 -28.59 31.03
CA TYR B 324 -9.22 -29.55 29.94
C TYR B 324 -8.75 -30.96 30.33
N ARG C 7 -16.28 33.38 -15.76
CA ARG C 7 -15.13 32.46 -15.60
C ARG C 7 -13.99 33.17 -14.87
N PHE C 8 -13.42 32.50 -13.86
CA PHE C 8 -12.32 33.08 -13.09
C PHE C 8 -10.99 32.67 -13.69
N GLU C 9 -9.95 33.45 -13.42
CA GLU C 9 -8.64 33.14 -13.96
C GLU C 9 -8.01 31.96 -13.22
N THR C 10 -7.45 31.05 -14.00
CA THR C 10 -6.80 29.86 -13.45
C THR C 10 -5.34 30.15 -13.15
N PHE C 11 -4.77 29.40 -12.23
CA PHE C 11 -3.37 29.54 -11.86
C PHE C 11 -2.91 30.97 -11.57
N THR C 12 -3.75 31.75 -10.89
CA THR C 12 -3.38 33.12 -10.57
C THR C 12 -2.27 33.19 -9.53
N GLU C 13 -1.53 34.29 -9.58
CA GLU C 13 -0.43 34.57 -8.68
C GLU C 13 -0.98 34.82 -7.29
N GLU C 14 -1.97 35.72 -7.22
CA GLU C 14 -2.61 36.06 -5.97
C GLU C 14 -3.93 35.34 -5.86
N PRO C 15 -4.30 34.88 -4.67
CA PRO C 15 -5.58 34.18 -4.55
C PRO C 15 -6.74 35.07 -4.97
N ILE C 16 -7.71 34.48 -5.65
CA ILE C 16 -8.89 35.19 -6.10
C ILE C 16 -9.66 35.72 -4.89
N ARG C 17 -10.04 36.99 -4.95
CA ARG C 17 -10.76 37.61 -3.86
C ARG C 17 -11.92 38.45 -4.38
N LEU C 18 -13.04 38.41 -3.67
CA LEU C 18 -14.23 39.15 -4.06
C LEU C 18 -14.72 40.16 -3.02
N ILE C 19 -14.33 39.94 -1.76
CA ILE C 19 -14.73 40.84 -0.67
C ILE C 19 -13.56 41.72 -0.27
N GLY C 20 -13.73 43.02 -0.46
CA GLY C 20 -12.68 43.96 -0.12
C GLY C 20 -12.44 44.09 1.38
N GLU C 21 -11.37 44.79 1.72
CA GLU C 21 -10.99 45.03 3.10
C GLU C 21 -12.09 45.77 3.88
N GLU C 22 -12.77 46.70 3.20
CA GLU C 22 -13.83 47.47 3.83
C GLU C 22 -15.23 46.93 3.51
N GLY C 23 -15.30 45.64 3.20
CA GLY C 23 -16.59 45.03 2.90
C GLY C 23 -17.17 45.35 1.54
N GLU C 24 -16.34 45.83 0.62
CA GLU C 24 -16.82 46.17 -0.71
C GLU C 24 -16.68 45.00 -1.69
N TRP C 25 -17.54 44.99 -2.71
CA TRP C 25 -17.54 43.95 -3.73
C TRP C 25 -16.44 44.26 -4.74
N LEU C 26 -15.64 43.25 -5.09
CA LEU C 26 -14.52 43.42 -6.02
C LEU C 26 -14.64 42.68 -7.36
N GLY C 27 -15.74 41.95 -7.57
CA GLY C 27 -15.88 41.21 -8.80
C GLY C 27 -16.13 42.04 -10.05
N ASP C 28 -15.74 41.51 -11.21
CA ASP C 28 -15.94 42.19 -12.48
C ASP C 28 -17.43 42.18 -12.78
N PHE C 29 -18.04 41.02 -12.58
CA PHE C 29 -19.47 40.87 -12.80
C PHE C 29 -20.22 41.42 -11.60
N PRO C 30 -21.50 41.75 -11.79
CA PRO C 30 -22.27 42.28 -10.66
C PRO C 30 -22.67 41.11 -9.76
N LEU C 31 -22.78 41.39 -8.46
CA LEU C 31 -23.17 40.37 -7.49
C LEU C 31 -24.59 39.90 -7.78
N ASP C 32 -24.76 38.60 -7.99
CA ASP C 32 -26.09 38.08 -8.30
C ASP C 32 -26.72 37.16 -7.27
N LEU C 33 -26.30 37.28 -6.01
CA LEU C 33 -26.88 36.49 -4.94
C LEU C 33 -27.84 37.40 -4.17
N GLU C 34 -29.07 36.95 -3.97
CA GLU C 34 -30.05 37.76 -3.25
C GLU C 34 -29.65 37.97 -1.80
N GLY C 35 -30.07 39.09 -1.23
CA GLY C 35 -29.75 39.40 0.15
C GLY C 35 -30.04 38.26 1.10
N GLU C 36 -31.12 37.51 0.82
CA GLU C 36 -31.49 36.38 1.67
C GLU C 36 -30.43 35.29 1.66
N LYS C 37 -29.89 35.00 0.48
CA LYS C 37 -28.87 33.97 0.34
C LYS C 37 -27.60 34.42 1.04
N LEU C 38 -27.28 35.71 0.92
CA LEU C 38 -26.09 36.23 1.56
C LEU C 38 -26.20 36.07 3.07
N ARG C 39 -27.34 36.48 3.63
CA ARG C 39 -27.56 36.35 5.07
C ARG C 39 -27.48 34.87 5.47
N ARG C 40 -27.95 33.98 4.61
CA ARG C 40 -27.89 32.55 4.90
C ARG C 40 -26.44 32.07 5.01
N LEU C 41 -25.58 32.57 4.12
CA LEU C 41 -24.18 32.18 4.15
C LEU C 41 -23.57 32.55 5.50
N TYR C 42 -23.87 33.76 5.96
CA TYR C 42 -23.35 34.25 7.24
C TYR C 42 -23.90 33.43 8.41
N ARG C 43 -25.20 33.17 8.35
CA ARG C 43 -25.87 32.40 9.39
C ARG C 43 -25.17 31.06 9.55
N ASP C 44 -24.97 30.36 8.43
CA ASP C 44 -24.30 29.05 8.45
C ASP C 44 -22.87 29.15 8.96
N MET C 45 -22.18 30.24 8.63
CA MET C 45 -20.81 30.42 9.11
C MET C 45 -20.82 30.53 10.64
N LEU C 46 -21.73 31.33 11.18
CA LEU C 46 -21.83 31.48 12.63
C LEU C 46 -22.13 30.13 13.28
N ALA C 47 -23.05 29.38 12.70
CA ALA C 47 -23.43 28.09 13.24
C ALA C 47 -22.22 27.15 13.24
N ALA C 48 -21.48 27.13 12.14
CA ALA C 48 -20.30 26.28 12.03
C ALA C 48 -19.27 26.67 13.09
N ARG C 49 -19.07 27.97 13.26
CA ARG C 49 -18.12 28.49 14.24
C ARG C 49 -18.54 28.11 15.66
N MET C 50 -19.82 28.23 15.95
CA MET C 50 -20.32 27.92 17.27
C MET C 50 -20.31 26.42 17.54
N LEU C 51 -20.41 25.62 16.48
CA LEU C 51 -20.34 24.17 16.64
C LEU C 51 -18.92 23.83 17.06
N ASP C 52 -17.96 24.47 16.38
CA ASP C 52 -16.56 24.25 16.67
C ASP C 52 -16.24 24.62 18.10
N GLU C 53 -16.79 25.74 18.56
CA GLU C 53 -16.54 26.20 19.92
C GLU C 53 -17.24 25.31 20.96
N ARG C 54 -18.28 24.60 20.53
CA ARG C 54 -18.97 23.69 21.44
C ARG C 54 -18.11 22.44 21.56
N TYR C 55 -17.38 22.11 20.48
CA TYR C 55 -16.50 20.95 20.47
C TYR C 55 -15.36 21.16 21.46
N THR C 56 -14.93 22.41 21.58
CA THR C 56 -13.87 22.74 22.51
C THR C 56 -14.35 22.43 23.92
N ILE C 57 -15.60 22.76 24.18
CA ILE C 57 -16.19 22.51 25.48
C ILE C 57 -16.34 21.00 25.73
N LEU C 58 -16.74 20.27 24.68
CA LEU C 58 -16.91 18.82 24.81
C LEU C 58 -15.58 18.18 25.17
N ILE C 59 -14.49 18.72 24.62
CA ILE C 59 -13.16 18.19 24.88
C ILE C 59 -12.74 18.53 26.31
N ARG C 60 -13.02 19.76 26.73
CA ARG C 60 -12.67 20.20 28.08
C ARG C 60 -13.32 19.37 29.17
N THR C 61 -14.56 18.95 28.95
CA THR C 61 -15.27 18.16 29.95
C THR C 61 -15.16 16.67 29.65
N GLY C 62 -14.36 16.34 28.64
CA GLY C 62 -14.16 14.94 28.28
C GLY C 62 -15.38 14.20 27.78
N LYS C 63 -16.38 14.92 27.26
CA LYS C 63 -17.57 14.25 26.74
C LYS C 63 -17.22 13.64 25.39
N THR C 64 -16.11 14.09 24.81
CA THR C 64 -15.60 13.56 23.55
C THR C 64 -14.11 13.41 23.80
N SER C 65 -13.46 12.53 23.05
CA SER C 65 -12.02 12.28 23.25
C SER C 65 -11.12 12.89 22.21
N PHE C 66 -11.71 13.46 21.16
CA PHE C 66 -10.90 14.01 20.10
C PHE C 66 -11.68 15.02 19.26
N ILE C 67 -11.04 16.13 18.92
CA ILE C 67 -11.65 17.13 18.07
C ILE C 67 -10.61 17.65 17.09
N ALA C 68 -11.05 18.07 15.92
CA ALA C 68 -10.16 18.60 14.91
C ALA C 68 -10.68 20.02 14.64
N PRO C 69 -10.15 21.02 15.38
CA PRO C 69 -10.54 22.42 15.24
C PRO C 69 -10.66 22.88 13.79
N ALA C 70 -11.79 23.49 13.45
CA ALA C 70 -12.05 23.96 12.10
C ALA C 70 -12.30 25.46 12.05
N ALA C 71 -12.07 26.16 13.16
CA ALA C 71 -12.28 27.60 13.18
C ALA C 71 -11.33 28.21 12.15
N GLY C 72 -11.89 28.95 11.21
CA GLY C 72 -11.08 29.56 10.17
C GLY C 72 -11.41 28.94 8.83
N HIS C 73 -12.14 27.82 8.86
CA HIS C 73 -12.55 27.11 7.65
C HIS C 73 -14.01 27.41 7.28
N GLU C 74 -14.70 28.19 8.11
CA GLU C 74 -16.11 28.50 7.87
C GLU C 74 -16.47 29.02 6.48
N ALA C 75 -15.69 29.95 5.94
CA ALA C 75 -15.99 30.49 4.62
C ALA C 75 -15.88 29.41 3.56
N ALA C 76 -14.81 28.62 3.65
CA ALA C 76 -14.58 27.55 2.70
C ALA C 76 -15.64 26.46 2.80
N GLN C 77 -15.84 25.94 4.00
CA GLN C 77 -16.81 24.88 4.21
C GLN C 77 -18.26 25.26 3.89
N VAL C 78 -18.68 26.46 4.29
CA VAL C 78 -20.04 26.91 4.01
C VAL C 78 -20.22 27.21 2.52
N ALA C 79 -19.20 27.77 1.89
CA ALA C 79 -19.26 28.08 0.47
C ALA C 79 -19.47 26.80 -0.33
N ILE C 80 -18.74 25.75 0.05
CA ILE C 80 -18.85 24.46 -0.62
C ILE C 80 -20.24 23.89 -0.47
N ALA C 81 -20.77 23.91 0.75
CA ALA C 81 -22.10 23.38 1.01
C ALA C 81 -23.15 24.03 0.12
N HIS C 82 -22.98 25.33 -0.16
CA HIS C 82 -23.93 26.07 -0.97
C HIS C 82 -23.68 26.07 -2.47
N ALA C 83 -22.49 25.65 -2.89
CA ALA C 83 -22.17 25.61 -4.30
C ALA C 83 -22.67 24.32 -4.95
N ILE C 84 -23.03 23.34 -4.13
CA ILE C 84 -23.53 22.07 -4.65
C ILE C 84 -25.00 21.89 -4.27
N ARG C 85 -25.56 20.75 -4.66
CA ARG C 85 -26.96 20.45 -4.37
C ARG C 85 -27.07 19.36 -3.31
N PRO C 86 -27.12 19.75 -2.03
CA PRO C 86 -27.21 18.77 -0.95
C PRO C 86 -28.32 17.74 -1.14
N GLY C 87 -27.97 16.47 -0.96
CA GLY C 87 -28.94 15.41 -1.13
C GLY C 87 -28.90 14.86 -2.55
N PHE C 88 -28.29 15.61 -3.45
CA PHE C 88 -28.19 15.19 -4.85
C PHE C 88 -26.72 14.91 -5.15
N ASP C 89 -25.88 15.94 -5.04
CA ASP C 89 -24.46 15.75 -5.28
C ASP C 89 -23.83 14.98 -4.11
N TRP C 90 -22.63 14.44 -4.33
CA TRP C 90 -21.93 13.69 -3.29
C TRP C 90 -20.76 14.48 -2.73
N VAL C 91 -20.46 14.23 -1.46
CA VAL C 91 -19.34 14.90 -0.80
C VAL C 91 -18.42 13.85 -0.18
N PHE C 92 -17.14 13.97 -0.46
CA PHE C 92 -16.12 13.08 0.11
C PHE C 92 -15.26 13.99 0.97
N PRO C 93 -15.64 14.15 2.25
CA PRO C 93 -14.95 14.99 3.23
C PRO C 93 -13.84 14.30 3.99
N TYR C 94 -13.15 15.09 4.80
CA TYR C 94 -12.09 14.56 5.65
C TYR C 94 -12.44 15.00 7.08
N TYR C 95 -11.70 14.50 8.06
CA TYR C 95 -11.99 14.77 9.48
C TYR C 95 -12.24 16.20 9.96
N ARG C 96 -11.76 17.20 9.22
CA ARG C 96 -11.96 18.58 9.66
C ARG C 96 -13.20 19.26 9.07
N ASP C 97 -14.03 18.51 8.34
CA ASP C 97 -15.22 19.12 7.73
C ASP C 97 -16.55 19.11 8.49
N HIS C 98 -16.54 19.15 9.81
CA HIS C 98 -17.82 19.15 10.50
C HIS C 98 -18.64 20.40 10.17
N GLY C 99 -17.97 21.50 9.84
CA GLY C 99 -18.67 22.72 9.48
C GLY C 99 -19.41 22.55 8.17
N LEU C 100 -18.77 21.86 7.23
CA LEU C 100 -19.35 21.57 5.93
C LEU C 100 -20.55 20.64 6.17
N ALA C 101 -20.37 19.66 7.05
CA ALA C 101 -21.43 18.72 7.38
C ALA C 101 -22.68 19.46 7.85
N LEU C 102 -22.49 20.37 8.80
CA LEU C 102 -23.59 21.15 9.35
C LEU C 102 -24.29 21.99 8.28
N ALA C 103 -23.50 22.78 7.55
CA ALA C 103 -24.07 23.64 6.51
C ALA C 103 -24.78 22.83 5.43
N LEU C 104 -24.36 21.58 5.26
CA LEU C 104 -24.94 20.70 4.26
C LEU C 104 -26.32 20.22 4.72
N GLY C 105 -26.57 20.25 6.02
CA GLY C 105 -27.85 19.83 6.54
C GLY C 105 -27.88 18.60 7.43
N ILE C 106 -26.72 18.03 7.73
CA ILE C 106 -26.71 16.86 8.59
C ILE C 106 -27.11 17.31 10.00
N PRO C 107 -28.15 16.69 10.58
CA PRO C 107 -28.64 17.02 11.92
C PRO C 107 -27.55 17.06 12.98
N LEU C 108 -27.64 18.03 13.88
CA LEU C 108 -26.67 18.15 14.96
C LEU C 108 -26.71 16.86 15.78
N LYS C 109 -27.89 16.27 15.88
CA LYS C 109 -28.10 15.02 16.62
C LYS C 109 -27.11 13.96 16.13
N GLU C 110 -26.98 13.85 14.81
CA GLU C 110 -26.09 12.88 14.19
C GLU C 110 -24.61 13.25 14.31
N LEU C 111 -24.30 14.53 14.17
CA LEU C 111 -22.93 14.98 14.30
C LEU C 111 -22.46 14.79 15.74
N LEU C 112 -23.28 15.25 16.69
CA LEU C 112 -22.94 15.13 18.11
C LEU C 112 -23.01 13.67 18.54
N GLY C 113 -23.91 12.91 17.94
CA GLY C 113 -24.02 11.51 18.26
C GLY C 113 -22.75 10.75 17.92
N GLN C 114 -22.11 11.12 16.81
CA GLN C 114 -20.87 10.47 16.39
C GLN C 114 -19.71 10.95 17.26
N MET C 115 -19.75 12.21 17.69
CA MET C 115 -18.70 12.76 18.54
C MET C 115 -18.72 12.06 19.90
N LEU C 116 -19.92 11.79 20.40
CA LEU C 116 -20.12 11.15 21.70
C LEU C 116 -20.26 9.63 21.62
N ALA C 117 -20.34 9.11 20.40
CA ALA C 117 -20.46 7.68 20.16
C ALA C 117 -21.71 7.09 20.82
N THR C 118 -22.86 7.70 20.59
CA THR C 118 -24.10 7.19 21.15
C THR C 118 -24.89 6.56 20.00
N LYS C 119 -26.04 5.99 20.32
CA LYS C 119 -26.87 5.35 19.30
C LYS C 119 -27.43 6.38 18.32
N ALA C 120 -27.22 7.66 18.62
CA ALA C 120 -27.70 8.73 17.75
C ALA C 120 -26.81 8.82 16.51
N ASP C 121 -25.64 8.20 16.58
CA ASP C 121 -24.70 8.20 15.47
C ASP C 121 -25.10 7.16 14.45
N PRO C 122 -25.44 7.60 13.23
CA PRO C 122 -25.84 6.63 12.21
C PRO C 122 -24.68 5.70 11.84
N ASN C 123 -23.48 6.09 12.26
CA ASN C 123 -22.28 5.29 12.01
C ASN C 123 -22.04 4.38 13.22
N LYS C 124 -23.01 4.36 14.11
CA LYS C 124 -23.00 3.49 15.29
C LYS C 124 -21.79 3.51 16.23
N GLY C 125 -21.16 4.66 16.38
CA GLY C 125 -20.01 4.74 17.28
C GLY C 125 -18.86 3.84 16.89
N ARG C 126 -18.78 3.50 15.62
CA ARG C 126 -17.73 2.62 15.12
C ARG C 126 -16.35 3.28 15.08
N GLN C 127 -16.31 4.60 14.89
CA GLN C 127 -15.05 5.31 14.80
C GLN C 127 -14.84 6.39 15.84
N MET C 128 -13.62 6.88 15.92
CA MET C 128 -13.35 7.93 16.88
C MET C 128 -13.99 9.22 16.38
N PRO C 129 -14.13 10.23 17.25
CA PRO C 129 -14.74 11.52 16.92
C PRO C 129 -14.22 12.15 15.63
N GLU C 130 -15.04 13.03 15.07
CA GLU C 130 -14.74 13.74 13.83
C GLU C 130 -14.78 12.82 12.60
N HIS C 131 -15.62 11.80 12.64
CA HIS C 131 -15.77 10.89 11.52
C HIS C 131 -17.23 10.76 11.13
N PRO C 132 -17.90 11.89 10.85
CA PRO C 132 -19.32 11.85 10.46
C PRO C 132 -19.54 11.19 9.11
N GLY C 133 -20.78 10.83 8.84
CA GLY C 133 -21.14 10.19 7.59
C GLY C 133 -22.64 10.13 7.48
N SER C 134 -23.18 10.50 6.33
CA SER C 134 -24.62 10.48 6.15
C SER C 134 -25.08 9.98 4.78
N LYS C 135 -25.76 8.84 4.78
CA LYS C 135 -26.28 8.26 3.55
C LYS C 135 -27.29 9.21 2.90
N ALA C 136 -28.19 9.73 3.72
CA ALA C 136 -29.23 10.65 3.26
C ALA C 136 -28.69 11.88 2.54
N LEU C 137 -27.56 12.41 2.98
CA LEU C 137 -26.99 13.59 2.35
C LEU C 137 -25.74 13.32 1.52
N ASN C 138 -25.55 12.07 1.11
CA ASN C 138 -24.41 11.65 0.31
C ASN C 138 -23.09 12.16 0.85
N PHE C 139 -22.92 12.05 2.16
CA PHE C 139 -21.73 12.51 2.86
C PHE C 139 -20.96 11.24 3.19
N PHE C 140 -20.05 10.86 2.29
CA PHE C 140 -19.27 9.64 2.42
C PHE C 140 -18.53 9.60 3.76
N THR C 141 -18.90 8.65 4.61
CA THR C 141 -18.29 8.55 5.93
C THR C 141 -16.78 8.72 5.94
N VAL C 142 -16.35 9.66 6.76
CA VAL C 142 -14.93 9.99 6.90
C VAL C 142 -14.08 8.78 7.26
N ALA C 143 -12.88 8.74 6.70
CA ALA C 143 -11.92 7.69 7.00
C ALA C 143 -10.71 8.48 7.47
N SER C 144 -10.03 8.00 8.50
CA SER C 144 -8.88 8.71 9.07
C SER C 144 -7.75 9.09 8.10
N PRO C 145 -7.25 8.13 7.31
CA PRO C 145 -6.17 8.50 6.39
C PRO C 145 -6.41 9.80 5.63
N ILE C 146 -5.36 10.60 5.55
CA ILE C 146 -5.39 11.91 4.92
C ILE C 146 -5.94 12.00 3.49
N ALA C 147 -5.61 11.04 2.64
CA ALA C 147 -6.05 11.11 1.24
C ALA C 147 -6.73 9.88 0.68
N SER C 148 -7.02 8.89 1.53
CA SER C 148 -7.63 7.65 1.06
C SER C 148 -8.99 7.79 0.40
N HIS C 149 -9.68 8.90 0.66
CA HIS C 149 -10.99 9.12 0.07
C HIS C 149 -10.96 9.75 -1.32
N VAL C 150 -9.77 10.10 -1.80
CA VAL C 150 -9.68 10.71 -3.11
C VAL C 150 -10.00 9.72 -4.24
N PRO C 151 -9.37 8.54 -4.26
CA PRO C 151 -9.71 7.61 -5.34
C PRO C 151 -11.22 7.29 -5.36
N PRO C 152 -11.82 7.00 -4.19
CA PRO C 152 -13.26 6.69 -4.12
C PRO C 152 -14.09 7.84 -4.72
N ALA C 153 -13.72 9.08 -4.41
CA ALA C 153 -14.43 10.24 -4.95
C ALA C 153 -14.41 10.19 -6.49
N ALA C 154 -13.25 9.89 -7.05
CA ALA C 154 -13.11 9.82 -8.50
C ALA C 154 -14.02 8.71 -9.04
N GLY C 155 -14.04 7.58 -8.35
CA GLY C 155 -14.87 6.47 -8.77
C GLY C 155 -16.35 6.79 -8.78
N ALA C 156 -16.84 7.45 -7.73
CA ALA C 156 -18.26 7.81 -7.67
C ALA C 156 -18.59 8.79 -8.80
N ALA C 157 -17.65 9.69 -9.10
CA ALA C 157 -17.84 10.66 -10.17
C ALA C 157 -17.93 9.91 -11.50
N ILE C 158 -17.09 8.90 -11.67
CA ILE C 158 -17.11 8.11 -12.90
C ILE C 158 -18.44 7.39 -13.02
N SER C 159 -18.96 6.94 -11.89
CA SER C 159 -20.25 6.26 -11.86
C SER C 159 -21.33 7.26 -12.27
N MET C 160 -21.27 8.46 -11.73
CA MET C 160 -22.23 9.51 -12.06
C MET C 160 -22.24 9.73 -13.56
N LYS C 161 -21.05 9.70 -14.17
CA LYS C 161 -20.93 9.90 -15.60
C LYS C 161 -21.53 8.75 -16.40
N LEU C 162 -21.13 7.52 -16.10
CA LEU C 162 -21.64 6.35 -16.80
C LEU C 162 -23.16 6.23 -16.69
N LEU C 163 -23.71 6.52 -15.51
CA LEU C 163 -25.14 6.43 -15.29
C LEU C 163 -25.89 7.72 -15.66
N ARG C 164 -25.16 8.70 -16.16
CA ARG C 164 -25.76 9.96 -16.57
C ARG C 164 -26.72 10.51 -15.51
N THR C 165 -26.32 10.51 -14.25
CA THR C 165 -27.17 11.01 -13.19
C THR C 165 -27.21 12.53 -13.14
N GLY C 166 -26.21 13.17 -13.72
CA GLY C 166 -26.16 14.63 -13.70
C GLY C 166 -25.63 15.15 -12.38
N GLN C 167 -25.16 14.24 -11.53
CA GLN C 167 -24.61 14.64 -10.22
C GLN C 167 -23.15 15.01 -10.33
N VAL C 168 -22.63 15.54 -9.25
CA VAL C 168 -21.24 15.93 -9.15
C VAL C 168 -20.74 15.44 -7.81
N ALA C 169 -19.45 15.12 -7.74
CA ALA C 169 -18.85 14.69 -6.48
C ALA C 169 -17.77 15.69 -6.13
N VAL C 170 -17.84 16.27 -4.94
CA VAL C 170 -16.80 17.20 -4.51
C VAL C 170 -16.00 16.47 -3.47
N CYS C 171 -14.69 16.68 -3.48
CA CYS C 171 -13.80 16.00 -2.56
C CYS C 171 -12.91 17.01 -1.88
N THR C 172 -12.97 17.05 -0.56
CA THR C 172 -12.17 18.00 0.19
C THR C 172 -11.04 17.32 0.95
N PHE C 173 -9.96 18.07 1.16
CA PHE C 173 -8.79 17.53 1.83
C PHE C 173 -7.87 18.68 2.22
N GLY C 174 -6.94 18.40 3.13
CA GLY C 174 -6.01 19.41 3.59
C GLY C 174 -4.74 19.43 2.75
N ASP C 175 -3.82 20.31 3.11
CA ASP C 175 -2.55 20.46 2.41
C ASP C 175 -1.68 19.20 2.43
N GLY C 176 -1.63 18.55 3.59
CA GLY C 176 -0.82 17.34 3.72
C GLY C 176 -1.21 16.22 2.77
N ALA C 177 -2.49 16.12 2.47
CA ALA C 177 -2.99 15.09 1.58
C ALA C 177 -2.36 15.19 0.20
N THR C 178 -1.95 16.39 -0.21
CA THR C 178 -1.38 16.55 -1.53
C THR C 178 0.02 15.97 -1.68
N SER C 179 0.54 15.38 -0.62
CA SER C 179 1.85 14.73 -0.65
C SER C 179 1.69 13.24 -0.94
N GLU C 180 0.47 12.74 -0.74
CA GLU C 180 0.16 11.32 -0.91
C GLU C 180 -0.01 10.82 -2.32
N GLY C 181 0.51 9.61 -2.56
CA GLY C 181 0.39 9.01 -3.87
C GLY C 181 -1.05 8.79 -4.28
N ASP C 182 -1.89 8.35 -3.34
CA ASP C 182 -3.29 8.10 -3.65
C ASP C 182 -4.07 9.35 -4.04
N TRP C 183 -3.64 10.50 -3.54
CA TRP C 183 -4.27 11.77 -3.87
C TRP C 183 -4.04 11.99 -5.37
N TYR C 184 -2.78 11.89 -5.76
CA TYR C 184 -2.38 12.05 -7.16
C TYR C 184 -3.05 11.00 -8.06
N ALA C 185 -2.92 9.73 -7.70
CA ALA C 185 -3.49 8.65 -8.50
C ALA C 185 -4.99 8.79 -8.72
N GLY C 186 -5.72 9.12 -7.66
CA GLY C 186 -7.16 9.27 -7.76
C GLY C 186 -7.59 10.41 -8.66
N ILE C 187 -6.99 11.58 -8.45
CA ILE C 187 -7.31 12.74 -9.27
C ILE C 187 -6.94 12.52 -10.72
N ASN C 188 -5.80 11.87 -10.96
CA ASN C 188 -5.32 11.60 -12.31
C ASN C 188 -6.32 10.74 -13.07
N PHE C 189 -6.90 9.75 -12.39
CA PHE C 189 -7.86 8.87 -13.04
C PHE C 189 -9.12 9.65 -13.38
N ALA C 190 -9.54 10.53 -12.47
CA ALA C 190 -10.72 11.35 -12.70
C ALA C 190 -10.50 12.24 -13.93
N ALA C 191 -9.31 12.82 -14.03
CA ALA C 191 -8.97 13.69 -15.15
C ALA C 191 -8.96 12.92 -16.46
N VAL C 192 -8.31 11.78 -16.46
CA VAL C 192 -8.22 10.95 -17.65
C VAL C 192 -9.62 10.54 -18.12
N GLN C 193 -10.51 10.29 -17.17
CA GLN C 193 -11.87 9.89 -17.48
C GLN C 193 -12.80 11.08 -17.72
N GLY C 194 -12.33 12.29 -17.45
CA GLY C 194 -13.18 13.46 -17.63
C GLY C 194 -14.36 13.37 -16.68
N ALA C 195 -14.13 12.78 -15.50
CA ALA C 195 -15.19 12.60 -14.52
C ALA C 195 -15.64 13.90 -13.84
N PRO C 196 -16.94 14.00 -13.53
CA PRO C 196 -17.56 15.16 -12.87
C PRO C 196 -17.23 15.25 -11.38
N ALA C 197 -15.97 15.54 -11.07
CA ALA C 197 -15.54 15.64 -9.69
C ALA C 197 -14.75 16.92 -9.49
N VAL C 198 -14.93 17.56 -8.34
CA VAL C 198 -14.19 18.77 -8.01
C VAL C 198 -13.37 18.50 -6.78
N PHE C 199 -12.05 18.65 -6.90
CA PHE C 199 -11.13 18.41 -5.80
C PHE C 199 -10.79 19.75 -5.17
N ILE C 200 -11.10 19.86 -3.88
CA ILE C 200 -10.90 21.10 -3.14
C ILE C 200 -9.98 21.02 -1.93
N ALA C 201 -8.95 21.83 -1.94
CA ALA C 201 -8.00 21.88 -0.83
C ALA C 201 -8.37 22.97 0.16
N GLU C 202 -8.48 22.60 1.42
CA GLU C 202 -8.75 23.56 2.49
C GLU C 202 -7.35 23.67 3.05
N ASN C 203 -6.56 24.51 2.42
CA ASN C 203 -5.15 24.69 2.76
C ASN C 203 -4.85 25.69 3.87
N ASN C 204 -4.49 25.17 5.05
CA ASN C 204 -4.15 26.04 6.18
C ASN C 204 -2.81 26.71 5.87
N PHE C 205 -2.90 27.87 5.27
CA PHE C 205 -1.75 28.65 4.85
C PHE C 205 -1.41 29.72 5.89
N PRO C 219 5.73 25.53 -4.88
CA PRO C 219 4.59 25.34 -5.80
C PRO C 219 3.26 25.39 -5.05
N THR C 220 2.29 26.11 -5.60
CA THR C 220 0.98 26.18 -4.96
C THR C 220 0.27 24.86 -5.24
N ILE C 221 -0.83 24.61 -4.54
CA ILE C 221 -1.56 23.38 -4.75
C ILE C 221 -2.27 23.49 -6.10
N ALA C 222 -2.74 24.69 -6.42
CA ALA C 222 -3.41 24.94 -7.68
C ALA C 222 -2.51 24.54 -8.85
N ASP C 223 -1.24 24.90 -8.77
CA ASP C 223 -0.28 24.60 -9.82
C ASP C 223 -0.18 23.11 -10.14
N LYS C 224 -0.45 22.27 -9.15
CA LYS C 224 -0.39 20.83 -9.37
C LYS C 224 -1.40 20.39 -10.43
N ALA C 225 -2.40 21.23 -10.68
CA ALA C 225 -3.42 20.91 -11.67
C ALA C 225 -2.82 20.70 -13.07
N HIS C 226 -1.67 21.33 -13.33
CA HIS C 226 -1.01 21.20 -14.64
C HIS C 226 -0.59 19.75 -14.89
N ALA C 227 -0.32 19.02 -13.81
CA ALA C 227 0.09 17.62 -13.91
C ALA C 227 -1.06 16.73 -14.35
N PHE C 228 -2.29 17.25 -14.28
CA PHE C 228 -3.46 16.46 -14.67
C PHE C 228 -4.11 17.02 -15.93
N GLY C 229 -3.69 18.20 -16.34
CA GLY C 229 -4.27 18.81 -17.52
C GLY C 229 -5.67 19.32 -17.22
N ILE C 230 -5.91 19.68 -15.96
CA ILE C 230 -7.22 20.21 -15.56
C ILE C 230 -6.99 21.64 -15.04
N PRO C 231 -8.07 22.43 -14.95
CA PRO C 231 -7.89 23.80 -14.46
C PRO C 231 -7.66 23.85 -12.96
N GLY C 232 -6.75 24.73 -12.54
CA GLY C 232 -6.45 24.88 -11.12
C GLY C 232 -6.71 26.31 -10.70
N TYR C 233 -7.29 26.49 -9.51
CA TYR C 233 -7.59 27.83 -9.01
C TYR C 233 -7.01 28.11 -7.63
N LEU C 234 -6.53 29.34 -7.44
CA LEU C 234 -5.99 29.76 -6.16
C LEU C 234 -7.03 30.77 -5.67
N VAL C 235 -7.66 30.45 -4.54
CA VAL C 235 -8.73 31.29 -4.01
C VAL C 235 -8.52 31.70 -2.55
N ASP C 236 -9.07 32.85 -2.18
CA ASP C 236 -8.97 33.31 -0.80
C ASP C 236 -10.03 32.52 -0.03
N GLY C 237 -9.60 31.51 0.72
CA GLY C 237 -10.52 30.68 1.48
C GLY C 237 -11.21 31.36 2.66
N MET C 238 -10.81 32.59 2.97
CA MET C 238 -11.41 33.33 4.08
C MET C 238 -12.49 34.25 3.53
N ASP C 239 -12.66 34.19 2.22
CA ASP C 239 -13.64 34.99 1.48
C ASP C 239 -14.75 34.03 1.05
N VAL C 240 -15.87 34.04 1.77
CA VAL C 240 -16.96 33.13 1.45
C VAL C 240 -17.52 33.29 0.04
N LEU C 241 -17.52 34.52 -0.48
CA LEU C 241 -18.03 34.77 -1.83
C LEU C 241 -17.06 34.27 -2.90
N ALA C 242 -15.77 34.51 -2.72
CA ALA C 242 -14.79 34.05 -3.68
C ALA C 242 -14.79 32.52 -3.72
N SER C 243 -14.85 31.91 -2.53
CA SER C 243 -14.85 30.45 -2.42
C SER C 243 -16.11 29.87 -3.08
N TYR C 244 -17.26 30.49 -2.81
CA TYR C 244 -18.51 30.04 -3.37
C TYR C 244 -18.53 30.15 -4.89
N TYR C 245 -18.17 31.30 -5.42
CA TYR C 245 -18.19 31.51 -6.87
C TYR C 245 -17.21 30.64 -7.65
N VAL C 246 -15.99 30.47 -7.15
CA VAL C 246 -15.03 29.64 -7.86
C VAL C 246 -15.43 28.17 -7.78
N VAL C 247 -15.74 27.68 -6.58
CA VAL C 247 -16.15 26.29 -6.44
C VAL C 247 -17.38 26.03 -7.31
N LYS C 248 -18.30 26.99 -7.30
CA LYS C 248 -19.54 26.91 -8.08
C LYS C 248 -19.21 26.75 -9.57
N GLU C 249 -18.25 27.54 -10.04
CA GLU C 249 -17.86 27.47 -11.46
C GLU C 249 -17.30 26.08 -11.75
N ALA C 250 -16.47 25.57 -10.85
CA ALA C 250 -15.87 24.26 -11.02
C ALA C 250 -16.97 23.21 -11.07
N VAL C 251 -17.93 23.33 -10.17
CA VAL C 251 -19.06 22.40 -10.10
C VAL C 251 -19.87 22.39 -11.38
N GLU C 252 -20.15 23.57 -11.92
CA GLU C 252 -20.93 23.71 -13.15
C GLU C 252 -20.16 23.09 -14.31
N ARG C 253 -18.84 23.29 -14.32
CA ARG C 253 -18.00 22.74 -15.37
C ARG C 253 -18.09 21.22 -15.34
N ALA C 254 -18.01 20.66 -14.14
CA ALA C 254 -18.08 19.21 -13.98
C ALA C 254 -19.47 18.68 -14.36
N ARG C 255 -20.51 19.39 -13.94
CA ARG C 255 -21.87 18.98 -14.24
C ARG C 255 -22.22 18.98 -15.72
N ARG C 256 -21.59 19.84 -16.50
CA ARG C 256 -21.87 19.86 -17.93
C ARG C 256 -20.96 18.89 -18.67
N GLY C 257 -20.29 18.03 -17.90
CA GLY C 257 -19.42 17.02 -18.49
C GLY C 257 -18.05 17.49 -18.96
N GLU C 258 -17.60 18.65 -18.50
CA GLU C 258 -16.30 19.15 -18.92
C GLU C 258 -15.11 18.69 -18.08
N GLY C 259 -15.33 17.74 -17.18
CA GLY C 259 -14.23 17.24 -16.39
C GLY C 259 -13.99 17.90 -15.04
N PRO C 260 -13.00 17.41 -14.28
CA PRO C 260 -12.66 17.94 -12.96
C PRO C 260 -11.80 19.20 -12.92
N SER C 261 -11.70 19.77 -11.72
CA SER C 261 -10.92 20.96 -11.46
C SER C 261 -10.29 20.78 -10.08
N LEU C 262 -9.25 21.57 -9.82
CA LEU C 262 -8.59 21.54 -8.53
C LEU C 262 -8.70 22.96 -8.00
N VAL C 263 -9.36 23.10 -6.86
CA VAL C 263 -9.56 24.41 -6.24
C VAL C 263 -8.83 24.48 -4.90
N GLU C 264 -7.95 25.47 -4.77
CA GLU C 264 -7.22 25.65 -3.54
C GLU C 264 -7.85 26.80 -2.75
N LEU C 265 -8.40 26.49 -1.59
CA LEU C 265 -9.00 27.52 -0.75
C LEU C 265 -8.03 27.76 0.39
N ARG C 266 -7.28 28.85 0.29
CA ARG C 266 -6.30 29.19 1.31
C ARG C 266 -7.01 29.71 2.54
N VAL C 267 -6.80 29.05 3.67
CA VAL C 267 -7.42 29.44 4.92
C VAL C 267 -6.38 29.51 6.02
N TYR C 268 -6.80 30.01 7.18
CA TYR C 268 -5.95 30.12 8.35
C TYR C 268 -6.75 29.49 9.49
N ARG C 269 -6.37 28.30 9.88
CA ARG C 269 -7.05 27.59 10.95
C ARG C 269 -6.62 28.20 12.27
N TYR C 270 -7.60 28.54 13.11
CA TYR C 270 -7.33 29.14 14.39
C TYR C 270 -6.75 28.17 15.43
N GLY C 271 -7.53 27.17 15.82
CA GLY C 271 -7.06 26.22 16.83
C GLY C 271 -5.92 25.29 16.43
N PRO C 272 -5.55 24.35 17.31
CA PRO C 272 -4.46 23.38 17.07
C PRO C 272 -4.88 22.29 16.07
N HIS C 273 -3.91 21.62 15.47
CA HIS C 273 -4.21 20.58 14.50
C HIS C 273 -5.29 19.62 15.01
N SER C 274 -5.25 19.31 16.29
CA SER C 274 -6.25 18.42 16.90
C SER C 274 -6.08 18.47 18.41
N SER C 275 -7.08 17.94 19.13
CA SER C 275 -7.04 17.94 20.59
C SER C 275 -7.56 16.64 21.16
N ALA C 276 -6.93 16.19 22.24
CA ALA C 276 -7.31 14.96 22.93
C ALA C 276 -7.86 15.32 24.31
N ASP C 277 -8.68 14.44 24.87
CA ASP C 277 -9.29 14.68 26.18
C ASP C 277 -8.26 14.90 27.29
N ASP C 278 -6.97 14.89 26.95
CA ASP C 278 -5.91 15.08 27.93
C ASP C 278 -4.88 16.12 27.48
N ARG C 292 -7.62 36.13 13.71
CA ARG C 292 -7.02 37.49 13.85
C ARG C 292 -7.87 38.50 13.08
N LYS C 293 -7.26 39.15 12.10
CA LYS C 293 -7.94 40.13 11.26
C LYS C 293 -8.24 39.43 9.93
N LYS C 294 -8.17 38.10 9.96
CA LYS C 294 -8.42 37.28 8.79
C LYS C 294 -9.67 36.43 8.96
N ASP C 295 -10.22 36.40 10.17
CA ASP C 295 -11.42 35.64 10.47
C ASP C 295 -12.50 35.93 9.41
N PRO C 296 -12.95 34.89 8.69
CA PRO C 296 -13.97 35.03 7.65
C PRO C 296 -15.30 35.62 8.11
N ILE C 297 -15.64 35.41 9.38
CA ILE C 297 -16.90 35.91 9.88
C ILE C 297 -16.95 37.44 9.96
N PRO C 298 -16.07 38.07 10.75
CA PRO C 298 -16.15 39.54 10.79
C PRO C 298 -16.00 40.15 9.40
N ARG C 299 -15.22 39.48 8.56
CA ARG C 299 -14.99 39.97 7.21
C ARG C 299 -16.27 40.00 6.38
N PHE C 300 -17.08 38.95 6.50
CA PHE C 300 -18.34 38.92 5.74
C PHE C 300 -19.38 39.79 6.43
N ARG C 301 -19.28 39.88 7.76
CA ARG C 301 -20.20 40.71 8.51
C ARG C 301 -20.08 42.14 8.00
N ARG C 302 -18.84 42.57 7.80
CA ARG C 302 -18.57 43.92 7.31
C ARG C 302 -19.16 44.11 5.92
N PHE C 303 -19.11 43.06 5.11
CA PHE C 303 -19.67 43.10 3.76
C PHE C 303 -21.20 43.25 3.81
N LEU C 304 -21.84 42.45 4.67
CA LEU C 304 -23.29 42.52 4.80
C LEU C 304 -23.72 43.87 5.37
N GLU C 305 -23.03 44.31 6.42
CA GLU C 305 -23.38 45.57 7.05
C GLU C 305 -23.38 46.74 6.08
N ALA C 306 -22.36 46.82 5.23
CA ALA C 306 -22.27 47.90 4.26
C ALA C 306 -23.45 47.88 3.28
N ARG C 307 -24.15 46.75 3.21
CA ARG C 307 -25.27 46.63 2.30
C ARG C 307 -26.62 46.57 3.02
N GLY C 308 -26.60 46.89 4.31
CA GLY C 308 -27.82 46.87 5.09
C GLY C 308 -28.36 45.48 5.34
N LEU C 309 -27.53 44.46 5.17
CA LEU C 309 -27.96 43.09 5.38
C LEU C 309 -27.55 42.52 6.75
N TRP C 310 -26.99 43.38 7.60
CA TRP C 310 -26.58 42.96 8.94
C TRP C 310 -26.78 44.08 9.94
N ASN C 311 -27.17 43.70 11.16
CA ASN C 311 -27.33 44.65 12.25
C ASN C 311 -27.03 43.88 13.53
N GLU C 312 -26.63 44.60 14.57
CA GLU C 312 -26.28 44.01 15.85
C GLU C 312 -27.39 43.11 16.40
N GLU C 313 -28.63 43.57 16.33
CA GLU C 313 -29.75 42.80 16.84
C GLU C 313 -29.99 41.47 16.12
N TRP C 314 -29.76 41.45 14.81
CA TRP C 314 -29.96 40.22 14.07
C TRP C 314 -28.94 39.17 14.53
N GLU C 315 -27.70 39.60 14.77
CA GLU C 315 -26.71 38.65 15.21
C GLU C 315 -26.98 38.11 16.61
N GLU C 316 -27.48 38.93 17.52
CA GLU C 316 -27.77 38.45 18.86
C GLU C 316 -28.78 37.32 18.75
N ASP C 317 -29.82 37.55 17.95
CA ASP C 317 -30.86 36.55 17.76
C ASP C 317 -30.33 35.28 17.14
N VAL C 318 -29.57 35.40 16.05
CA VAL C 318 -29.01 34.24 15.39
C VAL C 318 -28.19 33.41 16.36
N ARG C 319 -27.32 34.06 17.12
CA ARG C 319 -26.49 33.35 18.08
C ARG C 319 -27.33 32.62 19.13
N GLU C 320 -28.42 33.27 19.58
CA GLU C 320 -29.31 32.64 20.56
C GLU C 320 -30.01 31.44 19.96
N GLU C 321 -30.46 31.57 18.71
CA GLU C 321 -31.12 30.47 18.03
C GLU C 321 -30.17 29.28 17.94
N ILE C 322 -28.96 29.56 17.46
CA ILE C 322 -27.92 28.55 17.31
C ILE C 322 -27.59 27.86 18.64
N ARG C 323 -27.42 28.65 19.69
CA ARG C 323 -27.13 28.07 21.01
C ARG C 323 -28.25 27.12 21.42
N ALA C 324 -29.48 27.48 21.08
CA ALA C 324 -30.63 26.65 21.41
C ALA C 324 -30.58 25.37 20.58
N GLU C 325 -30.16 25.51 19.32
CA GLU C 325 -30.07 24.34 18.44
C GLU C 325 -29.01 23.38 18.95
N LEU C 326 -27.87 23.93 19.38
CA LEU C 326 -26.78 23.11 19.89
C LEU C 326 -27.18 22.30 21.12
N GLU C 327 -27.72 22.96 22.14
CA GLU C 327 -28.11 22.26 23.35
C GLU C 327 -29.17 21.21 23.10
N ARG C 328 -30.06 21.48 22.15
CA ARG C 328 -31.11 20.55 21.81
C ARG C 328 -30.51 19.34 21.08
N GLY C 329 -29.57 19.60 20.17
CA GLY C 329 -28.95 18.52 19.44
C GLY C 329 -28.14 17.64 20.37
N LEU C 330 -27.46 18.27 21.31
CA LEU C 330 -26.63 17.53 22.28
C LEU C 330 -27.50 16.67 23.17
N LYS C 331 -28.61 17.25 23.63
CA LYS C 331 -29.55 16.55 24.51
C LYS C 331 -30.07 15.30 23.82
N GLU C 332 -30.49 15.44 22.56
CA GLU C 332 -31.01 14.30 21.83
C GLU C 332 -29.93 13.24 21.61
N ALA C 333 -28.70 13.70 21.39
CA ALA C 333 -27.58 12.80 21.15
C ALA C 333 -27.28 11.95 22.38
N GLU C 334 -27.31 12.58 23.55
CA GLU C 334 -27.03 11.89 24.80
C GLU C 334 -28.15 10.96 25.25
N GLU C 335 -29.40 11.40 25.06
CA GLU C 335 -30.53 10.59 25.46
C GLU C 335 -30.71 9.36 24.58
N ALA C 336 -29.99 9.33 23.46
CA ALA C 336 -30.08 8.18 22.56
C ALA C 336 -29.47 6.94 23.23
N GLY C 337 -28.61 7.17 24.22
CA GLY C 337 -27.99 6.06 24.92
C GLY C 337 -26.76 5.49 24.25
N PRO C 338 -25.92 4.76 25.01
CA PRO C 338 -24.68 4.13 24.56
C PRO C 338 -24.94 3.02 23.54
N VAL C 339 -24.01 2.81 22.62
CA VAL C 339 -24.19 1.75 21.64
C VAL C 339 -23.94 0.42 22.34
N PRO C 340 -24.79 -0.58 22.05
CA PRO C 340 -24.66 -1.90 22.65
C PRO C 340 -23.30 -2.52 22.29
N PRO C 341 -22.74 -3.33 23.19
CA PRO C 341 -21.44 -3.97 22.93
C PRO C 341 -21.47 -4.90 21.71
N GLU C 342 -22.60 -5.58 21.52
CA GLU C 342 -22.75 -6.52 20.40
C GLU C 342 -22.64 -5.87 19.03
N TRP C 343 -22.96 -4.58 18.96
CA TRP C 343 -22.90 -3.84 17.70
C TRP C 343 -21.51 -3.91 17.08
N MET C 344 -20.53 -4.25 17.92
CA MET C 344 -19.14 -4.39 17.49
C MET C 344 -18.99 -5.48 16.43
N PHE C 345 -19.90 -6.45 16.44
CA PHE C 345 -19.83 -7.54 15.48
C PHE C 345 -20.72 -7.36 14.24
N GLU C 346 -21.48 -6.28 14.23
CA GLU C 346 -22.39 -5.99 13.11
C GLU C 346 -21.74 -5.13 12.03
N ASP C 347 -22.22 -5.31 10.81
CA ASP C 347 -21.76 -4.55 9.65
C ASP C 347 -20.36 -4.81 9.09
N VAL C 348 -19.68 -5.85 9.58
CA VAL C 348 -18.36 -6.17 9.02
C VAL C 348 -18.66 -6.67 7.61
N PHE C 349 -19.72 -7.46 7.52
CA PHE C 349 -20.24 -8.02 6.27
C PHE C 349 -21.76 -7.81 6.39
N ALA C 350 -22.49 -8.03 5.29
CA ALA C 350 -23.95 -7.87 5.33
C ALA C 350 -24.54 -8.75 6.45
N GLU C 351 -24.02 -9.97 6.56
CA GLU C 351 -24.45 -10.92 7.58
C GLU C 351 -23.22 -11.45 8.28
N LYS C 352 -23.34 -11.79 9.56
CA LYS C 352 -22.21 -12.31 10.32
C LYS C 352 -21.90 -13.77 10.00
N PRO C 353 -20.62 -14.06 9.66
CA PRO C 353 -20.21 -15.42 9.35
C PRO C 353 -20.03 -16.19 10.65
N TRP C 354 -19.77 -17.49 10.57
CA TRP C 354 -19.62 -18.32 11.76
C TRP C 354 -18.60 -17.80 12.77
N HIS C 355 -17.43 -17.36 12.31
CA HIS C 355 -16.41 -16.90 13.25
C HIS C 355 -16.79 -15.65 14.04
N LEU C 356 -17.61 -14.78 13.46
CA LEU C 356 -18.04 -13.58 14.16
C LEU C 356 -19.13 -13.96 15.16
N LEU C 357 -19.98 -14.91 14.77
CA LEU C 357 -21.05 -15.37 15.65
C LEU C 357 -20.39 -16.03 16.85
N ARG C 358 -19.30 -16.77 16.59
CA ARG C 358 -18.59 -17.44 17.66
C ARG C 358 -17.96 -16.40 18.61
N GLN C 359 -17.24 -15.45 18.02
CA GLN C 359 -16.60 -14.40 18.80
C GLN C 359 -17.59 -13.56 19.58
N GLU C 360 -18.75 -13.30 19.01
CA GLU C 360 -19.78 -12.53 19.70
C GLU C 360 -20.29 -13.32 20.90
N ALA C 361 -20.55 -14.61 20.70
CA ALA C 361 -21.02 -15.48 21.77
C ALA C 361 -19.99 -15.48 22.89
N LEU C 362 -18.72 -15.58 22.51
CA LEU C 362 -17.62 -15.58 23.48
C LEU C 362 -17.62 -14.33 24.33
N LEU C 363 -17.81 -13.17 23.69
CA LEU C 363 -17.81 -11.91 24.41
C LEU C 363 -19.01 -11.80 25.34
N LYS C 364 -20.15 -12.32 24.90
CA LYS C 364 -21.36 -12.27 25.69
C LYS C 364 -21.15 -12.95 27.05
N GLU C 365 -20.36 -14.01 27.08
CA GLU C 365 -20.09 -14.74 28.32
C GLU C 365 -19.25 -13.89 29.27
N GLU C 366 -18.90 -12.69 28.83
CA GLU C 366 -18.09 -11.79 29.63
C GLU C 366 -18.86 -10.54 30.04
N LEU C 367 -19.95 -10.28 29.33
CA LEU C 367 -20.79 -9.11 29.60
C LEU C 367 -21.63 -9.30 30.86
N ALA D 2 -20.20 -27.16 -22.60
CA ALA D 2 -19.14 -28.05 -23.15
C ALA D 2 -17.86 -27.90 -22.35
N LEU D 3 -16.77 -28.45 -22.87
CA LEU D 3 -15.48 -28.37 -22.20
C LEU D 3 -14.84 -27.02 -22.45
N MET D 4 -14.29 -26.42 -21.39
CA MET D 4 -13.62 -25.14 -21.53
C MET D 4 -12.61 -24.91 -20.42
N THR D 5 -11.65 -24.04 -20.71
CA THR D 5 -10.60 -23.70 -19.75
C THR D 5 -11.12 -22.74 -18.70
N MET D 6 -10.30 -22.46 -17.70
CA MET D 6 -10.69 -21.54 -16.63
C MET D 6 -10.94 -20.16 -17.26
N VAL D 7 -10.05 -19.75 -18.17
CA VAL D 7 -10.19 -18.46 -18.84
C VAL D 7 -11.57 -18.34 -19.50
N GLN D 8 -11.97 -19.36 -20.26
CA GLN D 8 -13.25 -19.34 -20.94
C GLN D 8 -14.41 -19.30 -19.95
N ALA D 9 -14.32 -20.05 -18.86
CA ALA D 9 -15.37 -20.07 -17.85
C ALA D 9 -15.48 -18.69 -17.19
N LEU D 10 -14.33 -18.10 -16.85
CA LEU D 10 -14.30 -16.79 -16.22
C LEU D 10 -14.93 -15.78 -17.18
N ASN D 11 -14.54 -15.85 -18.44
CA ASN D 11 -15.06 -14.95 -19.46
C ASN D 11 -16.57 -15.12 -19.61
N ARG D 12 -17.03 -16.37 -19.54
CA ARG D 12 -18.47 -16.66 -19.64
C ARG D 12 -19.22 -16.02 -18.48
N ALA D 13 -18.69 -16.20 -17.27
CA ALA D 13 -19.30 -15.64 -16.07
C ALA D 13 -19.48 -14.12 -16.21
N LEU D 14 -18.41 -13.43 -16.60
CA LEU D 14 -18.48 -11.98 -16.78
C LEU D 14 -19.52 -11.61 -17.81
N ASP D 15 -19.43 -12.21 -18.99
CA ASP D 15 -20.37 -11.94 -20.07
C ASP D 15 -21.81 -12.12 -19.59
N GLU D 16 -22.08 -13.25 -18.94
CA GLU D 16 -23.41 -13.55 -18.44
C GLU D 16 -23.93 -12.54 -17.43
N GLU D 17 -23.09 -12.16 -16.47
CA GLU D 17 -23.52 -11.20 -15.46
C GLU D 17 -23.71 -9.81 -16.03
N MET D 18 -22.92 -9.44 -17.02
CA MET D 18 -23.04 -8.13 -17.63
C MET D 18 -24.32 -8.06 -18.46
N ALA D 19 -24.63 -9.14 -19.18
CA ALA D 19 -25.84 -9.20 -19.98
C ALA D 19 -27.05 -9.12 -19.07
N LYS D 20 -26.93 -9.69 -17.87
CA LYS D 20 -28.04 -9.70 -16.93
C LYS D 20 -28.21 -8.42 -16.12
N ASP D 21 -27.13 -7.66 -15.92
CA ASP D 21 -27.20 -6.44 -15.12
C ASP D 21 -26.34 -5.34 -15.73
N PRO D 22 -26.97 -4.25 -16.17
CA PRO D 22 -26.28 -3.11 -16.79
C PRO D 22 -25.23 -2.50 -15.86
N ARG D 23 -25.50 -2.56 -14.55
CA ARG D 23 -24.61 -2.01 -13.54
C ARG D 23 -23.25 -2.71 -13.48
N VAL D 24 -23.19 -3.95 -13.92
CA VAL D 24 -21.92 -4.67 -13.88
C VAL D 24 -20.97 -4.08 -14.90
N VAL D 25 -19.81 -3.62 -14.43
CA VAL D 25 -18.81 -3.03 -15.32
C VAL D 25 -17.44 -3.62 -15.00
N VAL D 26 -16.58 -3.67 -16.00
CA VAL D 26 -15.23 -4.20 -15.83
C VAL D 26 -14.22 -3.05 -15.97
N LEU D 27 -13.21 -3.02 -15.10
CA LEU D 27 -12.19 -1.98 -15.21
C LEU D 27 -10.83 -2.51 -14.80
N GLY D 28 -9.80 -2.02 -15.48
CA GLY D 28 -8.45 -2.45 -15.18
C GLY D 28 -7.51 -2.16 -16.32
N GLU D 29 -6.23 -2.48 -16.13
CA GLU D 29 -5.22 -2.25 -17.13
C GLU D 29 -5.37 -3.20 -18.32
N ASP D 30 -5.58 -2.63 -19.50
CA ASP D 30 -5.73 -3.40 -20.74
C ASP D 30 -6.82 -4.46 -20.75
N VAL D 31 -7.92 -4.21 -20.07
CA VAL D 31 -9.03 -5.17 -20.02
C VAL D 31 -9.91 -5.04 -21.26
N GLY D 32 -9.79 -3.91 -21.94
CA GLY D 32 -10.60 -3.67 -23.12
C GLY D 32 -10.06 -4.21 -24.42
N LYS D 33 -9.53 -3.32 -25.25
CA LYS D 33 -8.96 -3.67 -26.55
C LYS D 33 -8.23 -5.01 -26.51
N ARG D 34 -7.27 -5.13 -25.60
CA ARG D 34 -6.49 -6.35 -25.44
C ARG D 34 -7.30 -7.56 -24.98
N GLY D 35 -8.26 -7.34 -24.09
CA GLY D 35 -9.06 -8.42 -23.56
C GLY D 35 -8.33 -9.04 -22.38
N GLY D 36 -7.40 -8.26 -21.81
CA GLY D 36 -6.64 -8.73 -20.66
C GLY D 36 -5.38 -9.48 -21.08
N VAL D 37 -4.36 -9.43 -20.24
CA VAL D 37 -3.11 -10.11 -20.54
C VAL D 37 -3.30 -11.63 -20.60
N PHE D 38 -4.39 -12.11 -20.01
CA PHE D 38 -4.68 -13.55 -20.02
C PHE D 38 -5.97 -13.84 -20.78
N LEU D 39 -6.49 -12.81 -21.44
CA LEU D 39 -7.70 -12.93 -22.25
C LEU D 39 -8.99 -13.20 -21.49
N VAL D 40 -8.99 -13.00 -20.17
CA VAL D 40 -10.20 -13.23 -19.39
C VAL D 40 -11.35 -12.30 -19.81
N THR D 41 -11.02 -11.07 -20.20
CA THR D 41 -12.06 -10.11 -20.61
C THR D 41 -12.16 -9.92 -22.11
N GLU D 42 -11.52 -10.81 -22.86
CA GLU D 42 -11.54 -10.74 -24.32
C GLU D 42 -12.96 -10.67 -24.89
N GLY D 43 -13.16 -9.78 -25.85
CA GLY D 43 -14.45 -9.63 -26.49
C GLY D 43 -15.53 -8.86 -25.74
N LEU D 44 -15.31 -8.61 -24.45
CA LEU D 44 -16.29 -7.88 -23.67
C LEU D 44 -16.43 -6.40 -24.09
N LEU D 45 -15.31 -5.77 -24.44
CA LEU D 45 -15.35 -4.38 -24.86
C LEU D 45 -16.18 -4.27 -26.14
N GLN D 46 -15.81 -5.07 -27.13
CA GLN D 46 -16.47 -5.10 -28.43
C GLN D 46 -17.98 -5.29 -28.29
N LYS D 47 -18.38 -6.08 -27.30
CA LYS D 47 -19.79 -6.36 -27.10
C LYS D 47 -20.54 -5.35 -26.22
N TYR D 48 -19.90 -4.89 -25.14
CA TYR D 48 -20.58 -3.98 -24.23
C TYR D 48 -20.20 -2.51 -24.29
N GLY D 49 -19.11 -2.17 -24.99
CA GLY D 49 -18.72 -0.78 -25.09
C GLY D 49 -17.77 -0.28 -24.01
N PRO D 50 -17.09 0.86 -24.26
CA PRO D 50 -16.13 1.48 -23.34
C PRO D 50 -16.77 2.03 -22.06
N ASP D 51 -18.09 2.03 -22.00
CA ASP D 51 -18.82 2.50 -20.83
C ASP D 51 -19.09 1.34 -19.86
N ARG D 52 -18.76 0.12 -20.30
CA ARG D 52 -18.98 -1.07 -19.47
C ARG D 52 -17.65 -1.79 -19.22
N VAL D 53 -16.71 -1.63 -20.16
CA VAL D 53 -15.40 -2.24 -20.05
C VAL D 53 -14.41 -1.10 -20.28
N MET D 54 -13.76 -0.64 -19.22
CA MET D 54 -12.85 0.47 -19.39
C MET D 54 -11.41 0.28 -18.99
N ASP D 55 -10.52 0.67 -19.90
CA ASP D 55 -9.09 0.62 -19.65
C ASP D 55 -8.81 1.77 -18.69
N THR D 56 -7.92 1.53 -17.74
CA THR D 56 -7.61 2.56 -16.74
C THR D 56 -6.12 2.87 -16.73
N PRO D 57 -5.73 3.92 -15.99
CA PRO D 57 -4.30 4.24 -15.93
C PRO D 57 -3.67 3.06 -15.19
N LEU D 58 -2.35 2.97 -15.21
CA LEU D 58 -1.66 1.88 -14.53
C LEU D 58 -1.46 2.18 -13.03
N SER D 59 -2.57 2.40 -12.33
CA SER D 59 -2.52 2.68 -10.89
C SER D 59 -3.47 1.76 -10.15
N GLU D 60 -2.94 0.87 -9.34
CA GLU D 60 -3.78 -0.05 -8.59
C GLU D 60 -4.58 0.70 -7.52
N ALA D 61 -4.01 1.77 -6.99
CA ALA D 61 -4.74 2.56 -5.99
C ALA D 61 -5.97 3.14 -6.70
N ALA D 62 -5.76 3.67 -7.91
CA ALA D 62 -6.87 4.26 -8.66
C ALA D 62 -7.92 3.20 -9.03
N ILE D 63 -7.48 2.03 -9.45
CA ILE D 63 -8.41 0.98 -9.83
C ILE D 63 -9.27 0.52 -8.65
N VAL D 64 -8.60 0.06 -7.59
CA VAL D 64 -9.31 -0.43 -6.41
C VAL D 64 -10.15 0.67 -5.77
N GLY D 65 -9.56 1.84 -5.59
CA GLY D 65 -10.27 2.96 -4.99
C GLY D 65 -11.44 3.46 -5.79
N ALA D 66 -11.27 3.58 -7.10
CA ALA D 66 -12.36 4.05 -7.96
C ALA D 66 -13.47 3.00 -7.98
N ALA D 67 -13.07 1.73 -7.96
CA ALA D 67 -14.04 0.65 -7.95
C ALA D 67 -14.90 0.77 -6.69
N LEU D 68 -14.27 1.13 -5.58
CA LEU D 68 -14.99 1.28 -4.32
C LEU D 68 -16.02 2.42 -4.45
N GLY D 69 -15.58 3.53 -5.05
CA GLY D 69 -16.45 4.66 -5.25
C GLY D 69 -17.61 4.32 -6.17
N MET D 70 -17.32 3.58 -7.24
CA MET D 70 -18.35 3.17 -8.18
C MET D 70 -19.40 2.30 -7.49
N ALA D 71 -18.93 1.34 -6.69
CA ALA D 71 -19.81 0.43 -5.97
C ALA D 71 -20.67 1.14 -4.93
N ALA D 72 -20.10 2.11 -4.25
CA ALA D 72 -20.84 2.84 -3.22
C ALA D 72 -21.94 3.70 -3.85
N HIS D 73 -21.67 4.21 -5.05
CA HIS D 73 -22.64 5.06 -5.74
C HIS D 73 -23.74 4.33 -6.51
N GLY D 74 -23.38 3.37 -7.36
CA GLY D 74 -24.42 2.68 -8.09
C GLY D 74 -24.05 1.53 -9.02
N LEU D 75 -22.75 1.36 -9.29
CA LEU D 75 -22.29 0.30 -10.18
C LEU D 75 -21.90 -0.97 -9.44
N ARG D 76 -21.65 -2.04 -10.21
CA ARG D 76 -21.24 -3.33 -9.66
C ARG D 76 -19.93 -3.62 -10.41
N PRO D 77 -18.85 -2.91 -10.03
CA PRO D 77 -17.57 -3.11 -10.70
C PRO D 77 -16.79 -4.38 -10.40
N VAL D 78 -16.20 -4.91 -11.46
CA VAL D 78 -15.36 -6.09 -11.37
C VAL D 78 -14.00 -5.54 -11.79
N ALA D 79 -13.16 -5.19 -10.82
CA ALA D 79 -11.85 -4.62 -11.10
C ALA D 79 -10.79 -5.70 -11.23
N GLU D 80 -9.87 -5.50 -12.16
CA GLU D 80 -8.80 -6.47 -12.34
C GLU D 80 -7.46 -5.85 -11.99
N ILE D 81 -6.66 -6.61 -11.25
CA ILE D 81 -5.32 -6.20 -10.88
C ILE D 81 -4.49 -7.17 -11.72
N GLN D 82 -3.67 -6.63 -12.61
CA GLN D 82 -2.88 -7.44 -13.53
C GLN D 82 -2.18 -8.66 -12.92
N PHE D 83 -1.67 -8.51 -11.70
CA PHE D 83 -0.99 -9.61 -11.00
C PHE D 83 -1.25 -9.44 -9.52
N ALA D 84 -1.38 -10.55 -8.79
CA ALA D 84 -1.63 -10.49 -7.36
C ALA D 84 -0.53 -9.66 -6.67
N ASP D 85 0.68 -9.77 -7.20
CA ASP D 85 1.84 -9.07 -6.67
C ASP D 85 1.70 -7.55 -6.73
N TYR D 86 0.85 -7.07 -7.64
CA TYR D 86 0.65 -5.63 -7.82
C TYR D 86 -0.50 -5.03 -7.02
N ILE D 87 -1.07 -5.80 -6.10
CA ILE D 87 -2.17 -5.28 -5.29
C ILE D 87 -1.64 -4.26 -4.30
N PHE D 88 -0.36 -4.38 -3.94
CA PHE D 88 0.22 -3.51 -2.92
C PHE D 88 0.13 -1.99 -3.09
N PRO D 89 0.35 -1.47 -4.31
CA PRO D 89 0.25 -0.02 -4.48
C PRO D 89 -1.19 0.44 -4.15
N GLY D 90 -2.13 -0.49 -4.22
CA GLY D 90 -3.51 -0.16 -3.91
C GLY D 90 -3.99 -0.78 -2.60
N PHE D 91 -3.04 -1.22 -1.78
CA PHE D 91 -3.41 -1.86 -0.53
C PHE D 91 -4.18 -0.98 0.46
N ASP D 92 -3.83 0.29 0.58
CA ASP D 92 -4.56 1.14 1.52
C ASP D 92 -6.01 1.28 1.10
N GLN D 93 -6.26 1.39 -0.19
CA GLN D 93 -7.61 1.49 -0.70
C GLN D 93 -8.35 0.21 -0.33
N LEU D 94 -7.70 -0.94 -0.54
CA LEU D 94 -8.32 -2.21 -0.26
C LEU D 94 -8.69 -2.40 1.22
N VAL D 95 -7.75 -2.11 2.12
CA VAL D 95 -8.01 -2.30 3.55
C VAL D 95 -8.61 -1.13 4.32
N SER D 96 -8.30 0.10 3.93
CA SER D 96 -8.83 1.26 4.64
C SER D 96 -10.16 1.74 4.08
N GLN D 97 -10.36 1.58 2.77
CA GLN D 97 -11.60 2.02 2.16
C GLN D 97 -12.58 0.90 1.87
N VAL D 98 -12.18 -0.07 1.06
CA VAL D 98 -13.07 -1.17 0.69
C VAL D 98 -13.54 -2.05 1.84
N ALA D 99 -12.60 -2.63 2.58
CA ALA D 99 -12.92 -3.52 3.69
C ALA D 99 -13.70 -2.93 4.85
N LYS D 100 -13.44 -1.66 5.14
CA LYS D 100 -14.07 -1.01 6.27
C LYS D 100 -15.26 -0.11 5.99
N LEU D 101 -15.65 0.03 4.73
CA LEU D 101 -16.76 0.91 4.38
C LEU D 101 -18.08 0.63 5.09
N ARG D 102 -18.57 -0.60 4.99
CA ARG D 102 -19.84 -0.95 5.63
C ARG D 102 -19.77 -0.76 7.14
N TYR D 103 -18.70 -1.26 7.73
CA TYR D 103 -18.53 -1.17 9.17
C TYR D 103 -18.41 0.26 9.72
N ARG D 104 -17.51 1.05 9.15
CA ARG D 104 -17.31 2.41 9.64
C ARG D 104 -18.50 3.33 9.42
N SER D 105 -19.35 3.00 8.44
CA SER D 105 -20.50 3.83 8.13
C SER D 105 -21.78 3.34 8.79
N GLY D 106 -21.66 2.34 9.66
CA GLY D 106 -22.84 1.81 10.32
C GLY D 106 -23.80 1.19 9.33
N GLY D 107 -23.27 0.75 8.19
CA GLY D 107 -24.10 0.13 7.17
C GLY D 107 -24.72 1.09 6.18
N GLN D 108 -24.46 2.39 6.34
CA GLN D 108 -25.02 3.37 5.42
C GLN D 108 -24.49 3.25 4.01
N PHE D 109 -23.23 2.83 3.89
CA PHE D 109 -22.59 2.69 2.59
C PHE D 109 -22.08 1.27 2.42
N THR D 110 -22.18 0.74 1.20
CA THR D 110 -21.74 -0.62 0.95
C THR D 110 -20.81 -0.70 -0.26
N ALA D 111 -20.14 -1.84 -0.40
CA ALA D 111 -19.18 -2.01 -1.48
C ALA D 111 -19.36 -3.29 -2.29
N PRO D 112 -20.40 -3.34 -3.13
CA PRO D 112 -20.65 -4.54 -3.96
C PRO D 112 -19.67 -4.56 -5.13
N LEU D 113 -18.41 -4.86 -4.85
CA LEU D 113 -17.40 -4.89 -5.88
C LEU D 113 -16.56 -6.15 -5.81
N VAL D 114 -15.90 -6.46 -6.93
CA VAL D 114 -15.05 -7.63 -7.00
C VAL D 114 -13.67 -7.24 -7.52
N VAL D 115 -12.62 -7.74 -6.86
CA VAL D 115 -11.27 -7.48 -7.30
C VAL D 115 -10.66 -8.82 -7.69
N ARG D 116 -10.53 -9.06 -8.99
CA ARG D 116 -9.94 -10.32 -9.42
C ARG D 116 -8.48 -10.13 -9.81
N MET D 117 -7.69 -11.19 -9.63
CA MET D 117 -6.27 -11.15 -9.93
C MET D 117 -5.66 -12.53 -10.11
N PRO D 118 -4.67 -12.64 -11.02
CA PRO D 118 -4.00 -13.93 -11.26
C PRO D 118 -3.00 -14.08 -10.11
N SER D 119 -2.77 -15.29 -9.64
CA SER D 119 -1.83 -15.47 -8.54
C SER D 119 -1.16 -16.83 -8.57
N GLY D 120 -0.30 -17.05 -7.56
CA GLY D 120 0.41 -18.32 -7.45
C GLY D 120 1.51 -18.50 -8.47
N GLY D 121 2.39 -19.47 -8.20
CA GLY D 121 3.49 -19.75 -9.11
C GLY D 121 3.17 -20.91 -10.03
N GLY D 122 4.21 -21.64 -10.43
CA GLY D 122 4.03 -22.78 -11.31
C GLY D 122 4.15 -22.41 -12.78
N VAL D 123 4.70 -21.23 -13.04
CA VAL D 123 4.88 -20.74 -14.41
C VAL D 123 6.19 -19.96 -14.60
N ARG D 124 6.92 -19.77 -13.50
CA ARG D 124 8.19 -19.05 -13.47
C ARG D 124 8.00 -17.53 -13.42
N GLY D 125 7.22 -17.07 -12.44
CA GLY D 125 6.94 -15.65 -12.31
C GLY D 125 7.96 -14.83 -11.54
N GLY D 126 8.87 -15.51 -10.85
CA GLY D 126 9.88 -14.80 -10.09
C GLY D 126 9.35 -14.11 -8.84
N HIS D 127 9.63 -12.82 -8.69
CA HIS D 127 9.18 -12.06 -7.53
C HIS D 127 7.78 -11.47 -7.60
N HIS D 128 7.45 -10.82 -8.73
CA HIS D 128 6.14 -10.20 -8.90
C HIS D 128 5.27 -10.74 -10.04
N HIS D 129 5.25 -12.06 -10.15
CA HIS D 129 4.46 -12.76 -11.16
C HIS D 129 4.12 -14.15 -10.61
N SER D 130 4.32 -14.34 -9.30
CA SER D 130 4.03 -15.64 -8.67
C SER D 130 3.46 -15.59 -7.25
N GLN D 131 3.35 -14.39 -6.69
CA GLN D 131 2.86 -14.25 -5.32
C GLN D 131 1.45 -14.74 -5.03
N SER D 132 1.23 -15.12 -3.77
CA SER D 132 -0.07 -15.57 -3.27
C SER D 132 -0.23 -14.79 -1.97
N PRO D 133 -0.82 -13.60 -2.05
CA PRO D 133 -1.05 -12.68 -0.92
C PRO D 133 -2.34 -12.84 -0.14
N GLU D 134 -3.07 -13.94 -0.34
CA GLU D 134 -4.34 -14.11 0.34
C GLU D 134 -4.36 -13.86 1.85
N ALA D 135 -3.27 -14.17 2.54
CA ALA D 135 -3.24 -13.96 3.98
C ALA D 135 -3.49 -12.49 4.34
N HIS D 136 -2.95 -11.59 3.52
CA HIS D 136 -3.14 -10.15 3.76
C HIS D 136 -4.60 -9.78 3.72
N PHE D 137 -5.36 -10.46 2.86
CA PHE D 137 -6.78 -10.18 2.72
C PHE D 137 -7.58 -10.85 3.83
N VAL D 138 -7.27 -12.10 4.12
CA VAL D 138 -7.97 -12.83 5.16
C VAL D 138 -7.81 -12.14 6.52
N HIS D 139 -6.62 -11.61 6.76
CA HIS D 139 -6.30 -10.93 8.01
C HIS D 139 -7.06 -9.61 8.14
N THR D 140 -7.61 -9.11 7.03
CA THR D 140 -8.33 -7.84 7.02
C THR D 140 -9.84 -8.02 7.08
N ALA D 141 -10.41 -7.76 8.24
CA ALA D 141 -11.85 -7.88 8.42
C ALA D 141 -12.60 -7.04 7.40
N GLY D 142 -13.64 -7.63 6.80
CA GLY D 142 -14.44 -6.91 5.82
C GLY D 142 -14.30 -7.37 4.38
N LEU D 143 -13.34 -8.26 4.12
CA LEU D 143 -13.11 -8.76 2.76
C LEU D 143 -13.37 -10.25 2.64
N LYS D 144 -14.20 -10.65 1.69
CA LYS D 144 -14.44 -12.06 1.45
C LYS D 144 -13.30 -12.42 0.49
N VAL D 145 -12.75 -13.62 0.64
CA VAL D 145 -11.65 -14.05 -0.21
C VAL D 145 -11.95 -15.43 -0.82
N VAL D 146 -11.82 -15.52 -2.14
CA VAL D 146 -12.08 -16.76 -2.86
C VAL D 146 -10.93 -17.12 -3.80
N ALA D 147 -10.57 -18.40 -3.83
CA ALA D 147 -9.50 -18.88 -4.71
C ALA D 147 -10.03 -20.12 -5.43
N VAL D 148 -10.19 -20.02 -6.74
CA VAL D 148 -10.73 -21.11 -7.55
C VAL D 148 -9.64 -22.01 -8.13
N SER D 149 -10.02 -23.23 -8.50
CA SER D 149 -9.05 -24.17 -9.07
C SER D 149 -9.58 -24.99 -10.25
N THR D 150 -10.86 -24.83 -10.57
CA THR D 150 -11.43 -25.55 -11.71
C THR D 150 -12.28 -24.61 -12.54
N PRO D 151 -12.45 -24.92 -13.84
CA PRO D 151 -13.26 -24.07 -14.71
C PRO D 151 -14.69 -23.97 -14.21
N TYR D 152 -15.22 -25.09 -13.71
CA TYR D 152 -16.59 -25.13 -13.20
C TYR D 152 -16.77 -24.16 -12.03
N ASP D 153 -15.82 -24.18 -11.10
CA ASP D 153 -15.88 -23.30 -9.94
C ASP D 153 -15.65 -21.86 -10.37
N ALA D 154 -14.70 -21.66 -11.27
CA ALA D 154 -14.38 -20.34 -11.76
C ALA D 154 -15.65 -19.61 -12.18
N LYS D 155 -16.44 -20.23 -13.06
CA LYS D 155 -17.67 -19.60 -13.51
C LYS D 155 -18.70 -19.47 -12.39
N GLY D 156 -18.95 -20.56 -11.69
CA GLY D 156 -19.93 -20.55 -10.63
C GLY D 156 -19.66 -19.54 -9.52
N LEU D 157 -18.42 -19.48 -9.07
CA LEU D 157 -18.06 -18.56 -7.99
C LEU D 157 -17.87 -17.11 -8.43
N LEU D 158 -17.36 -16.87 -9.63
CA LEU D 158 -17.21 -15.49 -10.06
C LEU D 158 -18.61 -14.88 -10.17
N LYS D 159 -19.55 -15.65 -10.70
CA LYS D 159 -20.91 -15.16 -10.83
C LYS D 159 -21.48 -14.88 -9.45
N ALA D 160 -21.17 -15.76 -8.49
CA ALA D 160 -21.63 -15.59 -7.12
C ALA D 160 -21.04 -14.32 -6.51
N ALA D 161 -19.78 -14.05 -6.78
CA ALA D 161 -19.12 -12.87 -6.24
C ALA D 161 -19.79 -11.60 -6.75
N ILE D 162 -20.08 -11.56 -8.05
CA ILE D 162 -20.71 -10.41 -8.66
C ILE D 162 -22.09 -10.12 -8.08
N ARG D 163 -22.76 -11.16 -7.58
CA ARG D 163 -24.09 -10.97 -6.99
C ARG D 163 -23.99 -10.66 -5.51
N ASP D 164 -22.88 -11.04 -4.90
CA ASP D 164 -22.67 -10.80 -3.48
C ASP D 164 -22.48 -9.30 -3.26
N GLU D 165 -23.06 -8.78 -2.18
CA GLU D 165 -22.96 -7.36 -1.87
C GLU D 165 -21.69 -7.04 -1.13
N ASP D 166 -21.11 -8.04 -0.46
CA ASP D 166 -19.87 -7.83 0.29
C ASP D 166 -18.71 -7.84 -0.71
N PRO D 167 -17.66 -7.06 -0.43
CA PRO D 167 -16.48 -6.98 -1.32
C PRO D 167 -15.83 -8.36 -1.40
N VAL D 168 -15.49 -8.80 -2.60
CA VAL D 168 -14.85 -10.08 -2.78
C VAL D 168 -13.52 -9.99 -3.53
N VAL D 169 -12.47 -10.52 -2.91
CA VAL D 169 -11.17 -10.55 -3.56
C VAL D 169 -11.15 -11.93 -4.20
N PHE D 170 -11.09 -11.95 -5.53
CA PHE D 170 -11.14 -13.18 -6.31
C PHE D 170 -9.78 -13.56 -6.91
N LEU D 171 -9.18 -14.64 -6.41
CA LEU D 171 -7.87 -15.06 -6.91
C LEU D 171 -7.96 -16.19 -7.93
N GLU D 172 -7.27 -15.99 -9.04
CA GLU D 172 -7.23 -16.93 -10.14
C GLU D 172 -5.82 -17.43 -10.38
N PRO D 173 -5.51 -18.67 -9.96
CA PRO D 173 -4.17 -19.24 -10.14
C PRO D 173 -3.83 -19.23 -11.63
N LYS D 174 -2.86 -18.43 -12.03
CA LYS D 174 -2.52 -18.32 -13.45
C LYS D 174 -2.07 -19.63 -14.11
N ARG D 175 -1.40 -20.50 -13.35
CA ARG D 175 -0.94 -21.77 -13.90
C ARG D 175 -2.12 -22.63 -14.34
N LEU D 176 -3.31 -22.33 -13.81
CA LEU D 176 -4.52 -23.09 -14.13
C LEU D 176 -5.41 -22.44 -15.19
N TYR D 177 -5.00 -21.29 -15.72
CA TYR D 177 -5.81 -20.61 -16.72
C TYR D 177 -6.23 -21.45 -17.92
N ARG D 178 -5.30 -22.28 -18.41
CA ARG D 178 -5.58 -23.13 -19.56
C ARG D 178 -5.02 -24.54 -19.38
N SER D 179 -4.72 -24.91 -18.14
CA SER D 179 -4.16 -26.22 -17.85
C SER D 179 -5.14 -27.39 -18.01
N VAL D 180 -6.43 -27.08 -18.19
CA VAL D 180 -7.40 -28.15 -18.35
C VAL D 180 -8.75 -27.68 -18.88
N LYS D 181 -9.31 -28.47 -19.80
CA LYS D 181 -10.59 -28.16 -20.39
C LYS D 181 -11.62 -29.07 -19.74
N GLU D 182 -12.43 -28.50 -18.85
CA GLU D 182 -13.46 -29.25 -18.13
C GLU D 182 -14.87 -28.85 -18.58
N GLU D 183 -15.85 -29.68 -18.26
CA GLU D 183 -17.25 -29.43 -18.60
C GLU D 183 -17.81 -28.29 -17.77
N VAL D 184 -18.35 -27.27 -18.44
CA VAL D 184 -18.93 -26.13 -17.76
C VAL D 184 -20.26 -25.79 -18.42
N PRO D 185 -21.38 -26.04 -17.72
CA PRO D 185 -22.72 -25.75 -18.25
C PRO D 185 -22.83 -24.32 -18.77
N GLU D 186 -23.46 -24.17 -19.93
CA GLU D 186 -23.64 -22.86 -20.54
C GLU D 186 -24.79 -22.18 -19.81
N GLU D 187 -25.62 -23.00 -19.15
CA GLU D 187 -26.77 -22.50 -18.41
C GLU D 187 -26.35 -21.73 -17.15
N ASP D 188 -27.22 -20.83 -16.70
CA ASP D 188 -26.94 -20.01 -15.53
C ASP D 188 -26.93 -20.81 -14.23
N TYR D 189 -25.80 -20.80 -13.55
CA TYR D 189 -25.67 -21.49 -12.27
C TYR D 189 -24.64 -20.76 -11.44
N THR D 190 -24.73 -20.88 -10.13
CA THR D 190 -23.78 -20.25 -9.23
C THR D 190 -23.34 -21.29 -8.21
N LEU D 191 -22.29 -20.98 -7.47
CA LEU D 191 -21.79 -21.87 -6.44
C LEU D 191 -21.75 -21.03 -5.17
N PRO D 192 -21.94 -21.67 -4.00
CA PRO D 192 -21.93 -20.95 -2.73
C PRO D 192 -20.57 -20.50 -2.21
N ILE D 193 -20.48 -19.21 -1.92
CA ILE D 193 -19.27 -18.64 -1.35
C ILE D 193 -19.26 -19.02 0.12
N GLY D 194 -18.14 -19.54 0.59
CA GLY D 194 -18.04 -19.95 1.99
C GLY D 194 -18.14 -21.46 2.14
N LYS D 195 -18.20 -22.17 1.02
CA LYS D 195 -18.33 -23.63 1.04
C LYS D 195 -17.20 -24.37 0.32
N ALA D 196 -16.61 -25.34 1.00
CA ALA D 196 -15.54 -26.13 0.41
C ALA D 196 -16.09 -27.17 -0.57
N ALA D 197 -15.22 -27.74 -1.40
CA ALA D 197 -15.65 -28.76 -2.34
C ALA D 197 -14.87 -30.03 -2.07
N LEU D 198 -15.59 -31.14 -1.94
CA LEU D 198 -14.98 -32.44 -1.68
C LEU D 198 -14.52 -32.97 -3.04
N ARG D 199 -13.22 -32.87 -3.32
CA ARG D 199 -12.69 -33.33 -4.61
C ARG D 199 -12.53 -34.82 -4.66
N ARG D 200 -12.27 -35.42 -3.50
CA ARG D 200 -12.09 -36.86 -3.41
C ARG D 200 -12.34 -37.27 -1.99
N GLU D 201 -13.14 -38.33 -1.82
CA GLU D 201 -13.43 -38.82 -0.48
C GLU D 201 -12.39 -39.84 -0.05
N GLY D 202 -12.09 -39.84 1.25
CA GLY D 202 -11.10 -40.76 1.79
C GLY D 202 -11.30 -40.88 3.29
N LYS D 203 -10.64 -41.84 3.92
CA LYS D 203 -10.82 -42.04 5.35
C LYS D 203 -9.53 -42.12 6.17
N ASP D 204 -8.39 -42.18 5.50
CA ASP D 204 -7.12 -42.30 6.23
C ASP D 204 -6.38 -40.98 6.42
N LEU D 205 -6.67 -40.00 5.58
CA LEU D 205 -5.97 -38.73 5.67
C LEU D 205 -6.79 -37.60 5.05
N THR D 206 -6.70 -36.42 5.65
CA THR D 206 -7.40 -35.25 5.12
C THR D 206 -6.36 -34.31 4.54
N LEU D 207 -6.57 -33.92 3.28
CA LEU D 207 -5.68 -32.99 2.61
C LEU D 207 -6.41 -31.68 2.38
N ILE D 208 -6.12 -30.69 3.22
CA ILE D 208 -6.76 -29.39 3.10
C ILE D 208 -5.95 -28.52 2.15
N CYS D 209 -6.60 -27.99 1.13
CA CYS D 209 -5.92 -27.19 0.11
C CYS D 209 -6.87 -26.29 -0.66
N TYR D 210 -6.32 -25.61 -1.66
CA TYR D 210 -7.09 -24.72 -2.53
C TYR D 210 -6.17 -24.13 -3.58
N GLY D 211 -6.79 -23.53 -4.60
CA GLY D 211 -6.05 -22.87 -5.67
C GLY D 211 -4.83 -23.51 -6.30
N THR D 212 -3.75 -22.72 -6.35
CA THR D 212 -2.49 -23.09 -6.97
C THR D 212 -1.95 -24.50 -6.82
N VAL D 213 -2.00 -25.04 -5.61
CA VAL D 213 -1.45 -26.37 -5.34
C VAL D 213 -2.31 -27.59 -5.66
N MET D 214 -3.56 -27.39 -6.07
CA MET D 214 -4.44 -28.51 -6.35
C MET D 214 -3.83 -29.62 -7.20
N PRO D 215 -3.19 -29.27 -8.33
CA PRO D 215 -2.59 -30.32 -9.17
C PRO D 215 -1.70 -31.30 -8.39
N GLU D 216 -0.75 -30.77 -7.61
CA GLU D 216 0.16 -31.63 -6.86
C GLU D 216 -0.53 -32.39 -5.72
N VAL D 217 -1.52 -31.77 -5.10
CA VAL D 217 -2.24 -32.42 -4.00
C VAL D 217 -3.06 -33.60 -4.53
N LEU D 218 -3.76 -33.40 -5.64
CA LEU D 218 -4.56 -34.45 -6.23
C LEU D 218 -3.70 -35.63 -6.67
N GLN D 219 -2.57 -35.35 -7.31
CA GLN D 219 -1.69 -36.41 -7.75
C GLN D 219 -1.12 -37.12 -6.53
N ALA D 220 -0.92 -36.36 -5.44
CA ALA D 220 -0.41 -36.95 -4.21
C ALA D 220 -1.42 -37.97 -3.70
N ALA D 221 -2.69 -37.59 -3.71
CA ALA D 221 -3.76 -38.48 -3.27
C ALA D 221 -3.78 -39.72 -4.17
N ALA D 222 -3.47 -39.54 -5.44
CA ALA D 222 -3.44 -40.64 -6.39
C ALA D 222 -2.28 -41.58 -6.04
N GLU D 223 -1.14 -41.02 -5.67
CA GLU D 223 0.02 -41.83 -5.31
C GLU D 223 -0.30 -42.64 -4.06
N LEU D 224 -0.94 -41.98 -3.09
CA LEU D 224 -1.31 -42.64 -1.85
C LEU D 224 -2.26 -43.80 -2.11
N ALA D 225 -3.15 -43.61 -3.08
CA ALA D 225 -4.12 -44.66 -3.42
C ALA D 225 -3.39 -45.91 -3.89
N LYS D 226 -2.33 -45.75 -4.67
CA LYS D 226 -1.57 -46.90 -5.16
C LYS D 226 -1.02 -47.72 -3.99
N ALA D 227 -0.88 -47.08 -2.84
CA ALA D 227 -0.36 -47.76 -1.66
C ALA D 227 -1.48 -48.17 -0.70
N GLY D 228 -2.73 -48.03 -1.15
CA GLY D 228 -3.85 -48.42 -0.31
C GLY D 228 -4.32 -47.37 0.69
N VAL D 229 -3.73 -46.17 0.66
CA VAL D 229 -4.13 -45.11 1.57
C VAL D 229 -5.17 -44.23 0.88
N SER D 230 -6.33 -44.06 1.51
CA SER D 230 -7.38 -43.22 0.92
C SER D 230 -7.34 -41.82 1.51
N ALA D 231 -6.86 -40.87 0.72
CA ALA D 231 -6.78 -39.49 1.17
C ALA D 231 -8.04 -38.74 0.76
N GLU D 232 -8.54 -37.90 1.66
CA GLU D 232 -9.72 -37.10 1.37
C GLU D 232 -9.18 -35.74 0.97
N VAL D 233 -9.52 -35.29 -0.24
CA VAL D 233 -9.05 -34.00 -0.72
C VAL D 233 -10.14 -32.96 -0.60
N LEU D 234 -9.89 -31.93 0.20
CA LEU D 234 -10.87 -30.89 0.41
C LEU D 234 -10.41 -29.53 -0.11
N ASP D 235 -10.98 -29.11 -1.23
CA ASP D 235 -10.67 -27.82 -1.83
C ASP D 235 -11.55 -26.79 -1.12
N LEU D 236 -10.93 -25.94 -0.30
CA LEU D 236 -11.68 -24.94 0.46
C LEU D 236 -12.42 -23.92 -0.40
N ARG D 237 -11.80 -23.50 -1.50
CA ARG D 237 -12.38 -22.51 -2.42
C ARG D 237 -12.49 -21.13 -1.77
N THR D 238 -13.37 -20.97 -0.79
CA THR D 238 -13.51 -19.70 -0.10
C THR D 238 -12.60 -19.69 1.13
N LEU D 239 -11.71 -18.71 1.22
CA LEU D 239 -10.80 -18.63 2.36
C LEU D 239 -11.38 -17.77 3.48
N MET D 240 -12.35 -16.92 3.14
CA MET D 240 -12.99 -16.05 4.11
C MET D 240 -14.38 -15.66 3.62
N PRO D 241 -15.43 -16.16 4.27
CA PRO D 241 -15.35 -17.06 5.43
C PRO D 241 -15.15 -18.50 4.96
N TRP D 242 -14.18 -19.21 5.54
CA TRP D 242 -13.92 -20.59 5.14
C TRP D 242 -14.87 -21.59 5.78
N ASP D 243 -15.04 -22.73 5.09
CA ASP D 243 -15.94 -23.81 5.51
C ASP D 243 -15.50 -24.55 6.78
N TYR D 244 -15.78 -23.96 7.94
CA TYR D 244 -15.42 -24.55 9.21
C TYR D 244 -15.93 -26.00 9.35
N GLU D 245 -17.22 -26.19 9.06
CA GLU D 245 -17.83 -27.51 9.17
C GLU D 245 -17.16 -28.58 8.31
N ALA D 246 -16.96 -28.26 7.03
CA ALA D 246 -16.34 -29.21 6.12
C ALA D 246 -14.98 -29.66 6.63
N VAL D 247 -14.19 -28.70 7.06
CA VAL D 247 -12.86 -29.00 7.58
C VAL D 247 -12.91 -29.89 8.81
N MET D 248 -13.70 -29.49 9.81
CA MET D 248 -13.79 -30.26 11.04
C MET D 248 -14.42 -31.64 10.83
N ASN D 249 -15.38 -31.75 9.92
CA ASN D 249 -16.00 -33.05 9.66
C ASN D 249 -14.96 -34.02 9.10
N SER D 250 -14.21 -33.56 8.11
CA SER D 250 -13.19 -34.39 7.49
C SER D 250 -12.12 -34.80 8.49
N VAL D 251 -11.60 -33.82 9.23
CA VAL D 251 -10.56 -34.10 10.21
C VAL D 251 -11.02 -35.05 11.32
N ALA D 252 -12.23 -34.85 11.84
CA ALA D 252 -12.73 -35.72 12.89
C ALA D 252 -12.75 -37.15 12.39
N LYS D 253 -13.15 -37.33 11.13
CA LYS D 253 -13.23 -38.64 10.52
C LYS D 253 -11.87 -39.33 10.36
N THR D 254 -10.95 -38.66 9.67
CA THR D 254 -9.62 -39.21 9.40
C THR D 254 -8.64 -39.17 10.57
N GLY D 255 -8.75 -38.16 11.41
CA GLY D 255 -7.85 -38.05 12.54
C GLY D 255 -6.49 -37.51 12.15
N ARG D 256 -6.22 -37.39 10.85
CA ARG D 256 -4.93 -36.85 10.40
C ARG D 256 -5.09 -35.87 9.24
N VAL D 257 -4.37 -34.75 9.30
CA VAL D 257 -4.48 -33.72 8.29
C VAL D 257 -3.18 -33.02 7.88
N VAL D 258 -3.05 -32.78 6.58
CA VAL D 258 -1.92 -32.06 6.01
C VAL D 258 -2.57 -30.91 5.24
N LEU D 259 -2.12 -29.69 5.51
CA LEU D 259 -2.66 -28.50 4.84
C LEU D 259 -1.63 -28.02 3.82
N VAL D 260 -2.06 -27.79 2.59
CA VAL D 260 -1.15 -27.37 1.52
C VAL D 260 -1.51 -26.05 0.84
N SER D 261 -0.49 -25.27 0.51
CA SER D 261 -0.65 -23.98 -0.14
C SER D 261 0.72 -23.50 -0.60
N ASP D 262 0.77 -22.60 -1.58
CA ASP D 262 2.05 -22.10 -2.05
C ASP D 262 2.39 -20.73 -1.46
N ALA D 263 1.53 -20.26 -0.56
CA ALA D 263 1.77 -18.97 0.10
C ALA D 263 2.83 -19.20 1.19
N PRO D 264 3.63 -18.18 1.50
CA PRO D 264 4.68 -18.30 2.51
C PRO D 264 4.10 -18.83 3.81
N ARG D 265 4.86 -19.66 4.52
CA ARG D 265 4.42 -20.28 5.76
C ARG D 265 3.94 -19.34 6.89
N HIS D 266 4.83 -18.46 7.34
CA HIS D 266 4.50 -17.58 8.47
C HIS D 266 3.27 -16.70 8.37
N ALA D 267 2.37 -16.88 9.35
CA ALA D 267 1.13 -16.13 9.44
C ALA D 267 0.28 -16.30 8.19
N SER D 268 0.34 -17.48 7.58
CA SER D 268 -0.41 -17.73 6.37
C SER D 268 -1.83 -18.21 6.71
N PHE D 269 -2.67 -18.28 5.68
CA PHE D 269 -4.04 -18.74 5.88
C PHE D 269 -4.08 -20.18 6.38
N VAL D 270 -3.27 -21.08 5.82
CA VAL D 270 -3.30 -22.46 6.29
C VAL D 270 -2.84 -22.54 7.74
N SER D 271 -2.03 -21.57 8.17
CA SER D 271 -1.59 -21.57 9.56
C SER D 271 -2.82 -21.33 10.43
N GLU D 272 -3.71 -20.48 9.93
CA GLU D 272 -4.94 -20.15 10.65
C GLU D 272 -5.82 -21.39 10.81
N VAL D 273 -6.00 -22.11 9.71
CA VAL D 273 -6.82 -23.31 9.74
C VAL D 273 -6.19 -24.33 10.68
N ALA D 274 -4.88 -24.50 10.57
CA ALA D 274 -4.14 -25.45 11.39
C ALA D 274 -4.30 -25.15 12.87
N ALA D 275 -4.14 -23.88 13.24
CA ALA D 275 -4.25 -23.46 14.63
C ALA D 275 -5.67 -23.68 15.13
N THR D 276 -6.63 -23.51 14.23
CA THR D 276 -8.03 -23.68 14.60
C THR D 276 -8.39 -25.15 14.78
N ILE D 277 -7.79 -26.01 13.98
CA ILE D 277 -8.05 -27.44 14.10
C ILE D 277 -7.51 -27.91 15.44
N ALA D 278 -6.32 -27.43 15.80
CA ALA D 278 -5.67 -27.81 17.05
C ALA D 278 -6.43 -27.32 18.27
N GLU D 279 -6.96 -26.09 18.17
CA GLU D 279 -7.69 -25.51 19.28
C GLU D 279 -9.06 -26.13 19.51
N ASP D 280 -9.72 -26.54 18.43
CA ASP D 280 -11.05 -27.11 18.52
C ASP D 280 -11.17 -28.64 18.46
N LEU D 281 -10.24 -29.31 17.78
CA LEU D 281 -10.31 -30.77 17.67
C LEU D 281 -9.10 -31.52 18.19
N LEU D 282 -8.39 -30.97 19.17
CA LEU D 282 -7.22 -31.66 19.71
C LEU D 282 -7.56 -33.13 20.01
N ASP D 283 -8.74 -33.35 20.58
CA ASP D 283 -9.20 -34.68 20.95
C ASP D 283 -9.44 -35.62 19.77
N MET D 284 -9.53 -35.09 18.56
CA MET D 284 -9.78 -35.92 17.39
C MET D 284 -8.51 -36.19 16.59
N LEU D 285 -7.42 -35.53 16.98
CA LEU D 285 -6.16 -35.66 16.27
C LEU D 285 -5.36 -36.91 16.64
N LEU D 286 -4.98 -37.67 15.63
CA LEU D 286 -4.19 -38.88 15.82
C LEU D 286 -2.75 -38.57 15.44
N ALA D 287 -2.56 -37.41 14.82
CA ALA D 287 -1.25 -36.94 14.39
C ALA D 287 -1.26 -35.42 14.36
N PRO D 288 -0.08 -34.78 14.41
CA PRO D 288 0.00 -33.33 14.39
C PRO D 288 -0.44 -32.74 13.05
N PRO D 289 -1.12 -31.59 13.07
CA PRO D 289 -1.54 -30.99 11.80
C PRO D 289 -0.27 -30.55 11.10
N ILE D 290 -0.01 -31.07 9.90
CA ILE D 290 1.20 -30.72 9.17
C ILE D 290 0.96 -29.76 8.03
N ARG D 291 1.79 -28.73 7.96
CA ARG D 291 1.66 -27.72 6.92
C ARG D 291 2.73 -27.79 5.85
N VAL D 292 2.28 -27.88 4.59
CA VAL D 292 3.17 -27.88 3.44
C VAL D 292 2.84 -26.55 2.75
N THR D 293 3.78 -25.62 2.77
CA THR D 293 3.51 -24.30 2.19
C THR D 293 4.72 -23.77 1.43
N GLY D 294 4.60 -22.55 0.92
CA GLY D 294 5.73 -21.94 0.25
C GLY D 294 6.72 -21.65 1.36
N PHE D 295 7.99 -21.54 1.03
CA PHE D 295 8.98 -21.26 2.06
C PHE D 295 8.87 -19.80 2.47
N ASP D 296 9.50 -19.43 3.59
CA ASP D 296 9.44 -18.06 4.05
C ASP D 296 10.53 -17.23 3.40
N THR D 297 10.46 -17.16 2.07
CA THR D 297 11.42 -16.39 1.30
C THR D 297 10.62 -15.74 0.18
N PRO D 298 11.19 -14.72 -0.49
CA PRO D 298 10.43 -14.10 -1.58
C PRO D 298 10.31 -15.19 -2.63
N TYR D 299 9.37 -15.07 -3.57
CA TYR D 299 9.22 -16.10 -4.58
C TYR D 299 10.42 -16.08 -5.52
N PRO D 300 11.20 -17.18 -5.56
CA PRO D 300 12.40 -17.33 -6.38
C PRO D 300 12.11 -17.73 -7.82
N TYR D 301 12.88 -17.20 -8.76
CA TYR D 301 12.71 -17.53 -10.16
C TYR D 301 13.43 -18.83 -10.50
N ALA D 302 14.73 -18.88 -10.22
CA ALA D 302 15.53 -20.07 -10.51
C ALA D 302 15.00 -21.35 -9.88
N GLN D 303 14.67 -21.29 -8.59
CA GLN D 303 14.17 -22.47 -7.88
C GLN D 303 12.64 -22.50 -7.84
N ASP D 304 12.02 -21.88 -8.84
CA ASP D 304 10.56 -21.82 -8.94
C ASP D 304 9.94 -23.21 -8.78
N LYS D 305 10.54 -24.19 -9.47
CA LYS D 305 10.10 -25.58 -9.45
C LYS D 305 10.07 -26.20 -8.07
N LEU D 306 10.96 -25.76 -7.20
CA LEU D 306 11.06 -26.30 -5.85
C LEU D 306 10.28 -25.52 -4.81
N TYR D 307 10.12 -24.21 -5.02
CA TYR D 307 9.38 -23.41 -4.07
C TYR D 307 7.95 -23.91 -3.98
N LEU D 308 7.29 -24.03 -5.12
CA LEU D 308 5.92 -24.53 -5.19
C LEU D 308 5.99 -25.97 -4.68
N PRO D 309 5.15 -26.33 -3.68
CA PRO D 309 5.16 -27.69 -3.15
C PRO D 309 5.09 -28.76 -4.24
N THR D 310 6.02 -29.71 -4.19
CA THR D 310 6.04 -30.79 -5.16
C THR D 310 5.21 -31.95 -4.65
N VAL D 311 4.88 -32.89 -5.53
CA VAL D 311 4.11 -34.05 -5.13
C VAL D 311 4.89 -34.76 -4.03
N THR D 312 6.19 -34.90 -4.22
CA THR D 312 7.06 -35.55 -3.24
C THR D 312 7.00 -34.89 -1.87
N ARG D 313 7.06 -33.56 -1.84
CA ARG D 313 7.02 -32.83 -0.57
C ARG D 313 5.72 -33.09 0.17
N ILE D 314 4.62 -33.12 -0.59
CA ILE D 314 3.32 -33.36 0.01
C ILE D 314 3.23 -34.80 0.53
N LEU D 315 3.83 -35.74 -0.20
CA LEU D 315 3.81 -37.13 0.21
C LEU D 315 4.67 -37.34 1.47
N ASN D 316 5.79 -36.65 1.56
CA ASN D 316 6.64 -36.79 2.75
C ASN D 316 5.87 -36.34 3.98
N ALA D 317 5.00 -35.34 3.82
CA ALA D 317 4.21 -34.85 4.94
C ALA D 317 3.08 -35.84 5.24
N ALA D 318 2.46 -36.38 4.20
CA ALA D 318 1.39 -37.35 4.39
C ALA D 318 1.95 -38.57 5.14
N LYS D 319 3.11 -39.04 4.69
CA LYS D 319 3.77 -40.20 5.29
C LYS D 319 4.05 -39.92 6.76
N ARG D 320 4.52 -38.71 7.04
CA ARG D 320 4.83 -38.32 8.40
C ARG D 320 3.58 -38.32 9.27
N ALA D 321 2.45 -37.91 8.71
CA ALA D 321 1.19 -37.88 9.43
C ALA D 321 0.63 -39.30 9.60
N LEU D 322 0.81 -40.13 8.59
CA LEU D 322 0.31 -41.51 8.61
C LEU D 322 1.11 -42.39 9.57
N ASP D 323 2.43 -42.23 9.59
CA ASP D 323 3.28 -43.04 10.46
C ASP D 323 3.28 -42.57 11.90
N TYR D 324 2.70 -41.41 12.17
CA TYR D 324 2.69 -40.88 13.52
C TYR D 324 1.89 -41.76 14.46
S SO4 E . 7.22 0.80 -21.24
O1 SO4 E . 8.56 1.23 -21.65
O2 SO4 E . 7.21 -0.66 -21.05
O3 SO4 E . 6.24 1.18 -22.27
O4 SO4 E . 6.83 1.44 -19.96
S SO4 F . -5.26 19.80 7.78
O1 SO4 F . -6.61 20.38 7.79
O2 SO4 F . -5.01 19.12 9.07
O3 SO4 F . -4.27 20.86 7.58
O4 SO4 F . -5.14 18.81 6.70
#